data_6CG0
#
_entry.id   6CG0
#
_cell.length_a   1.0
_cell.length_b   1.0
_cell.length_c   1.0
_cell.angle_alpha   90.00
_cell.angle_beta   90.00
_cell.angle_gamma   90.00
#
_symmetry.space_group_name_H-M   'P 1'
#
loop_
_entity.id
_entity.type
_entity.pdbx_description
1 polymer 'V(D)J recombination-activating protein 1'
2 polymer 'V(D)J recombination-activating protein 2'
3 polymer 'DNA (46-MER)'
4 polymer "DNA (5'-D(*GP*AP*TP*CP*TP*GP*GP*CP*CP*TP*GP*TP*CP*TP*TP*A)-3')"
5 polymer "DNA (5'-D(P*CP*TP*GP*GP*AP*TP*CP*TP*GP*GP*CP*CP*TP*GP*TP*CP*TP*TP*A)-3')"
6 polymer 'DNA (60-MER)'
7 polymer 'DNA (30-MER)'
8 polymer 'DNA (41-MER)'
9 polymer 'High mobility group protein B1'
10 non-polymer 'ZINC ION'
11 non-polymer 'CALCIUM ION'
#
loop_
_entity_poly.entity_id
_entity_poly.type
_entity_poly.pdbx_seq_one_letter_code
_entity_poly.pdbx_strand_id
1 'polypeptide(L)'
;NCSKIHLSTKLLAVDFPAHFVKSISCQICEHILADPVETSCKHLFCRICILRCLKVMGSYCPSCRYPCFPTDLESPVKSF
LNILNSLMVKCPAQDCNEEVSLEKYNHHVSSHKESKETLVHINKGGRPRQHLLSLTRRAQKHRLRELKIQVKEFADKEEG
GDVKAVCLTLFLLALRARNEHRQADELEAIMQGRGSGLQPAVCLAIRVNTFLSCSQYHKMYRTVKAITGRQIFQPLHALR
NAEKVLLPGYHPFEWQPPLKNVSSRTDVGIIDGLSGLASSVDEYPVDTIAKRFRYDSALVSALMDMEEDILEGMRSQDLD
DYLNGPFTVVVKESCDGMGDVSEKHGSGPAVPEKAVRFSFTVMRITIEHGSQNVKVFEEPKPNSELCCKPLCLMLADESD
HETLTAILSPLIAEREAMKSSELTLEMGGIPRTFKFIFRGTGYDEKLVREVEGLEASGSVYICTLCDTTRLEASQNLVFH
SITRSHAENLQRYEVWRSNPYHESVEELRDRVKGVSAKPFIETVPSIDALHCDIGNAAEFYKIFQLEIGEVYKHPNASKE
ERKRWQATLDKHLRKRMNLKPIMRMNGNFARKLMTQETVDAVCELIPSEERHEALRELMDLYLKMKPVWRSSCPAKECPE
SLCQYSFNSQRFAELLSTKFKYRYEGKITNYFHKTLAHVPEIIERDGSIGAWASEGNQSGNKLFRRFRKMNARQSKCYEM
EDVLKHHWLYTSKYLQKFMNAHNALKSSGFTMNSKETLGDPLGIEDSLESQDSME
;
A,C
2 'polypeptide(L)'
;MSLQMVTVGHNIALIQPGFSLMNFDGQVFFFGQKGWPKRSCPTGVFHFDIKQNHLKLKPAIFSKDSCYLPPLRYPATCSY
KGSIDSDKHQYIIHGGKTPNNELSDKIYIMSVACKNNKKVTFRCTEKDLVGDVPEPRYGHSIDVVYSRGKSMGVLFGGRS
YMPSTQRTTEKWNSVADCLPHVFLIDFEFGCATSYILPELQDGLSFHVSIARNDTVYILGGHSLASNIRPANLYRIRVDL
PLGTPAVNCTVLPGGISVSSAILTQTNNDEFVIVGGYQLENQKRMVCSLVSLGDNTIEISEMETPDWTSDIKHSKIWFGS
NMGNGTIFLGIPGDNKQAMSEAFYFYTLRCSEEDLSEDQKIVSNSQTSTEDPGDSTPFEDSEEFCFSAEATSFDGDDEFD
TYNEDDEDDESVTGYWITCCPTCDVDINTWVPFYSTELNKPAMIYCSHGDGHWVHAQCMDLEERTLIHLSEGSNKYYCNE
HVQIARALQAPKRNPPLQKPPMKSLHKKGSGKVLTPAKKS
;
D,B
3 'polydeoxyribonucleotide'
;(DC)(DG)(DG)(DG)(DT)(DT)(DT)(DT)(DT)(DG)(DT)(DT)(DA)(DA)(DG)(DG)(DG)(DC)(DT)(DG)
(DT)(DA)(DT)(DC)(DA)(DC)(DT)(DG)(DT)(DG)(DT)(DA)(DA)(DG)(DA)(DC)(DA)(DG)(DG)(DC)
(DC)(DA)(DG)(DA)(DT)(DC)
;
F
4 'polydeoxyribonucleotide' (DG)(DA)(DT)(DC)(DT)(DG)(DG)(DC)(DC)(DT)(DG)(DT)(DC)(DT)(DT)(DA) I
5 'polydeoxyribonucleotide' (DC)(DT)(DG)(DG)(DA)(DT)(DC)(DT)(DG)(DG)(DC)(DC)(DT)(DG)(DT)(DC)(DT)(DT)(DA) J
6 'polydeoxyribonucleotide'
;(DC)(DG)(DG)(DG)(DT)(DT)(DT)(DT)(DT)(DG)(DT)(DC)(DT)(DG)(DG)(DC)(DT)(DT)(DC)(DA)
(DC)(DA)(DC)(DT)(DT)(DG)(DA)(DT)(DT)(DT)(DG)(DC)(DA)(DT)(DC)(DA)(DC)(DT)(DG)(DT)
(DG)(DT)(DA)(DA)(DG)(DA)(DC)(DA)(DG)(DG)(DC)(DC)(DA)(DG)(DA)(DT)(DC)(DC)(DA)(DG)
;
G
7 'polydeoxyribonucleotide'
;(DC)(DA)(DC)(DA)(DG)(DT)(DG)(DA)(DT)(DA)(DC)(DA)(DG)(DC)(DC)(DC)(DT)(DT)(DA)(DA)
(DC)(DA)(DA)(DA)(DA)(DA)(DC)(DC)(DC)(DG)
;
L
8 'polydeoxyribonucleotide'
;(DC)(DA)(DC)(DA)(DG)(DT)(DG)(DA)(DT)(DG)(DC)(DA)(DA)(DA)(DT)(DC)(DA)(DA)(DG)(DT)
(DG)(DT)(DG)(DA)(DA)(DG)(DC)(DC)(DA)(DG)(DA)(DC)(DA)(DA)(DA)(DA)(DA)(DC)(DC)(DC)
(DG)
;
M
9 'polypeptide(L)'
;SYAFFVQTCREEHKKKHPDASVNFSEFSKKCSERWKTMSAKEKGKFEDMAKADKARYEREMKTYIPPKGETKKKFKDPNA
PKRPPSAFFLFCSEYRPKIKGEHPGLSIGDVAKKLGEMWNNTAADD
;
N
#
loop_
_chem_comp.id
_chem_comp.type
_chem_comp.name
_chem_comp.formula
CA non-polymer 'CALCIUM ION' 'Ca 2'
DA DNA linking 2'-DEOXYADENOSINE-5'-MONOPHOSPHATE 'C10 H14 N5 O6 P'
DC DNA linking 2'-DEOXYCYTIDINE-5'-MONOPHOSPHATE 'C9 H14 N3 O7 P'
DG DNA linking 2'-DEOXYGUANOSINE-5'-MONOPHOSPHATE 'C10 H14 N5 O7 P'
DT DNA linking THYMIDINE-5'-MONOPHOSPHATE 'C10 H15 N2 O8 P'
ZN non-polymer 'ZINC ION' 'Zn 2'
#
# COMPACT_ATOMS: atom_id res chain seq x y z
N HIS A 131 38.23 41.48 -21.51
CA HIS A 131 38.66 42.24 -20.34
C HIS A 131 40.05 41.82 -19.90
N LEU A 132 40.29 41.78 -18.59
CA LEU A 132 41.57 41.38 -18.05
C LEU A 132 41.55 39.90 -17.69
N LEU A 133 42.73 39.29 -17.73
CA LEU A 133 42.96 37.88 -17.37
C LEU A 133 42.16 36.91 -18.23
N SER A 134 41.53 37.38 -19.30
CA SER A 134 40.78 36.53 -20.21
C SER A 134 41.56 36.26 -21.50
N LEU A 135 42.84 36.60 -21.52
CA LEU A 135 43.69 36.40 -22.69
C LEU A 135 44.39 35.05 -22.62
N THR A 136 44.83 34.57 -23.78
CA THR A 136 45.57 33.32 -23.86
C THR A 136 47.04 33.56 -23.49
N ARG A 137 47.85 32.54 -23.68
CA ARG A 137 49.26 32.64 -23.36
C ARG A 137 49.98 33.68 -24.22
N ARG A 138 51.15 34.08 -23.75
CA ARG A 138 52.00 35.04 -24.45
C ARG A 138 51.30 36.38 -24.63
N ALA A 139 50.11 36.53 -24.06
CA ALA A 139 49.39 37.80 -24.05
C ALA A 139 48.81 38.17 -22.70
N GLN A 140 48.56 37.21 -21.81
CA GLN A 140 48.11 37.54 -20.46
C GLN A 140 49.27 37.99 -19.58
N LYS A 141 50.46 37.43 -19.81
CA LYS A 141 51.64 37.91 -19.11
C LYS A 141 52.07 39.28 -19.63
N HIS A 142 51.75 39.57 -20.89
CA HIS A 142 52.13 40.85 -21.50
C HIS A 142 51.51 42.04 -20.77
N ARG A 143 50.45 41.84 -20.01
CA ARG A 143 49.78 42.91 -19.29
C ARG A 143 50.15 42.97 -17.81
N LEU A 144 50.36 41.82 -17.17
CA LEU A 144 50.71 41.75 -15.75
C LEU A 144 52.20 41.52 -15.53
N ARG A 145 53.01 41.77 -16.56
CA ARG A 145 54.44 41.56 -16.49
C ARG A 145 55.12 42.42 -15.42
N GLU A 146 54.73 43.69 -15.36
CA GLU A 146 55.31 44.61 -14.39
C GLU A 146 54.94 44.20 -12.97
N LEU A 147 53.69 43.81 -12.76
CA LEU A 147 53.25 43.44 -11.43
C LEU A 147 53.91 42.14 -10.98
N LYS A 148 54.11 41.19 -11.91
CA LYS A 148 54.86 40.00 -11.56
C LYS A 148 56.31 40.33 -11.23
N ILE A 149 56.89 41.31 -11.94
CA ILE A 149 58.24 41.76 -11.62
C ILE A 149 58.29 42.34 -10.21
N GLN A 150 57.29 43.13 -9.84
CA GLN A 150 57.26 43.69 -8.48
C GLN A 150 57.10 42.59 -7.44
N VAL A 151 56.25 41.60 -7.72
CA VAL A 151 56.05 40.50 -6.78
C VAL A 151 57.35 39.73 -6.57
N LYS A 152 58.07 39.44 -7.66
CA LYS A 152 59.32 38.71 -7.52
C LYS A 152 60.41 39.57 -6.88
N GLU A 153 60.36 40.89 -7.09
CA GLU A 153 61.27 41.78 -6.38
C GLU A 153 61.06 41.70 -4.88
N PHE A 154 59.80 41.74 -4.44
CA PHE A 154 59.54 41.62 -3.01
C PHE A 154 59.91 40.23 -2.49
N ALA A 155 59.64 39.19 -3.27
CA ALA A 155 60.01 37.83 -2.88
C ALA A 155 61.52 37.66 -2.75
N ASP A 156 62.30 38.39 -3.55
CA ASP A 156 63.74 38.39 -3.38
C ASP A 156 64.18 39.27 -2.21
N LYS A 157 63.43 40.34 -1.93
CA LYS A 157 63.79 41.25 -0.85
C LYS A 157 63.60 40.59 0.51
N GLU A 158 62.38 40.13 0.80
CA GLU A 158 62.08 39.56 2.10
C GLU A 158 62.25 38.04 2.13
N GLU A 159 61.54 37.33 1.25
CA GLU A 159 61.61 35.87 1.26
C GLU A 159 62.94 35.38 0.73
N GLY A 160 63.42 35.98 -0.36
CA GLY A 160 64.65 35.56 -1.01
C GLY A 160 64.44 34.81 -2.31
N GLY A 161 63.21 34.72 -2.80
CA GLY A 161 62.92 34.00 -4.03
C GLY A 161 61.76 33.04 -3.88
N ASP A 162 61.08 33.09 -2.73
CA ASP A 162 59.95 32.21 -2.45
C ASP A 162 58.66 32.79 -3.03
N VAL A 163 58.61 32.85 -4.36
CA VAL A 163 57.44 33.36 -5.05
C VAL A 163 56.25 32.44 -4.86
N LYS A 164 56.51 31.14 -4.86
CA LYS A 164 55.47 30.12 -4.74
C LYS A 164 54.56 30.24 -3.52
N ALA A 165 55.16 30.37 -2.35
CA ALA A 165 54.39 30.45 -1.11
C ALA A 165 53.65 31.78 -0.99
N VAL A 166 54.32 32.88 -1.33
CA VAL A 166 53.70 34.19 -1.17
C VAL A 166 52.54 34.35 -2.15
N CYS A 167 52.70 33.86 -3.38
CA CYS A 167 51.60 33.95 -4.35
C CYS A 167 50.44 33.06 -3.95
N LEU A 168 50.73 31.85 -3.46
CA LEU A 168 49.66 30.96 -3.03
C LEU A 168 48.89 31.56 -1.85
N THR A 169 49.60 32.14 -0.88
CA THR A 169 48.93 32.75 0.25
C THR A 169 48.13 33.99 -0.15
N LEU A 170 48.69 34.83 -1.05
CA LEU A 170 47.94 35.98 -1.54
C LEU A 170 46.66 35.55 -2.24
N PHE A 171 46.73 34.46 -3.02
CA PHE A 171 45.53 33.99 -3.70
C PHE A 171 44.53 33.40 -2.72
N LEU A 172 45.01 32.71 -1.67
CA LEU A 172 44.11 32.20 -0.65
C LEU A 172 43.39 33.33 0.07
N LEU A 173 44.11 34.40 0.40
CA LEU A 173 43.46 35.55 1.05
C LEU A 173 42.51 36.26 0.09
N ALA A 174 42.87 36.36 -1.19
CA ALA A 174 41.96 36.95 -2.16
C ALA A 174 40.68 36.14 -2.29
N LEU A 175 40.79 34.84 -2.07
CA LEU A 175 39.63 33.96 -2.14
C LEU A 175 38.77 34.13 -0.89
N ARG A 176 39.41 34.19 0.28
CA ARG A 176 38.69 34.34 1.54
C ARG A 176 38.07 35.71 1.69
N ALA A 177 38.59 36.71 0.98
CA ALA A 177 38.02 38.06 1.07
C ALA A 177 36.63 38.13 0.45
N ARG A 178 36.36 37.29 -0.55
CA ARG A 178 35.08 37.32 -1.27
C ARG A 178 34.14 36.20 -0.81
N ASN A 179 34.32 35.71 0.42
CA ASN A 179 33.47 34.67 1.00
C ASN A 179 33.44 33.42 0.11
N GLU A 180 34.61 32.80 -0.02
CA GLU A 180 34.78 31.61 -0.85
C GLU A 180 35.57 30.56 -0.06
N HIS A 181 35.14 30.31 1.18
CA HIS A 181 35.82 29.33 2.02
C HIS A 181 35.87 27.95 1.37
N ARG A 182 34.82 27.58 0.62
CA ARG A 182 34.77 26.25 0.01
C ARG A 182 35.91 26.06 -0.99
N GLN A 183 36.01 26.96 -1.97
CA GLN A 183 37.04 26.81 -3.00
C GLN A 183 38.43 26.94 -2.43
N ALA A 184 38.63 27.83 -1.44
CA ALA A 184 39.95 27.98 -0.85
C ALA A 184 40.34 26.77 -0.03
N ASP A 185 39.38 26.16 0.68
CA ASP A 185 39.67 24.92 1.39
C ASP A 185 40.00 23.80 0.42
N GLU A 186 39.25 23.69 -0.67
CA GLU A 186 39.57 22.70 -1.70
C GLU A 186 40.97 22.93 -2.26
N LEU A 187 41.35 24.20 -2.45
CA LEU A 187 42.67 24.51 -2.99
C LEU A 187 43.77 24.12 -2.01
N GLU A 188 43.63 24.51 -0.74
CA GLU A 188 44.64 24.16 0.25
C GLU A 188 44.66 22.67 0.54
N ALA A 189 43.60 21.94 0.21
CA ALA A 189 43.62 20.49 0.34
C ALA A 189 44.31 19.84 -0.85
N ILE A 190 44.10 20.37 -2.07
CA ILE A 190 44.76 19.79 -3.23
C ILE A 190 46.22 20.21 -3.34
N MET A 191 46.62 21.18 -2.52
CA MET A 191 48.00 21.63 -2.50
C MET A 191 48.88 20.51 -1.94
N GLN A 192 48.31 19.69 -1.06
CA GLN A 192 49.05 18.58 -0.48
C GLN A 192 49.25 17.47 -1.49
N GLY A 193 48.24 17.22 -2.33
CA GLY A 193 48.36 16.22 -3.38
C GLY A 193 47.95 14.83 -2.96
N ARG A 194 46.87 14.72 -2.19
CA ARG A 194 46.36 13.44 -1.72
C ARG A 194 44.93 13.25 -2.20
N GLY A 195 44.60 12.00 -2.53
CA GLY A 195 43.26 11.68 -3.01
C GLY A 195 42.24 11.53 -1.91
N SER A 196 41.21 12.39 -1.92
CA SER A 196 40.16 12.34 -0.92
C SER A 196 39.22 11.19 -1.25
N GLY A 197 39.48 10.02 -0.67
CA GLY A 197 38.68 8.84 -0.89
C GLY A 197 37.98 8.38 0.38
N LEU A 198 37.00 7.51 0.18
CA LEU A 198 36.22 6.96 1.28
C LEU A 198 36.46 5.46 1.41
N GLN A 199 36.46 4.98 2.65
CA GLN A 199 36.60 3.56 2.90
C GLN A 199 35.34 2.82 2.45
N PRO A 200 35.47 1.54 2.08
CA PRO A 200 34.26 0.79 1.68
C PRO A 200 33.26 0.62 2.80
N ALA A 201 33.70 0.55 4.05
CA ALA A 201 32.76 0.47 5.16
C ALA A 201 31.93 1.75 5.27
N VAL A 202 32.55 2.91 5.03
CA VAL A 202 31.82 4.16 5.09
C VAL A 202 30.76 4.23 4.00
N CYS A 203 31.13 3.83 2.78
CA CYS A 203 30.16 3.82 1.67
C CYS A 203 29.04 2.84 1.95
N LEU A 204 29.37 1.68 2.54
CA LEU A 204 28.34 0.71 2.91
C LEU A 204 27.37 1.29 3.94
N ALA A 205 27.91 1.95 4.96
CA ALA A 205 27.05 2.56 5.97
C ALA A 205 26.17 3.65 5.38
N ILE A 206 26.72 4.44 4.46
CA ILE A 206 25.93 5.49 3.83
C ILE A 206 24.81 4.88 2.99
N ARG A 207 25.14 3.81 2.27
CA ARG A 207 24.16 3.15 1.42
C ARG A 207 23.05 2.46 2.20
N VAL A 208 23.37 1.91 3.36
CA VAL A 208 22.38 1.21 4.18
C VAL A 208 21.54 2.20 4.97
N ASN A 209 22.19 3.10 5.71
CA ASN A 209 21.50 4.00 6.62
C ASN A 209 20.77 5.14 5.90
N THR A 210 20.74 5.15 4.58
CA THR A 210 19.99 6.16 3.83
C THR A 210 18.96 5.54 2.89
N PHE A 211 18.71 4.24 3.01
CA PHE A 211 17.64 3.55 2.25
C PHE A 211 17.86 3.70 0.74
N LEU A 212 19.00 3.18 0.30
CA LEU A 212 19.38 3.23 -1.11
C LEU A 212 19.52 1.81 -1.64
N SER A 213 18.84 1.52 -2.74
CA SER A 213 19.02 0.25 -3.43
C SER A 213 20.37 0.23 -4.14
N CYS A 214 20.82 -0.97 -4.50
CA CYS A 214 22.10 -1.10 -5.20
C CYS A 214 22.06 -0.42 -6.56
N SER A 215 20.91 -0.41 -7.22
CA SER A 215 20.80 0.22 -8.53
C SER A 215 20.96 1.73 -8.43
N GLN A 216 20.28 2.36 -7.47
CA GLN A 216 20.38 3.80 -7.31
C GLN A 216 21.79 4.20 -6.87
N TYR A 217 22.39 3.41 -5.98
CA TYR A 217 23.76 3.68 -5.56
C TYR A 217 24.72 3.56 -6.74
N HIS A 218 24.50 2.56 -7.61
CA HIS A 218 25.35 2.43 -8.79
C HIS A 218 25.16 3.60 -9.73
N LYS A 219 23.92 4.07 -9.91
CA LYS A 219 23.69 5.24 -10.74
C LYS A 219 24.42 6.46 -10.21
N MET A 220 24.31 6.70 -8.90
CA MET A 220 24.99 7.84 -8.28
C MET A 220 26.50 7.72 -8.41
N TYR A 221 27.01 6.51 -8.21
CA TYR A 221 28.43 6.26 -8.32
C TYR A 221 28.92 6.58 -9.73
N ARG A 222 28.23 6.05 -10.72
CA ARG A 222 28.58 6.29 -12.11
C ARG A 222 28.53 7.77 -12.46
N THR A 223 27.49 8.45 -12.01
CA THR A 223 27.35 9.88 -12.30
C THR A 223 28.49 10.68 -11.70
N VAL A 224 28.81 10.44 -10.42
CA VAL A 224 29.87 11.18 -9.75
C VAL A 224 31.22 10.89 -10.42
N LYS A 225 31.50 9.61 -10.68
CA LYS A 225 32.79 9.27 -11.28
C LYS A 225 32.94 9.82 -12.69
N ALA A 226 31.82 9.95 -13.42
CA ALA A 226 31.92 10.44 -14.79
C ALA A 226 31.98 11.96 -14.84
N ILE A 227 31.37 12.65 -13.89
CA ILE A 227 31.41 14.11 -13.91
C ILE A 227 32.69 14.63 -13.26
N THR A 228 32.95 14.23 -12.01
CA THR A 228 34.16 14.68 -11.33
C THR A 228 35.43 14.10 -11.93
N GLY A 229 35.32 12.98 -12.63
CA GLY A 229 36.49 12.35 -13.21
C GLY A 229 37.40 11.67 -12.22
N ARG A 230 36.86 11.21 -11.10
CA ARG A 230 37.65 10.56 -10.05
C ARG A 230 36.70 9.80 -9.14
N GLN A 231 37.26 8.86 -8.38
CA GLN A 231 36.48 8.02 -7.49
C GLN A 231 36.40 8.64 -6.10
N ILE A 232 35.17 8.94 -5.67
CA ILE A 232 34.93 9.35 -4.28
C ILE A 232 34.23 8.27 -3.48
N PHE A 233 33.40 7.44 -4.11
CA PHE A 233 32.74 6.32 -3.47
C PHE A 233 33.40 5.03 -3.93
N GLN A 234 33.11 3.93 -3.25
CA GLN A 234 33.62 2.65 -3.68
C GLN A 234 32.61 1.94 -4.57
N PRO A 235 33.06 1.15 -5.56
CA PRO A 235 32.13 0.42 -6.41
C PRO A 235 31.38 -0.68 -5.67
N LEU A 236 30.42 -1.32 -6.34
CA LEU A 236 29.52 -2.25 -5.65
C LEU A 236 30.25 -3.47 -5.13
N HIS A 237 31.26 -3.97 -5.86
CA HIS A 237 31.95 -5.18 -5.42
C HIS A 237 32.72 -4.93 -4.13
N ALA A 238 33.29 -3.73 -3.96
CA ALA A 238 33.97 -3.42 -2.71
C ALA A 238 33.00 -3.43 -1.53
N LEU A 239 31.81 -2.86 -1.72
CA LEU A 239 30.80 -2.87 -0.66
C LEU A 239 30.36 -4.28 -0.32
N ARG A 240 30.10 -5.08 -1.35
CA ARG A 240 29.67 -6.45 -1.16
C ARG A 240 30.75 -7.23 -0.43
N ASN A 241 32.00 -6.94 -0.73
CA ASN A 241 33.11 -7.63 -0.08
C ASN A 241 33.22 -7.22 1.38
N ALA A 242 33.03 -5.93 1.67
CA ALA A 242 33.08 -5.46 3.05
C ALA A 242 31.89 -5.94 3.87
N GLU A 243 30.79 -6.29 3.20
CA GLU A 243 29.62 -6.79 3.93
C GLU A 243 29.92 -8.07 4.70
N LYS A 244 30.82 -8.89 4.17
CA LYS A 244 31.06 -10.21 4.74
C LYS A 244 31.65 -10.16 6.14
N VAL A 245 32.24 -9.02 6.54
CA VAL A 245 32.81 -8.90 7.87
C VAL A 245 31.73 -8.80 8.93
N LEU A 246 30.58 -8.20 8.61
CA LEU A 246 29.52 -7.94 9.57
C LEU A 246 28.53 -9.09 9.70
N LEU A 247 28.36 -9.89 8.65
CA LEU A 247 27.40 -10.97 8.70
C LEU A 247 27.88 -12.09 9.62
N PRO A 248 26.95 -12.81 10.26
CA PRO A 248 27.34 -13.91 11.15
C PRO A 248 28.06 -15.01 10.39
N GLY A 249 28.93 -15.72 11.10
CA GLY A 249 29.70 -16.80 10.51
C GLY A 249 31.01 -16.34 9.94
N TYR A 250 31.67 -15.40 10.62
CA TYR A 250 32.93 -14.84 10.14
C TYR A 250 33.98 -14.85 11.24
N HIS A 251 33.54 -14.83 12.49
CA HIS A 251 34.43 -14.80 13.64
C HIS A 251 34.46 -16.15 14.35
N PRO A 252 35.64 -16.59 14.79
CA PRO A 252 35.73 -17.85 15.52
C PRO A 252 35.31 -17.70 16.98
N PHE A 253 34.88 -18.82 17.55
CA PHE A 253 34.42 -18.90 18.93
C PHE A 253 34.23 -20.36 19.28
N GLU A 254 34.07 -20.63 20.57
CA GLU A 254 33.79 -21.99 21.03
C GLU A 254 33.17 -21.93 22.41
N TRP A 255 32.14 -22.76 22.61
CA TRP A 255 31.50 -22.88 23.91
C TRP A 255 32.30 -23.86 24.77
N GLN A 256 32.60 -23.45 26.02
CA GLN A 256 33.44 -24.30 26.86
C GLN A 256 32.74 -25.62 27.18
N PRO A 257 31.48 -25.64 27.62
CA PRO A 257 30.69 -26.87 27.52
C PRO A 257 30.12 -27.01 26.12
N PRO A 258 30.49 -28.06 25.39
CA PRO A 258 29.99 -28.21 24.02
C PRO A 258 28.46 -28.27 23.99
N LEU A 259 27.88 -27.57 23.02
CA LEU A 259 26.43 -27.50 22.91
C LEU A 259 25.86 -28.84 22.48
N LYS A 260 24.87 -29.32 23.23
CA LYS A 260 24.23 -30.57 22.89
C LYS A 260 23.34 -30.40 21.66
N ASN A 261 23.43 -31.35 20.74
CA ASN A 261 22.65 -31.40 19.51
C ASN A 261 22.87 -30.19 18.60
N VAL A 262 23.96 -29.44 18.82
CA VAL A 262 24.29 -28.28 18.00
C VAL A 262 25.70 -28.49 17.46
N SER A 263 25.87 -28.22 16.17
CA SER A 263 27.17 -28.40 15.52
C SER A 263 28.19 -27.42 16.10
N SER A 264 29.46 -27.78 15.92
CA SER A 264 30.57 -26.96 16.37
C SER A 264 31.20 -26.13 15.25
N ARG A 265 30.76 -26.33 14.01
CA ARG A 265 31.27 -25.54 12.90
C ARG A 265 30.82 -24.08 13.05
N THR A 266 31.73 -23.15 12.76
CA THR A 266 31.52 -21.74 13.04
C THR A 266 31.72 -20.89 11.79
N ASP A 267 31.13 -21.33 10.67
CA ASP A 267 31.14 -20.49 9.48
C ASP A 267 29.81 -20.53 8.72
N VAL A 268 28.73 -21.01 9.36
CA VAL A 268 27.45 -21.09 8.68
C VAL A 268 26.85 -19.70 8.53
N GLY A 269 26.10 -19.49 7.45
CA GLY A 269 25.50 -18.20 7.19
C GLY A 269 24.00 -18.20 7.36
N ILE A 270 23.28 -18.23 6.25
CA ILE A 270 21.81 -18.22 6.26
C ILE A 270 21.36 -19.67 6.11
N ILE A 271 21.06 -20.30 7.26
CA ILE A 271 20.57 -21.67 7.24
C ILE A 271 19.14 -21.69 6.73
N ASP A 272 18.79 -22.75 6.00
CA ASP A 272 17.42 -22.90 5.51
C ASP A 272 16.45 -22.99 6.67
N GLY A 273 15.27 -22.41 6.47
CA GLY A 273 14.29 -22.35 7.55
C GLY A 273 13.62 -23.69 7.81
N LEU A 274 13.41 -24.48 6.76
CA LEU A 274 12.72 -25.76 6.92
C LEU A 274 13.53 -26.76 7.73
N SER A 275 14.85 -26.59 7.80
CA SER A 275 15.74 -27.45 8.58
C SER A 275 15.62 -28.91 8.10
N GLY A 276 15.76 -29.09 6.79
CA GLY A 276 15.73 -30.42 6.21
C GLY A 276 14.40 -31.12 6.34
N LEU A 277 13.30 -30.39 6.34
CA LEU A 277 11.98 -31.00 6.46
C LEU A 277 11.64 -31.75 5.19
N ALA A 278 10.96 -32.89 5.36
CA ALA A 278 10.57 -33.72 4.22
C ALA A 278 9.57 -32.96 3.34
N SER A 279 9.85 -32.90 2.05
CA SER A 279 9.02 -32.17 1.10
C SER A 279 8.53 -33.05 -0.04
N SER A 280 8.44 -34.36 0.20
CA SER A 280 7.98 -35.29 -0.82
C SER A 280 6.46 -35.26 -0.91
N VAL A 281 5.88 -36.24 -1.60
CA VAL A 281 4.43 -36.29 -1.74
C VAL A 281 3.75 -37.12 -0.66
N ASP A 282 4.49 -37.99 0.03
CA ASP A 282 3.89 -38.89 1.01
C ASP A 282 3.65 -38.23 2.36
N GLU A 283 4.55 -37.37 2.81
CA GLU A 283 4.44 -36.77 4.13
C GLU A 283 3.39 -35.68 4.14
N TYR A 284 3.33 -34.95 5.25
CA TYR A 284 2.41 -33.83 5.38
C TYR A 284 2.84 -32.80 4.35
N PRO A 285 1.88 -32.15 3.70
CA PRO A 285 2.25 -31.16 2.68
C PRO A 285 2.87 -29.91 3.28
N VAL A 286 3.88 -29.39 2.58
CA VAL A 286 4.60 -28.19 2.99
C VAL A 286 4.31 -27.09 1.98
N ASP A 287 3.87 -25.94 2.47
CA ASP A 287 3.51 -24.81 1.62
C ASP A 287 4.09 -23.52 2.16
N THR A 288 5.25 -23.59 2.80
CA THR A 288 5.89 -22.43 3.39
C THR A 288 7.36 -22.40 3.00
N ILE A 289 7.95 -21.21 3.13
CA ILE A 289 9.38 -21.01 2.92
C ILE A 289 9.91 -20.16 4.07
N ALA A 290 11.19 -20.34 4.37
CA ALA A 290 11.79 -19.63 5.50
C ALA A 290 13.30 -19.62 5.35
N LYS A 291 13.91 -18.56 5.89
CA LYS A 291 15.36 -18.42 5.95
C LYS A 291 15.72 -17.86 7.33
N ARG A 292 16.85 -18.29 7.84
CA ARG A 292 17.28 -17.82 9.15
C ARG A 292 18.73 -18.14 9.43
N PHE A 293 19.30 -17.39 10.36
CA PHE A 293 20.67 -17.59 10.78
C PHE A 293 20.74 -18.69 11.83
N ARG A 294 21.95 -18.95 12.32
CA ARG A 294 22.12 -19.91 13.40
C ARG A 294 22.10 -19.05 14.66
N TYR A 295 21.50 -19.54 15.73
CA TYR A 295 21.39 -18.75 16.96
C TYR A 295 22.69 -18.29 17.64
N ASP A 296 23.64 -19.21 17.81
CA ASP A 296 24.88 -18.88 18.49
C ASP A 296 25.74 -17.96 17.64
N SER A 297 25.81 -18.22 16.34
CA SER A 297 26.55 -17.34 15.44
C SER A 297 25.95 -15.93 15.42
N ALA A 298 24.62 -15.84 15.48
CA ALA A 298 23.97 -14.54 15.53
C ALA A 298 24.32 -13.80 16.82
N LEU A 299 24.34 -14.50 17.95
CA LEU A 299 24.73 -13.86 19.21
C LEU A 299 26.18 -13.41 19.16
N VAL A 300 27.06 -14.22 18.58
CA VAL A 300 28.47 -13.84 18.47
C VAL A 300 28.62 -12.60 17.61
N SER A 301 27.92 -12.56 16.48
CA SER A 301 28.00 -11.38 15.61
C SER A 301 27.45 -10.14 16.30
N ALA A 302 26.36 -10.29 17.06
CA ALA A 302 25.80 -9.16 17.79
C ALA A 302 26.76 -8.65 18.84
N LEU A 303 27.42 -9.55 19.56
CA LEU A 303 28.39 -9.14 20.57
C LEU A 303 29.61 -8.49 19.95
N MET A 304 30.06 -8.98 18.80
CA MET A 304 31.21 -8.39 18.13
C MET A 304 30.88 -7.03 17.51
N ASP A 305 29.61 -6.81 17.14
CA ASP A 305 29.21 -5.52 16.62
C ASP A 305 29.23 -4.43 17.70
N MET A 306 29.25 -4.80 18.97
CA MET A 306 29.22 -3.87 20.09
C MET A 306 30.49 -3.94 20.91
N GLU A 307 31.64 -4.07 20.23
CA GLU A 307 32.92 -4.14 20.95
C GLU A 307 33.30 -2.79 21.53
N GLU A 308 33.27 -1.74 20.69
CA GLU A 308 33.67 -0.42 21.15
C GLU A 308 32.75 0.09 22.25
N ASP A 309 31.45 -0.24 22.16
CA ASP A 309 30.51 0.18 23.20
C ASP A 309 30.88 -0.43 24.55
N ILE A 310 31.14 -1.74 24.58
CA ILE A 310 31.48 -2.39 25.85
C ILE A 310 32.82 -1.89 26.36
N LEU A 311 33.78 -1.66 25.45
CA LEU A 311 35.09 -1.15 25.88
C LEU A 311 34.96 0.24 26.51
N GLU A 312 34.21 1.14 25.86
CA GLU A 312 34.04 2.48 26.41
C GLU A 312 33.23 2.45 27.70
N GLY A 313 32.28 1.51 27.82
CA GLY A 313 31.54 1.39 29.07
C GLY A 313 32.42 0.94 30.22
N MET A 314 33.30 -0.03 29.95
CA MET A 314 34.24 -0.47 30.98
C MET A 314 35.22 0.65 31.34
N ARG A 315 35.59 1.45 30.35
CA ARG A 315 36.52 2.55 30.58
C ARG A 315 35.86 3.69 31.36
N SER A 316 34.55 3.80 31.24
CA SER A 316 33.80 4.85 31.93
C SER A 316 33.35 4.44 33.33
N GLN A 317 33.57 3.19 33.72
CA GLN A 317 33.17 2.71 35.04
C GLN A 317 34.36 2.45 35.95
N ASP A 318 35.50 3.12 35.71
CA ASP A 318 36.71 2.96 36.52
C ASP A 318 37.19 1.51 36.52
N LEU A 319 36.99 0.82 35.41
CA LEU A 319 37.43 -0.56 35.24
C LEU A 319 38.47 -0.63 34.11
N ASP A 320 39.48 -1.46 34.30
CA ASP A 320 40.49 -1.65 33.27
C ASP A 320 39.87 -2.31 32.04
N ASP A 321 40.39 -1.96 30.86
CA ASP A 321 39.86 -2.44 29.60
C ASP A 321 40.48 -3.75 29.14
N TYR A 322 41.14 -4.48 30.03
CA TYR A 322 41.71 -5.78 29.71
C TYR A 322 41.20 -6.89 30.62
N LEU A 323 40.18 -6.62 31.44
CA LEU A 323 39.61 -7.65 32.29
C LEU A 323 38.79 -8.62 31.47
N ASN A 324 38.76 -9.88 31.91
CA ASN A 324 38.06 -10.94 31.21
C ASN A 324 37.07 -11.64 32.15
N GLY A 325 36.31 -10.85 32.91
CA GLY A 325 35.35 -11.38 33.85
C GLY A 325 34.18 -12.05 33.15
N PRO A 326 33.43 -12.85 33.91
CA PRO A 326 32.26 -13.53 33.32
C PRO A 326 31.09 -12.60 33.11
N PHE A 327 31.06 -11.91 31.97
CA PHE A 327 29.97 -11.01 31.64
C PHE A 327 28.64 -11.75 31.63
N THR A 328 27.57 -10.98 31.82
CA THR A 328 26.21 -11.52 31.87
C THR A 328 25.35 -10.71 30.90
N VAL A 329 24.98 -11.33 29.78
CA VAL A 329 24.21 -10.67 28.74
C VAL A 329 22.74 -11.02 28.89
N VAL A 330 21.89 -10.01 28.77
CA VAL A 330 20.44 -10.18 28.84
C VAL A 330 19.86 -9.81 27.49
N VAL A 331 19.04 -10.70 26.93
CA VAL A 331 18.50 -10.54 25.58
C VAL A 331 16.99 -10.63 25.63
N LYS A 332 16.33 -9.78 24.86
CA LYS A 332 14.88 -9.77 24.76
C LYS A 332 14.49 -10.44 23.44
N GLU A 333 13.37 -11.16 23.46
CA GLU A 333 12.88 -11.89 22.30
C GLU A 333 11.50 -11.38 21.93
N SER A 334 11.19 -11.42 20.63
CA SER A 334 9.92 -10.94 20.12
C SER A 334 9.54 -11.73 18.88
N CYS A 335 8.24 -11.85 18.66
CA CYS A 335 7.71 -12.57 17.50
C CYS A 335 6.26 -12.17 17.29
N ASP A 336 5.88 -11.94 16.04
CA ASP A 336 4.51 -11.57 15.72
C ASP A 336 4.27 -11.83 14.24
N GLY A 337 3.07 -12.33 13.92
CA GLY A 337 2.71 -12.59 12.54
C GLY A 337 2.09 -11.36 11.89
N MET A 338 2.50 -11.11 10.66
CA MET A 338 2.03 -9.95 9.92
C MET A 338 0.79 -10.33 9.10
N GLY A 339 0.33 -9.42 8.25
CA GLY A 339 -0.85 -9.67 7.44
C GLY A 339 -0.83 -8.83 6.19
N ASP A 340 -1.74 -9.17 5.27
CA ASP A 340 -1.86 -8.49 3.98
C ASP A 340 -0.53 -8.52 3.23
N VAL A 341 0.10 -9.69 3.22
CA VAL A 341 1.39 -9.90 2.58
C VAL A 341 1.12 -10.47 1.19
N SER A 342 1.33 -9.65 0.16
CA SER A 342 1.02 -10.07 -1.20
C SER A 342 1.94 -11.20 -1.65
N GLU A 343 1.43 -12.04 -2.53
CA GLU A 343 2.17 -13.16 -3.09
C GLU A 343 2.60 -12.84 -4.52
N LYS A 344 3.72 -13.41 -4.92
CA LYS A 344 4.28 -13.19 -6.24
C LYS A 344 3.90 -14.32 -7.20
N HIS A 345 3.97 -14.02 -8.49
CA HIS A 345 3.73 -15.01 -9.53
C HIS A 345 4.97 -15.91 -9.65
N GLY A 346 4.94 -16.80 -10.64
CA GLY A 346 6.08 -17.66 -10.92
C GLY A 346 5.96 -19.03 -10.30
N SER A 347 6.97 -19.85 -10.58
CA SER A 347 6.99 -21.23 -10.11
C SER A 347 7.28 -21.28 -8.62
N GLY A 348 7.26 -22.49 -8.06
CA GLY A 348 7.50 -22.70 -6.66
C GLY A 348 6.27 -23.21 -5.95
N PRO A 349 6.34 -23.29 -4.62
CA PRO A 349 5.19 -23.75 -3.84
C PRO A 349 4.15 -22.65 -3.65
N ALA A 350 2.93 -23.08 -3.33
CA ALA A 350 1.82 -22.17 -3.07
C ALA A 350 1.89 -21.72 -1.61
N VAL A 351 2.41 -20.53 -1.38
CA VAL A 351 2.61 -20.03 -0.02
C VAL A 351 1.43 -19.14 0.36
N PRO A 352 1.09 -19.05 1.64
CA PRO A 352 -0.02 -18.19 2.06
C PRO A 352 0.39 -16.72 2.01
N GLU A 353 -0.54 -15.85 2.40
CA GLU A 353 -0.36 -14.41 2.36
C GLU A 353 -0.11 -13.83 3.75
N LYS A 354 0.60 -14.58 4.59
CA LYS A 354 0.93 -14.13 5.93
C LYS A 354 2.40 -14.42 6.21
N ALA A 355 3.04 -13.52 6.97
CA ALA A 355 4.45 -13.63 7.28
C ALA A 355 4.66 -13.52 8.78
N VAL A 356 5.49 -14.39 9.33
CA VAL A 356 5.85 -14.38 10.74
C VAL A 356 7.36 -14.16 10.85
N ARG A 357 7.77 -13.25 11.73
CA ARG A 357 9.17 -12.96 11.93
C ARG A 357 9.53 -13.15 13.39
N PHE A 358 10.80 -13.47 13.63
CA PHE A 358 11.32 -13.68 14.97
C PHE A 358 12.62 -12.91 15.12
N SER A 359 12.73 -12.14 16.20
CA SER A 359 13.86 -11.25 16.38
C SER A 359 14.33 -11.31 17.83
N PHE A 360 15.47 -10.68 18.07
CA PHE A 360 16.06 -10.60 19.40
C PHE A 360 16.73 -9.24 19.58
N THR A 361 17.07 -8.90 20.81
CA THR A 361 17.67 -7.61 21.12
C THR A 361 18.52 -7.73 22.36
N VAL A 362 19.79 -7.36 22.28
CA VAL A 362 20.67 -7.33 23.44
C VAL A 362 20.29 -6.12 24.29
N MET A 363 19.74 -6.37 25.48
CA MET A 363 19.21 -5.30 26.31
C MET A 363 20.21 -4.75 27.32
N ARG A 364 21.02 -5.60 27.93
CA ARG A 364 21.88 -5.15 29.03
C ARG A 364 23.01 -6.14 29.21
N ILE A 365 24.19 -5.61 29.53
CA ILE A 365 25.38 -6.40 29.80
C ILE A 365 26.00 -5.89 31.10
N THR A 366 26.30 -6.81 32.01
CA THR A 366 26.90 -6.45 33.29
C THR A 366 28.04 -7.41 33.60
N ILE A 367 28.98 -6.93 34.42
CA ILE A 367 30.12 -7.73 34.84
C ILE A 367 30.11 -7.80 36.37
N GLU A 368 30.59 -8.92 36.90
CA GLU A 368 30.64 -9.16 38.34
C GLU A 368 32.05 -8.83 38.83
N HIS A 369 32.25 -7.58 39.23
CA HIS A 369 33.53 -7.11 39.75
C HIS A 369 33.45 -7.06 41.28
N GLY A 370 34.31 -7.83 41.93
CA GLY A 370 34.27 -7.89 43.39
C GLY A 370 33.03 -8.61 43.85
N SER A 371 32.18 -7.89 44.59
CA SER A 371 30.92 -8.43 45.09
C SER A 371 29.71 -7.67 44.56
N GLN A 372 29.86 -6.99 43.43
CA GLN A 372 28.79 -6.21 42.83
C GLN A 372 28.61 -6.62 41.37
N ASN A 373 27.68 -5.96 40.69
CA ASN A 373 27.39 -6.20 39.28
C ASN A 373 27.45 -4.85 38.56
N VAL A 374 28.65 -4.50 38.09
CA VAL A 374 28.85 -3.21 37.44
C VAL A 374 28.15 -3.20 36.08
N LYS A 375 27.38 -2.15 35.84
CA LYS A 375 26.68 -1.99 34.57
C LYS A 375 27.64 -1.42 33.53
N VAL A 376 27.96 -2.22 32.51
CA VAL A 376 28.89 -1.78 31.48
C VAL A 376 28.19 -1.40 30.18
N PHE A 377 26.94 -1.82 29.97
CA PHE A 377 26.23 -1.49 28.76
C PHE A 377 24.72 -1.52 29.03
N GLU A 378 24.00 -0.64 28.33
CA GLU A 378 22.55 -0.60 28.42
C GLU A 378 22.00 0.12 27.20
N GLU A 379 20.99 -0.45 26.57
CA GLU A 379 20.38 0.15 25.39
C GLU A 379 19.70 1.46 25.75
N PRO A 380 20.07 2.59 25.15
CA PRO A 380 19.44 3.86 25.49
C PRO A 380 18.03 3.97 24.94
N LYS A 381 17.79 3.38 23.78
CA LYS A 381 16.48 3.43 23.11
C LYS A 381 16.05 2.00 22.81
N PRO A 382 15.41 1.33 23.78
CA PRO A 382 15.08 -0.09 23.56
C PRO A 382 13.97 -0.30 22.54
N ASN A 383 12.94 0.55 22.54
CA ASN A 383 11.81 0.39 21.64
C ASN A 383 12.08 0.88 20.22
N SER A 384 13.31 1.25 19.91
CA SER A 384 13.64 1.71 18.58
C SER A 384 13.82 0.53 17.63
N GLU A 385 13.63 0.81 16.33
CA GLU A 385 13.82 -0.22 15.31
C GLU A 385 15.28 -0.40 14.93
N LEU A 386 16.15 0.53 15.33
CA LEU A 386 17.57 0.44 14.99
C LEU A 386 18.31 -0.61 15.79
N CYS A 387 17.66 -1.26 16.77
CA CYS A 387 18.33 -2.25 17.60
C CYS A 387 17.50 -3.53 17.73
N CYS A 388 16.64 -3.80 16.76
CA CYS A 388 15.83 -5.01 16.74
C CYS A 388 16.42 -5.93 15.67
N LYS A 389 17.39 -6.74 16.07
CA LYS A 389 18.10 -7.57 15.12
C LYS A 389 17.24 -8.75 14.69
N PRO A 390 17.14 -9.03 13.40
CA PRO A 390 16.30 -10.13 12.92
C PRO A 390 16.98 -11.47 13.14
N LEU A 391 16.14 -12.52 13.26
CA LEU A 391 16.66 -13.88 13.39
C LEU A 391 15.98 -14.90 12.50
N CYS A 392 14.72 -14.71 12.10
CA CYS A 392 14.04 -15.71 11.29
C CYS A 392 12.89 -15.05 10.55
N LEU A 393 12.75 -15.39 9.27
CA LEU A 393 11.67 -14.88 8.43
C LEU A 393 10.99 -16.06 7.75
N MET A 394 9.66 -16.10 7.83
CA MET A 394 8.90 -17.21 7.28
C MET A 394 7.59 -16.69 6.72
N LEU A 395 7.02 -17.46 5.80
CA LEU A 395 5.72 -17.16 5.20
C LEU A 395 4.74 -18.24 5.65
N ALA A 396 4.13 -18.04 6.82
CA ALA A 396 3.20 -19.02 7.37
C ALA A 396 2.17 -18.31 8.23
N ASP A 397 1.02 -18.95 8.39
CA ASP A 397 -0.04 -18.39 9.21
C ASP A 397 0.34 -18.46 10.68
N GLU A 398 0.08 -17.37 11.41
CA GLU A 398 0.37 -17.36 12.85
C GLU A 398 -0.51 -18.38 13.58
N SER A 399 -1.75 -18.56 13.14
CA SER A 399 -2.64 -19.53 13.75
C SER A 399 -2.29 -20.96 13.39
N ASP A 400 -1.56 -21.18 12.30
CA ASP A 400 -1.13 -22.51 11.90
C ASP A 400 -0.11 -23.02 12.91
N HIS A 401 -0.53 -23.99 13.72
CA HIS A 401 0.31 -24.45 14.82
C HIS A 401 1.39 -25.41 14.35
N GLU A 402 1.04 -26.34 13.45
CA GLU A 402 1.99 -27.37 13.05
C GLU A 402 3.20 -26.77 12.35
N THR A 403 2.98 -25.92 11.34
CA THR A 403 4.09 -25.31 10.63
C THR A 403 4.91 -24.41 11.55
N LEU A 404 4.24 -23.66 12.42
CA LEU A 404 4.94 -22.77 13.34
C LEU A 404 5.89 -23.55 14.23
N THR A 405 5.40 -24.64 14.84
CA THR A 405 6.26 -25.45 15.68
C THR A 405 7.37 -26.12 14.88
N ALA A 406 7.05 -26.61 13.67
CA ALA A 406 8.06 -27.28 12.86
C ALA A 406 9.19 -26.33 12.49
N ILE A 407 8.89 -25.05 12.30
CA ILE A 407 9.93 -24.11 11.93
C ILE A 407 10.68 -23.61 13.16
N LEU A 408 9.98 -23.42 14.27
CA LEU A 408 10.61 -22.84 15.46
C LEU A 408 11.23 -23.86 16.39
N SER A 409 11.13 -25.16 16.08
CA SER A 409 11.77 -26.16 16.94
C SER A 409 13.28 -26.01 17.02
N PRO A 410 14.03 -25.83 15.92
CA PRO A 410 15.49 -25.72 16.08
C PRO A 410 15.92 -24.52 16.90
N LEU A 411 15.23 -23.39 16.76
CA LEU A 411 15.62 -22.20 17.52
C LEU A 411 15.44 -22.42 19.02
N ILE A 412 14.29 -22.97 19.42
CA ILE A 412 14.05 -23.25 20.83
C ILE A 412 15.04 -24.30 21.33
N ALA A 413 15.37 -25.28 20.49
CA ALA A 413 16.35 -26.29 20.88
C ALA A 413 17.71 -25.67 21.17
N GLU A 414 18.20 -24.83 20.25
CA GLU A 414 19.49 -24.19 20.46
C GLU A 414 19.48 -23.26 21.66
N ARG A 415 18.35 -22.55 21.86
CA ARG A 415 18.21 -21.68 23.02
C ARG A 415 18.31 -22.46 24.33
N GLU A 416 17.51 -23.52 24.45
CA GLU A 416 17.55 -24.34 25.65
C GLU A 416 18.91 -25.02 25.83
N ALA A 417 19.60 -25.29 24.72
CA ALA A 417 20.92 -25.91 24.83
C ALA A 417 21.93 -24.95 25.41
N MET A 418 22.02 -23.73 24.88
CA MET A 418 23.01 -22.79 25.36
C MET A 418 22.58 -22.01 26.59
N LYS A 419 21.36 -22.22 27.09
CA LYS A 419 21.01 -21.61 28.38
C LYS A 419 21.73 -22.26 29.56
N SER A 420 22.64 -23.20 29.32
CA SER A 420 23.40 -23.86 30.39
C SER A 420 24.86 -23.97 30.01
N SER A 421 25.41 -22.92 29.41
CA SER A 421 26.80 -22.91 28.98
C SER A 421 27.33 -21.48 29.07
N GLU A 422 28.60 -21.32 28.70
CA GLU A 422 29.24 -20.01 28.69
C GLU A 422 30.08 -19.87 27.42
N LEU A 423 30.07 -18.68 26.85
CA LEU A 423 30.76 -18.39 25.60
C LEU A 423 32.05 -17.65 25.86
N THR A 424 33.09 -17.99 25.09
CA THR A 424 34.37 -17.30 25.15
C THR A 424 34.79 -16.89 23.75
N LEU A 425 35.38 -15.70 23.65
CA LEU A 425 35.86 -15.18 22.37
C LEU A 425 36.82 -14.04 22.67
N GLU A 426 37.69 -13.76 21.69
CA GLU A 426 38.78 -12.79 21.85
C GLU A 426 38.41 -11.50 21.12
N MET A 427 37.96 -10.50 21.88
CA MET A 427 37.79 -9.15 21.37
C MET A 427 38.89 -8.25 21.93
N GLY A 428 39.42 -7.38 21.08
CA GLY A 428 40.54 -6.55 21.49
C GLY A 428 41.79 -7.34 21.84
N GLY A 429 41.95 -8.52 21.25
CA GLY A 429 43.11 -9.35 21.52
C GLY A 429 43.09 -10.07 22.84
N ILE A 430 41.99 -10.01 23.60
CA ILE A 430 41.89 -10.66 24.89
C ILE A 430 40.65 -11.55 24.91
N PRO A 431 40.78 -12.84 25.26
CA PRO A 431 39.59 -13.69 25.35
C PRO A 431 38.73 -13.31 26.55
N ARG A 432 37.41 -13.37 26.35
CA ARG A 432 36.45 -12.97 27.37
C ARG A 432 35.57 -14.18 27.72
N THR A 433 34.55 -13.91 28.55
CA THR A 433 33.60 -14.93 28.97
C THR A 433 32.23 -14.31 29.09
N PHE A 434 31.22 -15.01 28.59
CA PHE A 434 29.86 -14.47 28.54
C PHE A 434 28.87 -15.50 29.04
N LYS A 435 27.81 -15.00 29.67
CA LYS A 435 26.69 -15.82 30.12
C LYS A 435 25.40 -15.12 29.73
N PHE A 436 24.40 -15.91 29.34
CA PHE A 436 23.16 -15.38 28.80
C PHE A 436 21.98 -15.68 29.71
N ILE A 437 21.06 -14.71 29.79
CA ILE A 437 19.80 -14.83 30.51
C ILE A 437 18.73 -14.28 29.58
N PHE A 438 18.00 -15.16 28.90
CA PHE A 438 17.05 -14.73 27.88
C PHE A 438 15.66 -14.54 28.47
N ARG A 439 14.94 -13.56 27.95
CA ARG A 439 13.62 -13.17 28.46
C ARG A 439 12.69 -12.91 27.28
N GLY A 440 11.70 -13.76 27.10
CA GLY A 440 10.73 -13.57 26.03
C GLY A 440 9.53 -12.77 26.49
N THR A 441 9.49 -11.47 26.16
CA THR A 441 8.42 -10.59 26.59
C THR A 441 7.72 -9.85 25.47
N GLY A 442 8.28 -9.83 24.25
CA GLY A 442 7.67 -9.11 23.16
C GLY A 442 6.60 -9.90 22.43
N TYR A 443 5.72 -10.56 23.18
CA TYR A 443 4.65 -11.38 22.63
C TYR A 443 3.31 -10.78 23.03
N ASP A 444 2.42 -10.62 22.05
CA ASP A 444 1.05 -10.23 22.38
C ASP A 444 0.31 -11.39 23.03
N GLU A 445 -0.84 -11.07 23.63
CA GLU A 445 -1.54 -12.04 24.46
C GLU A 445 -2.00 -13.26 23.67
N LYS A 446 -2.36 -13.07 22.40
CA LYS A 446 -2.83 -14.20 21.59
C LYS A 446 -1.71 -15.21 21.37
N LEU A 447 -0.53 -14.74 20.98
CA LEU A 447 0.60 -15.65 20.78
C LEU A 447 1.03 -16.28 22.09
N VAL A 448 0.88 -15.56 23.21
CA VAL A 448 1.17 -16.13 24.52
C VAL A 448 0.23 -17.30 24.80
N ARG A 449 -1.06 -17.10 24.56
CA ARG A 449 -2.02 -18.19 24.74
C ARG A 449 -1.69 -19.37 23.83
N GLU A 450 -1.22 -19.08 22.62
CA GLU A 450 -0.92 -20.14 21.67
C GLU A 450 0.29 -20.97 22.10
N VAL A 451 1.39 -20.30 22.48
CA VAL A 451 2.63 -21.01 22.74
C VAL A 451 2.67 -21.58 24.15
N GLU A 452 2.03 -20.93 25.11
CA GLU A 452 2.07 -21.36 26.50
C GLU A 452 1.11 -22.50 26.78
N GLY A 453 0.25 -22.85 25.84
CA GLY A 453 -0.67 -23.96 26.02
C GLY A 453 -2.02 -23.59 26.60
N LEU A 454 -2.39 -22.32 26.58
CA LEU A 454 -3.68 -21.88 27.08
C LEU A 454 -4.68 -21.84 25.93
N GLU A 455 -5.87 -21.31 26.24
CA GLU A 455 -6.95 -21.19 25.29
C GLU A 455 -7.16 -19.73 24.87
N ALA A 456 -8.18 -19.50 24.04
CA ALA A 456 -8.46 -18.16 23.55
C ALA A 456 -8.76 -17.21 24.71
N SER A 457 -8.76 -15.91 24.38
CA SER A 457 -8.95 -14.89 25.41
C SER A 457 -10.39 -14.84 25.92
N GLY A 458 -11.33 -15.36 25.13
CA GLY A 458 -12.74 -15.30 25.49
C GLY A 458 -13.15 -16.28 26.58
N SER A 459 -12.18 -16.96 27.18
CA SER A 459 -12.45 -17.94 28.21
C SER A 459 -12.63 -17.26 29.56
N VAL A 460 -12.73 -18.05 30.62
CA VAL A 460 -12.88 -17.52 31.96
C VAL A 460 -11.55 -17.36 32.70
N TYR A 461 -10.58 -18.22 32.40
CA TYR A 461 -9.26 -18.06 33.00
C TYR A 461 -8.67 -17.01 32.07
N ILE A 462 -8.67 -15.76 32.52
CA ILE A 462 -8.28 -14.66 31.65
C ILE A 462 -6.80 -14.32 31.81
N CYS A 463 -6.30 -14.34 33.04
CA CYS A 463 -4.93 -13.89 33.27
C CYS A 463 -3.94 -14.99 32.98
N THR A 464 -2.84 -14.62 32.32
CA THR A 464 -1.73 -15.53 32.08
C THR A 464 -0.70 -15.48 33.21
N LEU A 465 -0.89 -14.61 34.20
CA LEU A 465 0.02 -14.47 35.32
C LEU A 465 -0.52 -15.11 36.59
N CYS A 466 -1.82 -15.00 36.83
CA CYS A 466 -2.49 -15.71 37.90
C CYS A 466 -3.55 -16.64 37.30
N ASP A 467 -4.16 -17.46 38.17
CA ASP A 467 -5.11 -18.44 37.70
C ASP A 467 -6.52 -18.17 38.23
N THR A 468 -6.94 -16.91 38.21
CA THR A 468 -8.27 -16.54 38.64
C THR A 468 -9.24 -16.60 37.46
N THR A 469 -10.54 -16.58 37.80
CA THR A 469 -11.59 -16.64 36.80
C THR A 469 -12.15 -15.25 36.53
N ARG A 470 -13.10 -15.18 35.60
CA ARG A 470 -13.70 -13.91 35.22
C ARG A 470 -14.56 -13.29 36.32
N LEU A 471 -15.26 -14.12 37.09
CA LEU A 471 -16.11 -13.60 38.15
C LEU A 471 -15.26 -13.09 39.32
N GLU A 472 -14.24 -13.85 39.70
CA GLU A 472 -13.37 -13.40 40.78
C GLU A 472 -12.58 -12.15 40.38
N ALA A 473 -12.13 -12.10 39.13
CA ALA A 473 -11.43 -10.92 38.63
C ALA A 473 -12.33 -9.71 38.53
N SER A 474 -13.65 -9.90 38.42
CA SER A 474 -14.60 -8.80 38.42
C SER A 474 -15.12 -8.45 39.81
N GLN A 475 -14.92 -9.34 40.79
CA GLN A 475 -15.35 -9.07 42.15
C GLN A 475 -14.23 -8.64 43.08
N ASN A 476 -12.96 -8.80 42.69
CA ASN A 476 -11.85 -8.43 43.55
C ASN A 476 -11.06 -7.25 43.01
N LEU A 477 -10.51 -7.37 41.79
CA LEU A 477 -9.83 -6.35 41.02
C LEU A 477 -8.45 -5.96 41.58
N VAL A 478 -8.07 -6.44 42.76
CA VAL A 478 -6.86 -5.91 43.40
C VAL A 478 -5.87 -7.01 43.74
N PHE A 479 -6.25 -7.85 44.70
CA PHE A 479 -5.37 -8.89 45.20
C PHE A 479 -5.24 -10.12 44.33
N HIS A 480 -4.14 -10.17 43.58
CA HIS A 480 -3.87 -11.33 42.73
C HIS A 480 -2.36 -11.41 42.53
N SER A 481 -1.73 -12.37 43.21
CA SER A 481 -0.31 -12.63 42.99
C SER A 481 -0.12 -13.52 41.77
N ILE A 482 1.10 -13.58 41.27
CA ILE A 482 1.41 -14.33 40.06
C ILE A 482 1.94 -15.71 40.45
N THR A 483 1.24 -16.75 40.02
CA THR A 483 1.76 -18.13 40.10
C THR A 483 1.42 -18.82 38.78
N ARG A 484 2.29 -18.63 37.79
CA ARG A 484 2.13 -19.24 36.47
C ARG A 484 3.52 -19.34 35.83
N SER A 485 4.08 -20.54 35.80
CA SER A 485 5.42 -20.75 35.24
C SER A 485 5.36 -21.81 34.16
N HIS A 486 6.43 -21.86 33.37
CA HIS A 486 6.51 -22.82 32.27
C HIS A 486 6.47 -24.25 32.77
N ALA A 487 7.25 -24.55 33.81
CA ALA A 487 7.20 -25.89 34.41
C ALA A 487 5.83 -26.17 34.99
N GLU A 488 5.18 -25.15 35.58
CA GLU A 488 3.83 -25.34 36.09
C GLU A 488 2.86 -25.68 34.97
N ASN A 489 2.97 -25.00 33.82
CA ASN A 489 2.10 -25.31 32.70
C ASN A 489 2.37 -26.71 32.16
N LEU A 490 3.64 -27.12 32.13
CA LEU A 490 3.97 -28.49 31.72
C LEU A 490 3.32 -29.51 32.65
N GLN A 491 3.40 -29.28 33.96
CA GLN A 491 2.78 -30.21 34.91
C GLN A 491 1.27 -30.21 34.77
N ARG A 492 0.69 -29.05 34.51
CA ARG A 492 -0.75 -28.97 34.33
C ARG A 492 -1.17 -29.79 33.12
N TYR A 493 -0.46 -29.63 32.01
CA TYR A 493 -0.80 -30.38 30.81
C TYR A 493 -0.57 -31.88 31.00
N GLU A 494 0.45 -32.24 31.77
CA GLU A 494 0.66 -33.67 32.05
C GLU A 494 -0.50 -34.24 32.86
N VAL A 495 -1.00 -33.49 33.84
CA VAL A 495 -2.16 -33.93 34.61
C VAL A 495 -3.39 -34.02 33.72
N TRP A 496 -3.53 -33.09 32.79
CA TRP A 496 -4.68 -33.10 31.89
C TRP A 496 -4.64 -34.30 30.95
N ARG A 497 -3.47 -34.60 30.42
CA ARG A 497 -3.33 -35.72 29.49
C ARG A 497 -3.40 -37.08 30.16
N SER A 498 -2.86 -37.19 31.37
CA SER A 498 -2.85 -38.46 32.07
C SER A 498 -4.16 -38.74 32.82
N ASN A 499 -4.77 -37.71 33.41
CA ASN A 499 -5.99 -37.85 34.21
C ASN A 499 -5.80 -38.90 35.29
N PRO A 500 -4.96 -38.66 36.30
CA PRO A 500 -4.69 -39.68 37.31
C PRO A 500 -5.79 -39.83 38.35
N TYR A 501 -6.68 -38.84 38.47
CA TYR A 501 -7.73 -38.90 39.49
C TYR A 501 -9.08 -39.42 39.02
N HIS A 502 -9.23 -39.57 37.71
CA HIS A 502 -10.47 -40.07 37.12
C HIS A 502 -11.63 -39.10 37.36
N GLU A 503 -11.48 -37.92 36.78
CA GLU A 503 -12.46 -36.86 36.90
C GLU A 503 -13.11 -36.56 35.56
N SER A 504 -14.22 -35.86 35.60
CA SER A 504 -14.94 -35.49 34.39
C SER A 504 -14.23 -34.35 33.67
N VAL A 505 -14.88 -33.85 32.62
CA VAL A 505 -14.29 -32.75 31.84
C VAL A 505 -14.18 -31.49 32.68
N GLU A 506 -15.28 -31.11 33.34
CA GLU A 506 -15.31 -29.86 34.08
C GLU A 506 -14.39 -29.91 35.30
N GLU A 507 -14.40 -31.03 36.03
CA GLU A 507 -13.56 -31.14 37.22
C GLU A 507 -12.08 -31.12 36.85
N LEU A 508 -11.70 -31.85 35.80
CA LEU A 508 -10.30 -31.87 35.39
C LEU A 508 -9.88 -30.51 34.83
N ARG A 509 -10.80 -29.82 34.15
CA ARG A 509 -10.50 -28.48 33.66
C ARG A 509 -10.28 -27.52 34.82
N ASP A 510 -11.09 -27.63 35.87
CA ASP A 510 -10.89 -26.81 37.05
C ASP A 510 -9.56 -27.14 37.73
N ARG A 511 -9.20 -28.42 37.72
CA ARG A 511 -7.96 -28.85 38.34
C ARG A 511 -6.74 -28.31 37.61
N VAL A 512 -6.79 -28.33 36.28
CA VAL A 512 -5.67 -27.83 35.48
C VAL A 512 -5.74 -26.34 35.24
N LYS A 513 -6.83 -25.69 35.63
CA LYS A 513 -7.02 -24.25 35.44
C LYS A 513 -6.89 -23.86 33.98
N GLY A 514 -7.48 -24.67 33.11
CA GLY A 514 -7.53 -24.36 31.69
C GLY A 514 -6.22 -24.53 30.96
N VAL A 515 -5.68 -25.75 30.94
CA VAL A 515 -4.46 -26.09 30.22
C VAL A 515 -4.74 -27.34 29.41
N SER A 516 -4.83 -27.18 28.08
CA SER A 516 -5.14 -28.29 27.19
C SER A 516 -4.21 -28.29 25.98
N ALA A 517 -2.95 -27.95 26.20
CA ALA A 517 -1.95 -27.95 25.14
C ALA A 517 -0.57 -27.96 25.77
N LYS A 518 0.38 -28.60 25.09
CA LYS A 518 1.72 -28.76 25.62
C LYS A 518 2.55 -27.54 25.29
N PRO A 519 3.07 -26.80 26.28
CA PRO A 519 3.90 -25.64 25.98
C PRO A 519 5.20 -26.05 25.31
N PHE A 520 5.67 -25.20 24.40
CA PHE A 520 6.92 -25.45 23.70
C PHE A 520 7.88 -24.26 23.78
N ILE A 521 7.36 -23.10 24.18
CA ILE A 521 8.18 -21.91 24.31
C ILE A 521 8.04 -21.38 25.74
N GLU A 522 9.18 -21.12 26.39
CA GLU A 522 9.19 -20.56 27.73
C GLU A 522 9.14 -19.04 27.62
N THR A 523 8.09 -18.45 28.20
CA THR A 523 7.90 -17.01 28.18
C THR A 523 7.91 -16.47 29.60
N VAL A 524 8.11 -15.15 29.71
CA VAL A 524 8.13 -14.46 31.00
C VAL A 524 6.73 -13.91 31.27
N PRO A 525 6.19 -14.12 32.47
CA PRO A 525 4.84 -13.59 32.77
C PRO A 525 4.86 -12.08 32.96
N SER A 526 4.81 -11.33 31.87
CA SER A 526 4.84 -9.88 31.93
C SER A 526 3.64 -9.28 31.19
N ILE A 527 3.65 -7.97 30.99
CA ILE A 527 2.56 -7.26 30.35
C ILE A 527 3.11 -6.52 29.13
N ASP A 528 2.34 -6.55 28.04
CA ASP A 528 2.65 -5.80 26.84
C ASP A 528 1.99 -4.44 26.96
N ALA A 529 2.82 -3.39 27.11
CA ALA A 529 2.29 -2.07 27.41
C ALA A 529 1.55 -1.47 26.22
N LEU A 530 2.01 -1.73 25.00
CA LEU A 530 1.37 -1.17 23.82
C LEU A 530 -0.07 -1.65 23.68
N HIS A 531 -0.26 -2.97 23.66
CA HIS A 531 -1.60 -3.52 23.55
C HIS A 531 -2.44 -3.20 24.78
N CYS A 532 -1.81 -3.07 25.95
CA CYS A 532 -2.55 -2.65 27.14
C CYS A 532 -3.13 -1.25 26.95
N ASP A 533 -2.31 -0.33 26.46
CA ASP A 533 -2.78 1.03 26.21
C ASP A 533 -3.88 1.03 25.15
N ILE A 534 -3.71 0.23 24.10
CA ILE A 534 -4.72 0.18 23.04
C ILE A 534 -6.05 -0.34 23.58
N GLY A 535 -6.00 -1.41 24.36
CA GLY A 535 -7.24 -1.98 24.90
C GLY A 535 -7.92 -1.04 25.89
N ASN A 536 -7.12 -0.38 26.73
CA ASN A 536 -7.71 0.58 27.67
C ASN A 536 -8.35 1.75 26.94
N ALA A 537 -7.71 2.25 25.88
CA ALA A 537 -8.30 3.32 25.10
C ALA A 537 -9.59 2.87 24.42
N ALA A 538 -9.60 1.64 23.89
CA ALA A 538 -10.82 1.14 23.26
C ALA A 538 -11.96 1.02 24.27
N GLU A 539 -11.63 0.50 25.45
CA GLU A 539 -12.61 0.33 26.51
C GLU A 539 -13.19 1.67 26.94
N PHE A 540 -12.32 2.66 27.11
CA PHE A 540 -12.75 3.98 27.51
C PHE A 540 -13.67 4.53 26.42
N TYR A 541 -13.23 4.42 25.17
CA TYR A 541 -14.02 4.91 24.05
C TYR A 541 -15.44 4.33 24.09
N LYS A 542 -15.52 3.05 24.42
CA LYS A 542 -16.80 2.38 24.54
C LYS A 542 -17.58 2.99 25.71
N ILE A 543 -16.89 3.28 26.80
CA ILE A 543 -17.53 3.87 27.97
C ILE A 543 -18.05 5.26 27.64
N PHE A 544 -17.31 6.00 26.83
CA PHE A 544 -17.74 7.32 26.41
C PHE A 544 -19.05 7.13 25.65
N GLN A 545 -19.04 6.26 24.65
CA GLN A 545 -20.24 5.98 23.88
C GLN A 545 -21.43 5.68 24.78
N LEU A 546 -21.24 4.82 25.78
CA LEU A 546 -22.34 4.45 26.66
C LEU A 546 -22.79 5.62 27.53
N GLU A 547 -21.87 6.51 27.91
CA GLU A 547 -22.22 7.65 28.74
C GLU A 547 -22.96 8.72 27.96
N ILE A 548 -22.68 8.86 26.66
CA ILE A 548 -23.42 9.83 25.85
C ILE A 548 -24.90 9.45 25.80
N GLY A 549 -25.18 8.17 25.70
CA GLY A 549 -26.54 7.69 25.55
C GLY A 549 -27.28 7.40 26.83
N GLU A 550 -26.66 7.59 28.00
CA GLU A 550 -27.31 7.39 29.29
C GLU A 550 -27.85 5.96 29.44
N VAL A 551 -26.92 5.00 29.40
CA VAL A 551 -27.29 3.60 29.57
C VAL A 551 -27.71 3.34 31.02
N TYR A 552 -27.17 4.11 31.94
CA TYR A 552 -27.50 3.96 33.35
C TYR A 552 -28.96 4.36 33.62
N LYS A 553 -29.56 5.02 32.63
CA LYS A 553 -30.95 5.46 32.71
C LYS A 553 -31.88 4.63 31.84
N HIS A 554 -31.41 4.11 30.71
CA HIS A 554 -32.20 3.27 29.82
C HIS A 554 -31.39 2.02 29.52
N PRO A 555 -31.60 0.94 30.28
CA PRO A 555 -30.81 -0.28 30.08
C PRO A 555 -30.97 -0.90 28.70
N ASN A 556 -32.08 -0.67 28.03
CA ASN A 556 -32.32 -1.22 26.70
C ASN A 556 -32.06 -0.16 25.64
N ALA A 557 -31.62 -0.62 24.47
CA ALA A 557 -31.30 0.27 23.36
C ALA A 557 -31.26 -0.54 22.08
N SER A 558 -31.70 0.08 20.99
CA SER A 558 -31.68 -0.56 19.69
C SER A 558 -30.29 -0.39 19.07
N LYS A 559 -30.13 -0.84 17.82
CA LYS A 559 -28.87 -0.71 17.13
C LYS A 559 -28.68 0.66 16.49
N GLU A 560 -29.75 1.24 15.95
CA GLU A 560 -29.66 2.57 15.37
C GLU A 560 -29.28 3.61 16.41
N GLU A 561 -29.72 3.43 17.66
CA GLU A 561 -29.30 4.33 18.72
C GLU A 561 -27.80 4.26 18.96
N ARG A 562 -27.27 3.05 18.94
CA ARG A 562 -25.84 2.85 19.10
C ARG A 562 -25.10 3.54 17.96
N LYS A 563 -25.58 3.32 16.74
CA LYS A 563 -24.96 3.91 15.56
C LYS A 563 -24.93 5.43 15.66
N ARG A 564 -26.05 6.01 16.07
CA ARG A 564 -26.16 7.45 16.21
C ARG A 564 -25.18 7.96 17.27
N TRP A 565 -25.12 7.27 18.40
CA TRP A 565 -24.23 7.67 19.48
C TRP A 565 -22.78 7.67 19.00
N GLN A 566 -22.37 6.58 18.33
CA GLN A 566 -21.01 6.49 17.82
C GLN A 566 -20.73 7.59 16.80
N ALA A 567 -21.69 7.86 15.92
CA ALA A 567 -21.49 8.89 14.90
C ALA A 567 -21.36 10.27 15.54
N THR A 568 -22.18 10.56 16.56
CA THR A 568 -22.11 11.84 17.23
C THR A 568 -20.79 12.01 17.95
N LEU A 569 -20.33 10.96 18.64
CA LEU A 569 -19.03 11.03 19.32
C LEU A 569 -17.91 11.24 18.31
N ASP A 570 -17.95 10.52 17.19
CA ASP A 570 -16.91 10.65 16.18
C ASP A 570 -16.89 12.06 15.60
N LYS A 571 -18.08 12.59 15.33
CA LYS A 571 -18.21 13.93 14.78
C LYS A 571 -17.68 14.99 15.73
N HIS A 572 -18.00 14.85 17.01
CA HIS A 572 -17.54 15.79 18.01
C HIS A 572 -16.03 15.73 18.11
N LEU A 573 -15.49 14.52 18.26
CA LEU A 573 -14.04 14.39 18.38
C LEU A 573 -13.33 14.95 17.15
N ARG A 574 -13.91 14.76 15.96
CA ARG A 574 -13.29 15.29 14.75
C ARG A 574 -13.31 16.81 14.74
N LYS A 575 -14.39 17.40 15.22
CA LYS A 575 -14.54 18.85 15.21
C LYS A 575 -13.79 19.57 16.34
N ARG A 576 -13.49 18.85 17.42
CA ARG A 576 -12.81 19.46 18.55
C ARG A 576 -11.38 19.00 18.75
N MET A 577 -11.14 17.69 18.88
CA MET A 577 -9.82 17.15 19.12
C MET A 577 -9.04 16.89 17.84
N ASN A 578 -9.65 17.13 16.67
CA ASN A 578 -9.01 16.92 15.37
C ASN A 578 -8.53 15.47 15.22
N LEU A 579 -9.52 14.57 15.25
CA LEU A 579 -9.27 13.13 15.15
C LEU A 579 -10.25 12.54 14.15
N LYS A 580 -9.72 11.90 13.11
CA LYS A 580 -10.58 11.27 12.11
C LYS A 580 -11.15 9.96 12.66
N PRO A 581 -12.34 9.57 12.21
CA PRO A 581 -12.89 8.27 12.62
C PRO A 581 -12.07 7.13 12.04
N ILE A 582 -11.74 6.17 12.90
CA ILE A 582 -10.93 5.02 12.52
C ILE A 582 -11.70 3.74 12.83
N MET A 583 -11.37 2.69 12.08
CA MET A 583 -12.04 1.40 12.27
C MET A 583 -11.52 0.68 13.51
N ARG A 584 -10.22 0.39 13.53
CA ARG A 584 -9.58 -0.29 14.65
C ARG A 584 -8.76 0.71 15.45
N MET A 585 -8.72 0.52 16.76
CA MET A 585 -8.02 1.45 17.65
C MET A 585 -6.54 1.53 17.29
N ASN A 586 -6.06 2.77 17.14
CA ASN A 586 -4.68 3.02 16.73
C ASN A 586 -3.81 3.16 17.97
N GLY A 587 -2.56 3.59 17.77
CA GLY A 587 -1.67 3.84 18.88
C GLY A 587 -1.54 5.32 19.18
N ASN A 588 -1.39 6.13 18.13
CA ASN A 588 -1.34 7.58 18.31
C ASN A 588 -2.71 8.13 18.66
N PHE A 589 -3.77 7.57 18.06
CA PHE A 589 -5.12 7.94 18.45
C PHE A 589 -5.37 7.63 19.91
N ALA A 590 -4.84 6.50 20.40
CA ALA A 590 -4.95 6.17 21.81
C ALA A 590 -4.20 7.16 22.68
N ARG A 591 -3.02 7.59 22.23
CA ARG A 591 -2.23 8.54 23.03
C ARG A 591 -2.92 9.89 23.13
N LYS A 592 -3.41 10.38 22.00
CA LYS A 592 -4.09 11.68 21.95
C LYS A 592 -5.48 11.67 22.59
N LEU A 593 -6.11 10.50 22.63
CA LEU A 593 -7.45 10.40 23.20
C LEU A 593 -7.44 10.48 24.71
N MET A 594 -6.32 10.17 25.36
CA MET A 594 -6.27 10.04 26.81
C MET A 594 -5.71 11.34 27.41
N THR A 595 -6.55 12.37 27.38
CA THR A 595 -6.19 13.69 27.90
C THR A 595 -7.37 14.25 28.68
N GLN A 596 -7.07 15.26 29.51
CA GLN A 596 -8.13 15.94 30.24
C GLN A 596 -9.02 16.75 29.31
N GLU A 597 -8.40 17.31 28.27
CA GLU A 597 -9.14 18.09 27.29
C GLU A 597 -10.18 17.21 26.63
N THR A 598 -9.80 15.97 26.32
CA THR A 598 -10.75 15.05 25.69
C THR A 598 -11.99 14.87 26.54
N VAL A 599 -11.80 14.68 27.85
CA VAL A 599 -12.95 14.57 28.76
C VAL A 599 -13.74 15.88 28.76
N ASP A 600 -13.04 17.01 28.71
CA ASP A 600 -13.72 18.30 28.66
C ASP A 600 -14.60 18.42 27.43
N ALA A 601 -14.09 17.97 26.28
CA ALA A 601 -14.87 18.03 25.05
C ALA A 601 -16.04 17.05 25.08
N VAL A 602 -15.84 15.88 25.68
CA VAL A 602 -16.90 14.87 25.73
C VAL A 602 -18.02 15.31 26.66
N CYS A 603 -17.67 15.96 27.78
CA CYS A 603 -18.69 16.37 28.74
C CYS A 603 -19.67 17.38 28.16
N GLU A 604 -19.35 17.99 27.02
CA GLU A 604 -20.30 18.89 26.37
C GLU A 604 -21.47 18.15 25.76
N LEU A 605 -21.45 16.81 25.75
CA LEU A 605 -22.54 16.00 25.23
C LEU A 605 -23.39 15.35 26.30
N ILE A 606 -22.84 15.17 27.51
CA ILE A 606 -23.59 14.56 28.61
C ILE A 606 -24.33 15.65 29.36
N PRO A 607 -25.67 15.60 29.40
CA PRO A 607 -26.41 16.66 30.11
C PRO A 607 -26.28 16.57 31.62
N SER A 608 -25.98 15.40 32.16
CA SER A 608 -25.85 15.24 33.60
C SER A 608 -24.62 16.00 34.12
N GLU A 609 -24.57 16.17 35.43
CA GLU A 609 -23.49 16.90 36.07
C GLU A 609 -22.58 16.03 36.94
N GLU A 610 -23.12 14.96 37.50
CA GLU A 610 -22.34 14.06 38.33
C GLU A 610 -21.48 13.16 37.45
N ARG A 611 -21.99 12.82 36.27
CA ARG A 611 -21.29 11.97 35.34
C ARG A 611 -19.99 12.68 35.01
N HIS A 612 -20.06 13.99 34.83
CA HIS A 612 -18.88 14.80 34.54
C HIS A 612 -17.79 14.55 35.58
N GLU A 613 -18.15 14.69 36.84
CA GLU A 613 -17.22 14.48 37.94
C GLU A 613 -16.66 13.07 37.93
N ALA A 614 -17.52 12.09 37.68
CA ALA A 614 -17.11 10.70 37.62
C ALA A 614 -16.05 10.49 36.55
N LEU A 615 -16.31 11.01 35.34
CA LEU A 615 -15.34 10.85 34.26
C LEU A 615 -14.05 11.60 34.55
N ARG A 616 -14.15 12.77 35.16
CA ARG A 616 -12.95 13.53 35.51
C ARG A 616 -12.07 12.73 36.45
N GLU A 617 -12.65 12.18 37.52
CA GLU A 617 -11.85 11.40 38.46
C GLU A 617 -11.34 10.11 37.83
N LEU A 618 -12.13 9.49 36.95
CA LEU A 618 -11.69 8.29 36.25
C LEU A 618 -10.44 8.57 35.42
N MET A 619 -10.50 9.61 34.58
CA MET A 619 -9.36 9.98 33.76
C MET A 619 -8.17 10.41 34.62
N ASP A 620 -8.43 11.08 35.74
CA ASP A 620 -7.35 11.52 36.62
C ASP A 620 -6.62 10.32 37.20
N LEU A 621 -7.36 9.33 37.70
CA LEU A 621 -6.74 8.13 38.24
C LEU A 621 -5.97 7.38 37.16
N TYR A 622 -6.54 7.28 35.95
CA TYR A 622 -5.85 6.56 34.89
C TYR A 622 -4.56 7.26 34.49
N LEU A 623 -4.57 8.60 34.44
CA LEU A 623 -3.37 9.34 34.10
C LEU A 623 -2.34 9.33 35.22
N LYS A 624 -2.79 9.02 36.43
CA LYS A 624 -1.89 8.91 37.57
C LYS A 624 -1.26 7.51 37.59
N MET A 625 -1.92 6.55 36.95
CA MET A 625 -1.41 5.18 36.93
C MET A 625 -0.63 4.85 35.67
N LYS A 626 -0.82 5.64 34.61
CA LYS A 626 -0.11 5.39 33.35
C LYS A 626 1.41 5.39 33.38
N PRO A 627 2.02 6.43 33.98
CA PRO A 627 3.49 6.48 33.95
C PRO A 627 4.16 5.35 34.70
N VAL A 628 3.46 4.69 35.62
CA VAL A 628 4.06 3.58 36.35
C VAL A 628 4.39 2.44 35.41
N TRP A 629 3.49 2.13 34.48
CA TRP A 629 3.73 1.04 33.54
C TRP A 629 4.23 1.51 32.18
N ARG A 630 4.39 2.82 32.01
CA ARG A 630 4.86 3.34 30.73
C ARG A 630 6.28 3.91 30.78
N SER A 631 6.77 4.24 31.97
CA SER A 631 8.10 4.82 32.07
C SER A 631 9.17 3.74 31.97
N SER A 632 10.35 4.14 31.48
CA SER A 632 11.46 3.22 31.35
C SER A 632 12.20 3.00 32.66
N CYS A 633 11.96 3.85 33.66
CA CYS A 633 12.58 3.69 34.97
C CYS A 633 11.74 4.42 36.01
N PRO A 634 10.66 3.80 36.50
CA PRO A 634 9.78 4.49 37.45
C PRO A 634 10.45 4.78 38.79
N ALA A 635 11.46 4.00 39.18
CA ALA A 635 12.15 4.23 40.44
C ALA A 635 12.99 5.50 40.43
N LYS A 636 13.26 6.07 39.24
CA LYS A 636 14.06 7.28 39.16
C LYS A 636 13.41 8.35 38.30
N GLU A 637 12.19 8.13 37.81
CA GLU A 637 11.48 9.12 37.01
C GLU A 637 10.12 9.49 37.57
N CYS A 638 9.50 8.67 38.40
CA CYS A 638 8.20 8.95 38.99
C CYS A 638 8.02 8.16 40.28
N PRO A 639 8.82 8.46 41.31
CA PRO A 639 8.70 7.68 42.56
C PRO A 639 7.38 7.87 43.28
N GLU A 640 6.77 9.05 43.18
CA GLU A 640 5.48 9.27 43.83
C GLU A 640 4.39 8.42 43.21
N SER A 641 4.36 8.35 41.88
CA SER A 641 3.37 7.51 41.21
C SER A 641 3.60 6.03 41.52
N LEU A 642 4.87 5.63 41.69
CA LEU A 642 5.17 4.25 42.03
C LEU A 642 4.72 3.91 43.45
N CYS A 643 5.01 4.81 44.40
CA CYS A 643 4.63 4.55 45.79
C CYS A 643 3.13 4.63 46.01
N GLN A 644 2.41 5.43 45.22
CA GLN A 644 0.98 5.61 45.38
C GLN A 644 0.17 4.79 44.37
N TYR A 645 0.78 3.83 43.69
CA TYR A 645 0.07 3.08 42.66
C TYR A 645 -1.02 2.19 43.26
N SER A 646 -0.76 1.62 44.43
CA SER A 646 -1.72 0.68 45.03
C SER A 646 -3.00 1.40 45.44
N PHE A 647 -2.84 2.55 46.10
CA PHE A 647 -3.96 3.34 46.54
C PHE A 647 -4.80 3.80 45.35
N ASN A 648 -4.12 4.28 44.31
CA ASN A 648 -4.81 4.74 43.10
C ASN A 648 -5.55 3.60 42.42
N SER A 649 -4.94 2.42 42.36
CA SER A 649 -5.60 1.27 41.74
C SER A 649 -6.82 0.85 42.55
N GLN A 650 -6.73 0.88 43.87
CA GLN A 650 -7.88 0.54 44.70
C GLN A 650 -9.02 1.53 44.51
N ARG A 651 -8.69 2.83 44.45
CA ARG A 651 -9.72 3.82 44.22
C ARG A 651 -10.34 3.68 42.83
N PHE A 652 -9.52 3.35 41.84
CA PHE A 652 -10.02 3.09 40.49
C PHE A 652 -11.00 1.93 40.47
N ALA A 653 -10.64 0.83 41.14
CA ALA A 653 -11.51 -0.33 41.19
C ALA A 653 -12.81 -0.01 41.94
N GLU A 654 -12.72 0.74 43.04
CA GLU A 654 -13.92 1.11 43.78
C GLU A 654 -14.82 2.00 42.94
N LEU A 655 -14.24 2.94 42.18
CA LEU A 655 -15.02 3.79 41.30
C LEU A 655 -15.76 2.96 40.26
N LEU A 656 -15.05 2.03 39.61
CA LEU A 656 -15.70 1.16 38.63
C LEU A 656 -16.80 0.32 39.27
N SER A 657 -16.58 -0.15 40.49
CA SER A 657 -17.57 -1.03 41.12
C SER A 657 -18.80 -0.25 41.57
N THR A 658 -18.63 1.03 41.92
CA THR A 658 -19.75 1.81 42.44
C THR A 658 -20.52 2.51 41.32
N LYS A 659 -19.86 3.43 40.62
CA LYS A 659 -20.52 4.25 39.60
C LYS A 659 -20.48 3.77 38.15
N PHE A 660 -20.09 2.52 37.93
CA PHE A 660 -20.05 1.98 36.59
C PHE A 660 -20.62 0.56 36.54
N LYS A 661 -21.64 0.28 37.38
CA LYS A 661 -22.19 -1.06 37.46
C LYS A 661 -22.83 -1.50 36.16
N TYR A 662 -23.35 -0.55 35.37
CA TYR A 662 -24.08 -0.89 34.15
C TYR A 662 -23.24 -1.65 33.13
N ARG A 663 -21.90 -1.61 33.25
CA ARG A 663 -21.04 -2.31 32.32
C ARG A 663 -20.09 -3.30 32.99
N TYR A 664 -19.54 -2.94 34.15
CA TYR A 664 -18.52 -3.76 34.80
C TYR A 664 -19.08 -4.54 35.99
N GLU A 665 -20.31 -5.04 35.87
CA GLU A 665 -20.90 -5.88 36.90
C GLU A 665 -20.73 -7.35 36.53
N GLY A 666 -19.95 -8.07 37.31
CA GLY A 666 -19.76 -9.50 37.07
C GLY A 666 -18.94 -9.84 35.84
N LYS A 667 -18.22 -8.88 35.28
CA LYS A 667 -17.37 -9.15 34.12
C LYS A 667 -16.32 -8.05 34.02
N ILE A 668 -15.20 -8.40 33.40
CA ILE A 668 -14.05 -7.50 33.28
C ILE A 668 -13.21 -7.98 32.11
N THR A 669 -12.40 -7.08 31.54
CA THR A 669 -11.55 -7.45 30.44
C THR A 669 -10.26 -8.09 30.95
N ASN A 670 -9.27 -8.20 30.07
CA ASN A 670 -7.97 -8.74 30.47
C ASN A 670 -7.08 -7.64 31.04
N TYR A 671 -6.98 -6.53 30.33
CA TYR A 671 -5.95 -5.55 30.65
C TYR A 671 -6.29 -4.72 31.88
N PHE A 672 -7.57 -4.58 32.19
CA PHE A 672 -7.96 -3.86 33.39
C PHE A 672 -7.48 -4.69 34.58
N HIS A 673 -7.69 -5.99 34.53
CA HIS A 673 -7.24 -6.89 35.59
C HIS A 673 -5.72 -6.88 35.69
N LYS A 674 -5.05 -6.98 34.56
CA LYS A 674 -3.60 -6.99 34.55
C LYS A 674 -3.02 -5.71 35.14
N THR A 675 -3.65 -4.58 34.85
CA THR A 675 -3.16 -3.29 35.32
C THR A 675 -3.44 -3.10 36.81
N LEU A 676 -4.62 -3.53 37.27
CA LEU A 676 -4.99 -3.27 38.66
C LEU A 676 -4.45 -4.31 39.62
N ALA A 677 -3.99 -5.46 39.12
CA ALA A 677 -3.61 -6.55 40.02
C ALA A 677 -2.13 -6.90 39.99
N HIS A 678 -1.47 -6.81 38.84
CA HIS A 678 -0.16 -7.45 38.67
C HIS A 678 0.97 -6.47 38.35
N VAL A 679 0.71 -5.17 38.34
CA VAL A 679 1.75 -4.21 37.96
C VAL A 679 2.80 -4.02 39.06
N PRO A 680 2.42 -3.76 40.32
CA PRO A 680 3.47 -3.54 41.34
C PRO A 680 4.43 -4.71 41.50
N GLU A 681 3.93 -5.94 41.38
CA GLU A 681 4.81 -7.09 41.54
C GLU A 681 5.79 -7.20 40.38
N ILE A 682 5.33 -6.94 39.15
CA ILE A 682 6.25 -6.95 38.02
C ILE A 682 7.27 -5.83 38.15
N ILE A 683 6.86 -4.69 38.68
CA ILE A 683 7.80 -3.59 38.89
C ILE A 683 8.87 -3.99 39.90
N GLU A 684 8.45 -4.51 41.05
CA GLU A 684 9.42 -4.88 42.08
C GLU A 684 10.26 -6.09 41.66
N ARG A 685 9.82 -6.83 40.66
CA ARG A 685 10.57 -7.99 40.21
C ARG A 685 11.60 -7.66 39.12
N ASP A 686 11.15 -6.98 38.08
CA ASP A 686 12.02 -6.64 36.95
C ASP A 686 12.61 -5.25 37.04
N GLY A 687 11.87 -4.27 37.59
CA GLY A 687 12.35 -2.92 37.70
C GLY A 687 11.75 -1.93 36.73
N SER A 688 11.24 -2.39 35.59
CA SER A 688 10.71 -1.47 34.58
C SER A 688 9.80 -2.23 33.62
N ILE A 689 8.58 -1.72 33.44
CA ILE A 689 7.69 -2.18 32.38
C ILE A 689 7.73 -1.15 31.27
N GLY A 690 7.63 -1.60 30.02
CA GLY A 690 7.68 -0.70 28.90
C GLY A 690 8.97 -0.81 28.13
N ALA A 691 10.09 -0.99 28.86
CA ALA A 691 11.36 -1.25 28.20
C ALA A 691 11.36 -2.63 27.55
N TRP A 692 10.51 -3.54 28.04
CA TRP A 692 10.38 -4.88 27.51
C TRP A 692 9.16 -5.02 26.59
N ALA A 693 8.71 -3.93 26.01
CA ALA A 693 7.51 -3.95 25.18
C ALA A 693 7.78 -4.59 23.82
N SER A 694 6.71 -4.91 23.12
CA SER A 694 6.77 -5.53 21.79
C SER A 694 6.67 -4.50 20.68
N GLU A 695 7.00 -3.25 20.99
CA GLU A 695 6.92 -2.16 20.03
C GLU A 695 8.01 -2.19 18.97
N GLY A 696 9.21 -2.63 19.37
CA GLY A 696 10.32 -2.69 18.44
C GLY A 696 10.06 -3.62 17.27
N ASN A 697 9.43 -4.76 17.54
CA ASN A 697 9.07 -5.67 16.45
C ASN A 697 8.06 -5.04 15.51
N GLN A 698 7.11 -4.26 16.06
CA GLN A 698 6.14 -3.59 15.20
C GLN A 698 6.82 -2.52 14.34
N SER A 699 7.74 -1.76 14.93
CA SER A 699 8.49 -0.79 14.14
C SER A 699 9.32 -1.48 13.07
N GLY A 700 9.83 -2.67 13.36
CA GLY A 700 10.61 -3.41 12.37
C GLY A 700 9.76 -4.03 11.28
N ASN A 701 8.46 -4.22 11.55
CA ASN A 701 7.57 -4.71 10.50
C ASN A 701 7.53 -3.73 9.31
N LYS A 702 7.59 -2.45 9.62
CA LYS A 702 7.59 -1.40 8.62
C LYS A 702 8.82 -1.60 7.74
N LEU A 703 9.98 -1.72 8.38
CA LEU A 703 11.24 -1.92 7.68
C LEU A 703 11.20 -3.18 6.84
N PHE A 704 10.54 -4.22 7.35
CA PHE A 704 10.43 -5.46 6.62
C PHE A 704 9.69 -5.20 5.32
N ARG A 705 8.51 -4.59 5.42
CA ARG A 705 7.70 -4.30 4.24
C ARG A 705 8.49 -3.48 3.22
N ARG A 706 9.15 -2.42 3.68
CA ARG A 706 9.86 -1.54 2.76
C ARG A 706 11.05 -2.25 2.13
N PHE A 707 11.74 -3.09 2.88
CA PHE A 707 12.90 -3.80 2.36
C PHE A 707 12.48 -4.84 1.32
N ARG A 708 11.34 -5.47 1.57
CA ARG A 708 10.81 -6.47 0.65
C ARG A 708 10.30 -5.82 -0.63
N LYS A 709 9.77 -4.60 -0.52
CA LYS A 709 9.25 -3.90 -1.69
C LYS A 709 10.36 -3.20 -2.48
N MET A 710 11.48 -2.86 -1.85
CA MET A 710 12.46 -2.00 -2.51
C MET A 710 13.90 -2.49 -2.44
N ASN A 711 14.24 -3.45 -1.58
CA ASN A 711 15.63 -3.84 -1.38
C ASN A 711 15.78 -5.35 -1.37
N ALA A 712 15.19 -6.00 -2.38
CA ALA A 712 15.30 -7.45 -2.49
C ALA A 712 15.01 -7.87 -3.92
N ARG A 713 15.40 -9.10 -4.25
CA ARG A 713 15.13 -9.66 -5.57
C ARG A 713 13.65 -10.02 -5.60
N GLN A 714 12.96 -9.63 -6.67
CA GLN A 714 11.53 -9.89 -6.78
C GLN A 714 11.26 -11.31 -7.24
N SER A 715 11.85 -12.28 -6.56
CA SER A 715 11.67 -13.69 -6.87
C SER A 715 11.18 -14.42 -5.62
N LYS A 716 10.32 -15.42 -5.84
CA LYS A 716 9.71 -16.12 -4.71
C LYS A 716 10.72 -16.89 -3.88
N CYS A 717 11.84 -17.34 -4.48
CA CYS A 717 12.82 -18.14 -3.79
C CYS A 717 14.12 -17.37 -3.52
N TYR A 718 14.06 -16.03 -3.53
CA TYR A 718 15.23 -15.22 -3.23
C TYR A 718 14.97 -14.05 -2.30
N GLU A 719 13.72 -13.69 -2.03
CA GLU A 719 13.45 -12.46 -1.29
C GLU A 719 13.74 -12.61 0.19
N MET A 720 13.49 -13.80 0.75
CA MET A 720 13.62 -13.99 2.19
C MET A 720 15.04 -13.70 2.66
N GLU A 721 16.04 -14.34 2.06
CA GLU A 721 17.42 -14.16 2.50
C GLU A 721 17.91 -12.74 2.23
N ASP A 722 17.48 -12.13 1.13
CA ASP A 722 17.89 -10.75 0.84
C ASP A 722 17.36 -9.79 1.90
N VAL A 723 16.06 -9.90 2.21
CA VAL A 723 15.47 -9.02 3.22
C VAL A 723 16.12 -9.27 4.58
N LEU A 724 16.37 -10.54 4.90
CA LEU A 724 16.98 -10.86 6.19
C LEU A 724 18.38 -10.25 6.30
N LYS A 725 19.20 -10.41 5.26
CA LYS A 725 20.55 -9.87 5.29
C LYS A 725 20.52 -8.34 5.37
N HIS A 726 19.63 -7.71 4.60
CA HIS A 726 19.58 -6.25 4.61
C HIS A 726 19.12 -5.72 5.96
N HIS A 727 18.12 -6.35 6.56
CA HIS A 727 17.63 -5.90 7.86
C HIS A 727 18.64 -6.19 8.96
N TRP A 728 19.47 -7.23 8.79
CA TRP A 728 20.55 -7.47 9.73
C TRP A 728 21.62 -6.38 9.62
N LEU A 729 21.99 -6.03 8.38
CA LEU A 729 22.99 -4.98 8.18
C LEU A 729 22.49 -3.63 8.69
N TYR A 730 21.19 -3.37 8.55
CA TYR A 730 20.63 -2.10 8.97
C TYR A 730 20.65 -1.90 10.48
N THR A 731 20.78 -2.96 11.26
CA THR A 731 20.76 -2.89 12.72
C THR A 731 22.16 -3.13 13.29
N SER A 732 23.18 -2.61 12.61
CA SER A 732 24.56 -2.77 13.04
C SER A 732 25.03 -1.45 13.65
N LYS A 733 25.35 -1.47 14.95
CA LYS A 733 25.84 -0.27 15.61
C LYS A 733 27.17 0.19 15.03
N TYR A 734 27.97 -0.75 14.50
CA TYR A 734 29.22 -0.38 13.86
C TYR A 734 28.99 0.56 12.69
N LEU A 735 27.99 0.26 11.86
CA LEU A 735 27.67 1.13 10.73
C LEU A 735 27.00 2.41 11.21
N GLN A 736 26.18 2.32 12.25
CA GLN A 736 25.48 3.51 12.75
C GLN A 736 26.44 4.51 13.38
N LYS A 737 27.61 4.04 13.83
CA LYS A 737 28.58 4.94 14.43
C LYS A 737 29.18 5.87 13.38
N PHE A 738 29.24 5.43 12.13
CA PHE A 738 29.80 6.24 11.07
C PHE A 738 28.92 7.45 10.77
N MET A 739 27.61 7.22 10.72
CA MET A 739 26.67 8.29 10.42
C MET A 739 26.59 9.33 11.53
N ASN A 740 27.07 9.02 12.74
CA ASN A 740 27.07 9.96 13.85
C ASN A 740 28.46 10.50 14.14
N ALA A 741 29.43 10.29 13.24
CA ALA A 741 30.78 10.80 13.46
C ALA A 741 30.82 12.32 13.42
N HIS A 742 29.80 12.94 12.85
CA HIS A 742 29.75 14.39 12.79
C HIS A 742 29.61 15.00 14.17
N ASN A 743 28.99 14.26 15.09
CA ASN A 743 28.82 14.73 16.46
C ASN A 743 30.06 14.37 17.28
N ALA A 744 31.23 14.82 16.84
CA ALA A 744 32.47 14.53 17.53
C ALA A 744 33.53 15.57 17.20
N PRO B 128 61.99 37.05 15.57
CA PRO B 128 61.77 35.60 15.60
C PRO B 128 60.84 35.13 14.48
N ARG B 129 61.35 35.09 13.26
CA ARG B 129 60.56 34.65 12.11
C ARG B 129 60.61 33.12 12.01
N GLN B 130 59.44 32.49 12.07
CA GLN B 130 59.35 31.04 12.02
C GLN B 130 59.16 30.54 10.59
N HIS B 131 58.05 30.92 9.96
CA HIS B 131 57.76 30.56 8.58
C HIS B 131 56.49 31.29 8.16
N LEU B 132 56.25 31.34 6.85
CA LEU B 132 55.09 32.04 6.31
C LEU B 132 53.79 31.33 6.61
N LEU B 133 53.77 29.99 6.60
CA LEU B 133 52.53 29.25 6.81
C LEU B 133 52.30 28.86 8.27
N SER B 134 53.21 29.25 9.15
CA SER B 134 53.08 28.97 10.58
C SER B 134 52.25 30.04 11.30
N LEU B 135 51.58 30.88 10.52
CA LEU B 135 50.75 31.95 11.07
C LEU B 135 49.31 31.79 10.59
N THR B 136 48.39 32.37 11.36
CA THR B 136 46.99 32.33 11.00
C THR B 136 46.70 33.30 9.86
N ARG B 137 45.47 33.22 9.35
CA ARG B 137 45.02 34.08 8.26
C ARG B 137 45.20 35.55 8.60
N ARG B 138 44.81 35.92 9.82
CA ARG B 138 44.94 37.30 10.27
C ARG B 138 46.40 37.71 10.35
N ALA B 139 47.24 36.83 10.90
CA ALA B 139 48.66 37.12 11.02
C ALA B 139 49.34 37.13 9.65
N GLN B 140 48.98 36.19 8.76
CA GLN B 140 49.51 36.21 7.41
C GLN B 140 49.08 37.46 6.66
N LYS B 141 47.86 37.94 6.90
CA LYS B 141 47.44 39.21 6.31
C LYS B 141 48.26 40.37 6.84
N HIS B 142 48.51 40.38 8.16
CA HIS B 142 49.38 41.40 8.73
C HIS B 142 50.77 41.36 8.08
N ARG B 143 51.23 40.16 7.77
CA ARG B 143 52.56 40.01 7.17
C ARG B 143 52.62 40.35 5.68
N LEU B 144 51.51 40.24 4.97
CA LEU B 144 51.50 40.53 3.53
C LEU B 144 50.79 41.84 3.16
N ARG B 145 50.30 42.57 4.16
CA ARG B 145 49.60 43.83 3.93
C ARG B 145 50.28 44.74 2.94
N GLU B 146 51.61 44.79 3.00
CA GLU B 146 52.39 45.63 2.10
C GLU B 146 52.08 45.34 0.63
N LEU B 147 52.36 44.11 0.21
CA LEU B 147 52.14 43.70 -1.17
C LEU B 147 50.66 43.55 -1.49
N LYS B 148 49.83 43.26 -0.50
CA LYS B 148 48.38 43.31 -0.71
C LYS B 148 47.96 44.68 -1.23
N ILE B 149 48.30 45.73 -0.47
CA ILE B 149 47.95 47.09 -0.85
C ILE B 149 48.62 47.46 -2.18
N GLN B 150 49.87 47.04 -2.38
CA GLN B 150 50.59 47.42 -3.59
C GLN B 150 49.95 46.79 -4.83
N VAL B 151 49.67 45.49 -4.79
CA VAL B 151 49.02 44.82 -5.92
C VAL B 151 47.65 45.43 -6.17
N LYS B 152 46.90 45.74 -5.11
CA LYS B 152 45.59 46.37 -5.31
C LYS B 152 45.71 47.71 -6.01
N GLU B 153 46.55 48.60 -5.47
CA GLU B 153 46.68 49.95 -6.01
C GLU B 153 47.38 49.99 -7.37
N PHE B 154 48.06 48.91 -7.77
CA PHE B 154 48.69 48.88 -9.07
C PHE B 154 47.93 48.04 -10.10
N ALA B 155 46.93 47.28 -9.68
CA ALA B 155 46.05 46.57 -10.60
C ALA B 155 44.72 47.28 -10.78
N ASP B 156 44.37 48.23 -9.91
CA ASP B 156 43.13 48.98 -10.09
C ASP B 156 43.31 50.21 -10.99
N LYS B 157 44.55 50.62 -11.24
CA LYS B 157 44.79 51.82 -12.04
C LYS B 157 44.50 51.55 -13.52
N GLU B 158 45.23 50.62 -14.13
CA GLU B 158 45.11 50.35 -15.56
C GLU B 158 44.47 49.02 -15.89
N GLU B 159 44.67 48.02 -15.04
CA GLU B 159 44.13 46.69 -15.27
C GLU B 159 42.63 46.54 -14.98
N GLY B 160 41.92 47.67 -14.87
CA GLY B 160 40.50 47.60 -14.59
C GLY B 160 40.16 47.61 -13.12
N GLY B 161 40.72 46.69 -12.36
CA GLY B 161 40.49 46.65 -10.93
C GLY B 161 39.96 45.35 -10.39
N ASP B 162 40.21 44.25 -11.10
CA ASP B 162 39.82 42.91 -10.66
C ASP B 162 41.03 42.28 -9.98
N VAL B 163 40.88 41.94 -8.70
CA VAL B 163 42.00 41.43 -7.92
C VAL B 163 42.17 39.93 -8.12
N LYS B 164 41.08 39.17 -7.97
CA LYS B 164 41.17 37.72 -8.07
C LYS B 164 41.66 37.27 -9.45
N ALA B 165 41.26 37.99 -10.50
CA ALA B 165 41.71 37.66 -11.85
C ALA B 165 43.23 37.74 -11.96
N VAL B 166 43.79 38.88 -11.56
CA VAL B 166 45.24 39.06 -11.56
C VAL B 166 45.90 38.02 -10.67
N CYS B 167 45.27 37.69 -9.54
CA CYS B 167 45.85 36.71 -8.62
C CYS B 167 46.01 35.35 -9.29
N LEU B 168 44.92 34.81 -9.84
CA LEU B 168 45.06 33.46 -10.40
C LEU B 168 45.87 33.48 -11.68
N THR B 169 45.88 34.59 -12.42
CA THR B 169 46.73 34.68 -13.60
C THR B 169 48.21 34.62 -13.21
N LEU B 170 48.60 35.41 -12.21
CA LEU B 170 49.98 35.38 -11.73
C LEU B 170 50.35 34.01 -11.18
N PHE B 171 49.39 33.36 -10.50
CA PHE B 171 49.68 32.03 -9.98
C PHE B 171 49.88 31.02 -11.10
N LEU B 172 49.05 31.08 -12.14
CA LEU B 172 49.22 30.17 -13.26
C LEU B 172 50.53 30.42 -13.99
N LEU B 173 50.93 31.69 -14.11
CA LEU B 173 52.22 32.00 -14.72
C LEU B 173 53.38 31.46 -13.90
N ALA B 174 53.37 31.68 -12.58
CA ALA B 174 54.41 31.16 -11.72
C ALA B 174 54.39 29.63 -11.66
N LEU B 175 53.25 29.02 -11.95
CA LEU B 175 53.16 27.55 -11.94
C LEU B 175 53.75 26.98 -13.23
N ARG B 176 53.38 27.59 -14.35
CA ARG B 176 53.87 27.18 -15.66
C ARG B 176 55.38 27.36 -15.69
N ALA B 177 55.88 28.30 -14.88
CA ALA B 177 57.30 28.56 -14.79
C ALA B 177 57.96 27.26 -14.37
N ARG B 178 57.28 26.52 -13.51
CA ARG B 178 57.76 25.23 -13.05
C ARG B 178 57.32 24.16 -14.07
N ASN B 179 56.73 24.62 -15.16
CA ASN B 179 56.29 23.74 -16.24
C ASN B 179 55.44 22.56 -15.78
N GLU B 180 54.53 22.80 -14.85
CA GLU B 180 53.66 21.76 -14.34
C GLU B 180 52.29 21.83 -15.01
N HIS B 181 51.69 20.67 -15.21
CA HIS B 181 50.35 20.58 -15.79
C HIS B 181 49.32 20.06 -14.82
N ARG B 182 49.73 19.20 -13.90
CA ARG B 182 48.82 18.62 -12.91
C ARG B 182 48.16 19.69 -12.04
N GLN B 183 48.98 20.50 -11.40
CA GLN B 183 48.49 21.57 -10.54
C GLN B 183 47.70 22.60 -11.32
N ALA B 184 48.18 22.94 -12.52
CA ALA B 184 47.49 23.92 -13.36
C ALA B 184 46.08 23.45 -13.69
N ASP B 185 45.94 22.20 -14.14
CA ASP B 185 44.61 21.67 -14.45
C ASP B 185 43.76 21.58 -13.20
N GLU B 186 44.36 21.23 -12.06
CA GLU B 186 43.59 21.16 -10.81
C GLU B 186 42.99 22.52 -10.45
N LEU B 187 43.82 23.56 -10.46
CA LEU B 187 43.32 24.88 -10.10
C LEU B 187 42.35 25.42 -11.15
N GLU B 188 42.56 25.07 -12.42
CA GLU B 188 41.59 25.46 -13.45
C GLU B 188 40.22 24.82 -13.18
N ALA B 189 40.22 23.54 -12.84
CA ALA B 189 38.97 22.85 -12.53
C ALA B 189 38.32 23.41 -11.27
N ILE B 190 39.12 23.77 -10.28
CA ILE B 190 38.57 24.32 -9.04
C ILE B 190 37.95 25.68 -9.29
N MET B 191 38.74 26.58 -9.87
CA MET B 191 38.28 27.94 -10.14
C MET B 191 37.14 28.01 -11.15
N GLN B 192 37.04 27.01 -12.02
CA GLN B 192 35.98 26.98 -13.01
C GLN B 192 34.72 26.28 -12.51
N GLY B 193 34.87 25.27 -11.67
CA GLY B 193 33.73 24.55 -11.15
C GLY B 193 33.37 23.33 -11.97
N ARG B 194 34.35 22.48 -12.22
CA ARG B 194 34.14 21.28 -13.03
C ARG B 194 34.70 20.00 -12.41
N GLY B 195 35.63 20.12 -11.47
CA GLY B 195 36.21 18.95 -10.85
C GLY B 195 36.42 19.17 -9.36
N SER B 196 36.38 18.07 -8.61
CA SER B 196 36.53 18.12 -7.16
C SER B 196 35.49 19.09 -6.62
N GLY B 197 34.23 18.70 -6.74
CA GLY B 197 33.12 19.54 -6.32
C GLY B 197 32.05 19.61 -7.38
N LEU B 198 30.81 19.32 -6.99
CA LEU B 198 29.70 19.23 -7.91
C LEU B 198 28.94 20.54 -7.97
N GLN B 199 28.35 20.83 -9.12
CA GLN B 199 27.48 21.99 -9.24
C GLN B 199 26.16 21.72 -8.52
N PRO B 200 25.45 22.77 -8.07
CA PRO B 200 24.18 22.54 -7.38
C PRO B 200 23.14 21.84 -8.24
N ALA B 201 23.12 22.12 -9.55
CA ALA B 201 22.18 21.42 -10.42
C ALA B 201 22.51 19.93 -10.51
N VAL B 202 23.80 19.59 -10.48
CA VAL B 202 24.20 18.20 -10.56
C VAL B 202 23.74 17.42 -9.33
N CYS B 203 24.05 17.94 -8.14
CA CYS B 203 23.61 17.25 -6.93
C CYS B 203 22.10 17.29 -6.79
N LEU B 204 21.44 18.31 -7.34
CA LEU B 204 19.98 18.33 -7.36
C LEU B 204 19.44 17.17 -8.21
N ALA B 205 20.01 16.98 -9.40
CA ALA B 205 19.60 15.87 -10.24
C ALA B 205 19.85 14.53 -9.55
N ILE B 206 20.97 14.43 -8.83
CA ILE B 206 21.29 13.19 -8.14
C ILE B 206 20.28 12.93 -7.02
N ARG B 207 19.94 13.97 -6.28
CA ARG B 207 19.00 13.84 -5.18
C ARG B 207 17.58 13.54 -5.64
N VAL B 208 17.20 14.07 -6.79
CA VAL B 208 15.84 13.86 -7.30
C VAL B 208 15.73 12.50 -7.97
N ASN B 209 16.63 12.20 -8.91
CA ASN B 209 16.54 10.96 -9.68
C ASN B 209 16.85 9.72 -8.86
N THR B 210 17.26 9.86 -7.60
CA THR B 210 17.50 8.72 -6.72
C THR B 210 16.51 8.69 -5.57
N PHE B 211 15.43 9.44 -5.66
CA PHE B 211 14.40 9.42 -4.64
C PHE B 211 14.86 9.78 -3.23
N LEU B 212 15.99 10.47 -3.11
CA LEU B 212 16.48 10.85 -1.80
C LEU B 212 15.58 11.89 -1.14
N SER B 213 15.25 11.66 0.12
CA SER B 213 14.55 12.66 0.91
C SER B 213 15.51 13.78 1.30
N CYS B 214 14.94 14.94 1.62
CA CYS B 214 15.78 16.07 2.04
C CYS B 214 16.51 15.76 3.33
N SER B 215 15.87 15.04 4.25
CA SER B 215 16.53 14.67 5.50
C SER B 215 17.64 13.67 5.26
N GLN B 216 17.36 12.69 4.41
CA GLN B 216 18.34 11.68 4.05
C GLN B 216 19.54 12.33 3.39
N TYR B 217 19.27 13.20 2.44
CA TYR B 217 20.34 13.89 1.70
C TYR B 217 21.16 14.76 2.64
N HIS B 218 20.52 15.42 3.60
CA HIS B 218 21.26 16.21 4.57
C HIS B 218 22.14 15.33 5.44
N LYS B 219 21.63 14.16 5.84
CA LYS B 219 22.44 13.22 6.60
C LYS B 219 23.67 12.79 5.82
N MET B 220 23.48 12.44 4.55
CA MET B 220 24.61 12.02 3.71
C MET B 220 25.62 13.15 3.55
N TYR B 221 25.12 14.35 3.32
CA TYR B 221 25.99 15.51 3.15
C TYR B 221 26.81 15.76 4.40
N ARG B 222 26.16 15.70 5.55
CA ARG B 222 26.82 15.91 6.83
C ARG B 222 27.87 14.85 7.10
N THR B 223 27.56 13.59 6.79
CA THR B 223 28.51 12.50 6.99
C THR B 223 29.72 12.66 6.09
N VAL B 224 29.50 12.97 4.82
CA VAL B 224 30.61 13.12 3.88
C VAL B 224 31.49 14.30 4.28
N LYS B 225 30.88 15.41 4.67
CA LYS B 225 31.66 16.58 5.06
C LYS B 225 32.46 16.31 6.34
N ALA B 226 31.90 15.52 7.25
CA ALA B 226 32.59 15.23 8.49
C ALA B 226 33.76 14.28 8.27
N ILE B 227 33.54 13.20 7.52
CA ILE B 227 34.59 12.20 7.36
C ILE B 227 35.65 12.69 6.38
N THR B 228 35.25 13.12 5.19
CA THR B 228 36.23 13.53 4.19
C THR B 228 36.88 14.86 4.57
N GLY B 229 36.09 15.81 5.06
CA GLY B 229 36.59 17.14 5.32
C GLY B 229 36.55 18.08 4.12
N ARG B 230 36.01 17.63 2.99
CA ARG B 230 35.93 18.42 1.78
C ARG B 230 34.49 18.40 1.28
N GLN B 231 33.94 19.57 1.02
CA GLN B 231 32.56 19.67 0.56
C GLN B 231 32.36 19.20 -0.88
N ILE B 232 31.90 17.97 -1.03
CA ILE B 232 31.64 17.40 -2.35
C ILE B 232 30.26 17.80 -2.88
N PHE B 233 29.31 17.98 -1.97
CA PHE B 233 27.94 18.39 -2.32
C PHE B 233 27.63 19.76 -1.72
N GLN B 234 26.49 20.34 -2.11
CA GLN B 234 26.07 21.62 -1.58
C GLN B 234 25.03 21.45 -0.48
N PRO B 235 24.89 22.44 0.39
CA PRO B 235 23.84 22.37 1.42
C PRO B 235 22.45 22.42 0.82
N LEU B 236 21.46 22.31 1.69
CA LEU B 236 20.07 22.20 1.24
C LEU B 236 19.58 23.53 0.66
N HIS B 237 20.03 24.65 1.22
CA HIS B 237 19.56 25.94 0.71
C HIS B 237 20.04 26.20 -0.70
N ALA B 238 21.23 25.69 -1.06
CA ALA B 238 21.67 25.79 -2.45
C ALA B 238 20.73 25.05 -3.38
N LEU B 239 20.26 23.88 -2.96
CA LEU B 239 19.27 23.15 -3.75
C LEU B 239 17.98 23.94 -3.87
N ARG B 240 17.51 24.46 -2.75
CA ARG B 240 16.28 25.24 -2.76
C ARG B 240 16.40 26.39 -3.74
N ASN B 241 17.54 27.07 -3.71
CA ASN B 241 17.77 28.21 -4.60
C ASN B 241 17.86 27.79 -6.06
N ALA B 242 18.50 26.65 -6.36
CA ALA B 242 18.58 26.18 -7.73
C ALA B 242 17.25 25.68 -8.26
N GLU B 243 16.31 25.33 -7.37
CA GLU B 243 15.02 24.83 -7.84
C GLU B 243 14.25 25.90 -8.61
N LYS B 244 14.44 27.15 -8.24
CA LYS B 244 13.74 28.27 -8.86
C LYS B 244 13.81 28.36 -10.38
N VAL B 245 14.94 27.95 -10.94
CA VAL B 245 15.14 28.04 -12.38
C VAL B 245 14.27 27.03 -13.12
N LEU B 246 14.03 25.86 -12.51
CA LEU B 246 13.31 24.79 -13.17
C LEU B 246 11.80 24.91 -12.99
N LEU B 247 11.35 25.43 -11.86
CA LEU B 247 9.92 25.53 -11.60
C LEU B 247 9.27 26.55 -12.53
N PRO B 248 7.98 26.39 -12.82
CA PRO B 248 7.29 27.35 -13.69
C PRO B 248 7.21 28.73 -13.06
N GLY B 249 6.88 29.70 -13.90
CA GLY B 249 6.78 31.07 -13.44
C GLY B 249 8.11 31.75 -13.26
N TYR B 250 9.06 31.50 -14.13
CA TYR B 250 10.40 32.10 -14.05
C TYR B 250 10.82 32.82 -15.31
N HIS B 251 10.42 32.31 -16.49
CA HIS B 251 10.86 32.92 -17.73
C HIS B 251 9.76 33.80 -18.32
N PRO B 252 10.13 34.96 -18.85
CA PRO B 252 9.12 35.85 -19.45
C PRO B 252 8.65 35.34 -20.80
N PHE B 253 7.38 35.56 -21.09
CA PHE B 253 6.79 35.13 -22.35
C PHE B 253 5.57 35.98 -22.64
N GLU B 254 5.14 35.99 -23.90
CA GLU B 254 3.98 36.77 -24.29
C GLU B 254 3.40 36.26 -25.61
N TRP B 255 2.11 36.00 -25.61
CA TRP B 255 1.43 35.52 -26.81
C TRP B 255 1.16 36.68 -27.75
N GLN B 256 1.09 36.40 -29.04
CA GLN B 256 0.84 37.43 -30.04
C GLN B 256 -0.41 38.23 -29.72
N PRO B 257 -1.57 37.55 -29.74
CA PRO B 257 -2.86 38.15 -29.39
C PRO B 257 -3.19 37.70 -27.99
N PRO B 258 -3.00 38.59 -26.99
CA PRO B 258 -3.22 38.39 -25.55
C PRO B 258 -4.35 37.43 -25.23
N LEU B 259 -4.04 36.39 -24.45
CA LEU B 259 -5.06 35.42 -24.09
C LEU B 259 -6.27 36.09 -23.46
N LYS B 260 -7.43 35.49 -23.65
CA LYS B 260 -8.68 36.01 -23.12
C LYS B 260 -8.91 35.46 -21.72
N ASN B 261 -9.30 36.34 -20.79
CA ASN B 261 -9.60 35.98 -19.41
C ASN B 261 -8.39 35.35 -18.71
N VAL B 262 -7.18 35.68 -19.15
CA VAL B 262 -5.95 35.18 -18.57
C VAL B 262 -5.05 36.36 -18.24
N SER B 263 -4.48 36.34 -17.04
CA SER B 263 -3.62 37.44 -16.61
C SER B 263 -2.30 37.42 -17.38
N SER B 264 -1.53 38.50 -17.24
CA SER B 264 -0.24 38.63 -17.89
C SER B 264 0.93 38.38 -16.94
N ARG B 265 0.67 38.18 -15.66
CA ARG B 265 1.73 37.92 -14.69
C ARG B 265 2.50 36.66 -15.04
N THR B 266 3.80 36.82 -15.29
CA THR B 266 4.67 35.72 -15.67
C THR B 266 5.35 35.03 -14.49
N ASP B 267 5.14 35.54 -13.28
CA ASP B 267 5.72 34.96 -12.06
C ASP B 267 4.71 34.16 -11.26
N VAL B 268 3.79 33.48 -11.94
CA VAL B 268 2.72 32.74 -11.28
C VAL B 268 3.12 31.27 -11.27
N GLY B 269 3.36 30.73 -10.08
CA GLY B 269 3.72 29.34 -9.94
C GLY B 269 2.61 28.48 -9.36
N ILE B 270 2.88 27.81 -8.25
CA ILE B 270 1.88 27.00 -7.59
C ILE B 270 0.82 27.90 -6.95
N ILE B 271 -0.43 27.72 -7.36
CA ILE B 271 -1.53 28.52 -6.84
C ILE B 271 -2.59 27.62 -6.23
N ASP B 272 -3.64 28.22 -5.71
CA ASP B 272 -4.75 27.43 -5.16
C ASP B 272 -5.57 26.82 -6.29
N GLY B 273 -6.03 25.59 -6.06
CA GLY B 273 -6.74 24.85 -7.08
C GLY B 273 -8.23 25.16 -7.13
N LEU B 274 -8.79 25.62 -6.02
CA LEU B 274 -10.22 25.95 -5.98
C LEU B 274 -10.57 27.15 -6.85
N SER B 275 -9.58 27.93 -7.28
CA SER B 275 -9.79 29.07 -8.17
C SER B 275 -10.78 30.08 -7.57
N GLY B 276 -10.54 30.45 -6.32
CA GLY B 276 -11.38 31.43 -5.66
C GLY B 276 -12.76 30.95 -5.28
N LEU B 277 -12.98 29.65 -5.19
CA LEU B 277 -14.29 29.13 -4.79
C LEU B 277 -14.59 29.51 -3.35
N ALA B 278 -15.76 30.10 -3.14
CA ALA B 278 -16.14 30.55 -1.81
C ALA B 278 -16.46 29.36 -0.90
N SER B 279 -15.99 29.45 0.34
CA SER B 279 -16.18 28.39 1.32
C SER B 279 -17.13 28.79 2.43
N SER B 280 -17.99 29.79 2.18
CA SER B 280 -18.94 30.21 3.20
C SER B 280 -19.96 29.11 3.45
N VAL B 281 -20.47 29.06 4.69
CA VAL B 281 -21.48 28.08 5.05
C VAL B 281 -22.79 28.34 4.32
N ASP B 282 -22.99 29.55 3.81
CA ASP B 282 -24.24 29.92 3.15
C ASP B 282 -24.35 29.34 1.74
N GLU B 283 -23.30 28.67 1.28
CA GLU B 283 -23.29 28.10 -0.07
C GLU B 283 -23.10 26.60 -0.10
N TYR B 284 -22.91 26.05 -1.30
CA TYR B 284 -22.71 24.62 -1.46
C TYR B 284 -21.50 24.19 -0.65
N PRO B 285 -21.61 23.05 0.07
CA PRO B 285 -20.48 22.62 0.89
C PRO B 285 -19.29 22.22 0.03
N VAL B 286 -18.10 22.61 0.49
CA VAL B 286 -16.84 22.24 -0.15
C VAL B 286 -16.05 21.39 0.84
N ASP B 287 -15.50 20.28 0.35
CA ASP B 287 -14.75 19.36 1.20
C ASP B 287 -13.50 18.83 0.51
N THR B 288 -12.97 19.58 -0.45
CA THR B 288 -11.79 19.16 -1.20
C THR B 288 -10.75 20.26 -1.16
N ILE B 289 -9.53 19.88 -1.52
CA ILE B 289 -8.38 20.78 -1.58
C ILE B 289 -7.72 20.53 -2.93
N ALA B 290 -7.06 21.55 -3.48
CA ALA B 290 -6.44 21.38 -4.78
C ALA B 290 -5.28 22.35 -4.95
N LYS B 291 -4.28 21.92 -5.71
CA LYS B 291 -3.14 22.74 -6.08
C LYS B 291 -2.81 22.49 -7.54
N ARG B 292 -2.41 23.54 -8.24
CA ARG B 292 -2.13 23.42 -9.67
C ARG B 292 -1.26 24.59 -10.12
N PHE B 293 -0.66 24.41 -11.30
CA PHE B 293 0.08 25.47 -11.95
C PHE B 293 -0.87 26.26 -12.85
N ARG B 294 -0.31 27.15 -13.66
CA ARG B 294 -1.04 27.77 -14.75
C ARG B 294 -0.54 27.14 -16.05
N TYR B 295 -1.48 26.84 -16.95
CA TYR B 295 -1.19 25.94 -18.06
C TYR B 295 -0.16 26.54 -19.01
N ASP B 296 -0.33 27.82 -19.36
CA ASP B 296 0.65 28.45 -20.25
C ASP B 296 2.03 28.52 -19.59
N SER B 297 2.07 28.82 -18.29
CA SER B 297 3.34 28.84 -17.58
C SER B 297 3.97 27.46 -17.56
N ALA B 298 3.14 26.42 -17.41
CA ALA B 298 3.66 25.05 -17.42
C ALA B 298 4.26 24.70 -18.78
N LEU B 299 3.58 25.09 -19.86
CA LEU B 299 4.12 24.82 -21.19
C LEU B 299 5.40 25.59 -21.44
N VAL B 300 5.47 26.84 -20.97
CA VAL B 300 6.70 27.62 -21.13
C VAL B 300 7.85 26.98 -20.35
N SER B 301 7.57 26.48 -19.14
CA SER B 301 8.60 25.79 -18.38
C SER B 301 9.05 24.52 -19.09
N ALA B 302 8.10 23.78 -19.68
CA ALA B 302 8.48 22.56 -20.40
C ALA B 302 9.34 22.88 -21.62
N LEU B 303 9.01 23.97 -22.32
CA LEU B 303 9.81 24.35 -23.48
C LEU B 303 11.21 24.81 -23.06
N MET B 304 11.30 25.56 -21.96
CA MET B 304 12.62 25.90 -21.43
C MET B 304 13.39 24.65 -21.04
N ASP B 305 12.68 23.61 -20.58
CA ASP B 305 13.36 22.39 -20.17
C ASP B 305 13.88 21.61 -21.38
N MET B 306 13.09 21.59 -22.45
CA MET B 306 13.42 20.86 -23.67
C MET B 306 14.22 21.64 -24.71
N GLU B 307 14.53 22.89 -24.40
CA GLU B 307 15.28 23.75 -25.31
C GLU B 307 16.48 23.03 -25.95
N GLU B 308 17.28 22.35 -25.13
CA GLU B 308 18.48 21.70 -25.65
C GLU B 308 18.12 20.58 -26.62
N ASP B 309 17.10 19.80 -26.31
CA ASP B 309 16.67 18.74 -27.23
C ASP B 309 16.15 19.32 -28.53
N ILE B 310 15.41 20.44 -28.45
CA ILE B 310 14.90 21.08 -29.66
C ILE B 310 16.05 21.57 -30.53
N LEU B 311 17.07 22.18 -29.90
CA LEU B 311 18.21 22.67 -30.66
C LEU B 311 19.00 21.52 -31.29
N GLU B 312 19.18 20.43 -30.55
CA GLU B 312 19.88 19.28 -31.11
C GLU B 312 19.10 18.66 -32.26
N GLY B 313 17.77 18.63 -32.16
CA GLY B 313 16.97 18.14 -33.26
C GLY B 313 17.06 19.03 -34.49
N MET B 314 17.14 20.33 -34.25
CA MET B 314 17.27 21.29 -35.34
C MET B 314 18.61 21.08 -36.04
N ARG B 315 19.65 20.85 -35.25
CA ARG B 315 20.98 20.65 -35.83
C ARG B 315 21.08 19.32 -36.57
N SER B 316 20.42 18.28 -36.06
CA SER B 316 20.55 16.95 -36.64
C SER B 316 19.79 16.80 -37.95
N GLN B 317 18.80 17.64 -38.22
CA GLN B 317 17.99 17.56 -39.44
C GLN B 317 18.52 18.45 -40.55
N ASP B 318 19.73 18.98 -40.41
CA ASP B 318 20.35 19.88 -41.39
C ASP B 318 19.50 21.15 -41.56
N LEU B 319 19.33 21.86 -40.44
CA LEU B 319 18.66 23.16 -40.43
C LEU B 319 19.57 24.17 -39.75
N ASP B 320 19.11 25.42 -39.75
CA ASP B 320 19.84 26.54 -39.14
C ASP B 320 19.27 26.82 -37.77
N ASP B 321 20.15 27.08 -36.79
CA ASP B 321 19.70 27.32 -35.43
C ASP B 321 19.01 28.66 -35.27
N TYR B 322 19.30 29.63 -36.13
CA TYR B 322 18.69 30.95 -36.01
C TYR B 322 17.29 31.02 -36.62
N LEU B 323 16.73 29.89 -37.04
CA LEU B 323 15.37 29.90 -37.56
C LEU B 323 14.37 30.16 -36.45
N ASN B 324 13.42 31.04 -36.72
CA ASN B 324 12.38 31.41 -35.75
C ASN B 324 10.98 31.17 -36.32
N GLY B 325 10.85 30.18 -37.20
CA GLY B 325 9.58 29.86 -37.81
C GLY B 325 8.57 29.36 -36.80
N PRO B 326 7.32 29.22 -37.24
CA PRO B 326 6.26 28.77 -36.32
C PRO B 326 6.41 27.30 -35.96
N PHE B 327 6.82 27.02 -34.72
CA PHE B 327 6.94 25.65 -34.25
C PHE B 327 5.56 25.08 -33.93
N THR B 328 5.29 23.89 -34.45
CA THR B 328 4.02 23.21 -34.24
C THR B 328 4.21 22.13 -33.18
N VAL B 329 3.57 22.31 -32.04
CA VAL B 329 3.69 21.39 -30.91
C VAL B 329 2.37 20.68 -30.70
N VAL B 330 2.44 19.39 -30.42
CA VAL B 330 1.26 18.58 -30.09
C VAL B 330 1.53 17.91 -28.76
N VAL B 331 0.54 17.92 -27.87
CA VAL B 331 0.68 17.36 -26.53
C VAL B 331 -0.34 16.24 -26.35
N LYS B 332 -0.21 15.55 -25.22
CA LYS B 332 -1.09 14.46 -24.86
C LYS B 332 -1.60 14.72 -23.45
N GLU B 333 -2.92 14.66 -23.27
CA GLU B 333 -3.53 14.90 -21.98
C GLU B 333 -4.05 13.60 -21.38
N SER B 334 -4.14 13.58 -20.06
CA SER B 334 -4.58 12.39 -19.34
C SER B 334 -5.18 12.81 -18.00
N CYS B 335 -6.07 11.96 -17.49
CA CYS B 335 -6.73 12.21 -16.22
C CYS B 335 -7.36 10.92 -15.69
N ASP B 336 -7.07 10.58 -14.43
CA ASP B 336 -7.61 9.37 -13.83
C ASP B 336 -7.83 9.60 -12.34
N GLY B 337 -8.82 8.90 -11.80
CA GLY B 337 -9.09 8.93 -10.38
C GLY B 337 -8.36 7.81 -9.65
N MET B 338 -8.15 8.02 -8.35
CA MET B 338 -7.41 7.08 -7.53
C MET B 338 -8.17 6.82 -6.23
N GLY B 339 -8.08 5.58 -5.74
CA GLY B 339 -8.71 5.18 -4.51
C GLY B 339 -7.68 4.81 -3.45
N ASP B 340 -8.19 4.55 -2.25
CA ASP B 340 -7.38 4.15 -1.10
C ASP B 340 -6.30 5.17 -0.80
N VAL B 341 -6.68 6.44 -0.85
CA VAL B 341 -5.80 7.54 -0.47
C VAL B 341 -6.24 7.97 0.92
N SER B 342 -5.58 7.44 1.94
CA SER B 342 -6.01 7.62 3.31
C SER B 342 -5.97 9.09 3.73
N GLU B 343 -6.90 9.47 4.57
CA GLU B 343 -6.99 10.81 5.13
C GLU B 343 -6.12 10.91 6.38
N LYS B 344 -5.64 12.11 6.66
CA LYS B 344 -4.78 12.37 7.81
C LYS B 344 -5.57 13.01 8.94
N HIS B 345 -5.00 12.95 10.14
CA HIS B 345 -5.59 13.61 11.29
C HIS B 345 -5.41 15.12 11.19
N GLY B 346 -5.88 15.82 12.22
CA GLY B 346 -5.68 17.26 12.29
C GLY B 346 -6.86 18.05 11.75
N SER B 347 -6.66 19.36 11.71
CA SER B 347 -7.67 20.28 11.23
C SER B 347 -7.76 20.25 9.70
N GLY B 348 -8.80 20.88 9.18
CA GLY B 348 -9.03 20.93 7.75
C GLY B 348 -10.41 20.41 7.38
N PRO B 349 -10.77 20.54 6.10
CA PRO B 349 -12.07 20.06 5.66
C PRO B 349 -12.14 18.54 5.66
N ALA B 350 -13.36 18.02 5.56
CA ALA B 350 -13.61 16.58 5.53
C ALA B 350 -13.23 16.06 4.16
N VAL B 351 -11.95 15.76 3.98
CA VAL B 351 -11.41 15.31 2.70
C VAL B 351 -11.80 13.86 2.45
N PRO B 352 -12.35 13.52 1.30
CA PRO B 352 -12.67 12.12 1.01
C PRO B 352 -11.41 11.29 0.81
N GLU B 353 -11.57 9.97 0.84
CA GLU B 353 -10.47 9.04 0.67
C GLU B 353 -10.25 8.65 -0.78
N LYS B 354 -10.13 9.66 -1.63
CA LYS B 354 -9.91 9.44 -3.06
C LYS B 354 -9.02 10.55 -3.59
N ALA B 355 -8.61 10.41 -4.85
CA ALA B 355 -7.75 11.38 -5.49
C ALA B 355 -7.94 11.32 -6.99
N VAL B 356 -7.81 12.47 -7.64
CA VAL B 356 -7.91 12.58 -9.09
C VAL B 356 -6.72 13.41 -9.60
N ARG B 357 -6.04 12.89 -10.61
CA ARG B 357 -4.85 13.54 -11.14
C ARG B 357 -5.08 13.97 -12.58
N PHE B 358 -4.36 15.01 -12.99
CA PHE B 358 -4.42 15.51 -14.36
C PHE B 358 -3.01 15.88 -14.81
N SER B 359 -2.65 15.47 -16.01
CA SER B 359 -1.29 15.66 -16.49
C SER B 359 -1.31 15.88 -18.00
N PHE B 360 -0.16 16.32 -18.52
CA PHE B 360 0.02 16.55 -19.94
C PHE B 360 1.39 16.04 -20.35
N THR B 361 1.58 15.79 -21.64
CA THR B 361 2.83 15.25 -22.16
C THR B 361 2.99 15.65 -23.61
N VAL B 362 4.10 16.31 -23.93
CA VAL B 362 4.39 16.66 -25.31
C VAL B 362 4.67 15.39 -26.10
N MET B 363 4.41 15.44 -27.41
CA MET B 363 4.62 14.30 -28.27
C MET B 363 5.66 14.56 -29.37
N ARG B 364 5.50 15.64 -30.10
CA ARG B 364 6.43 15.96 -31.16
C ARG B 364 6.39 17.43 -31.54
N ILE B 365 7.48 17.91 -32.12
CA ILE B 365 7.60 19.30 -32.55
C ILE B 365 8.06 19.31 -34.00
N THR B 366 7.38 20.10 -34.83
CA THR B 366 7.64 20.09 -36.27
C THR B 366 7.64 21.52 -36.79
N ILE B 367 8.71 21.90 -37.49
CA ILE B 367 8.80 23.19 -38.16
C ILE B 367 8.45 23.02 -39.62
N GLU B 368 7.85 24.06 -40.20
CA GLU B 368 7.56 24.09 -41.63
C GLU B 368 8.73 24.75 -42.34
N HIS B 369 9.62 23.94 -42.91
CA HIS B 369 10.79 24.42 -43.62
C HIS B 369 10.57 24.26 -45.12
N GLY B 370 10.75 25.36 -45.86
CA GLY B 370 10.55 25.33 -47.29
C GLY B 370 9.10 25.10 -47.68
N SER B 371 8.82 23.92 -48.24
CA SER B 371 7.46 23.57 -48.67
C SER B 371 6.81 22.57 -47.72
N GLN B 372 7.48 21.45 -47.45
CA GLN B 372 6.93 20.40 -46.61
C GLN B 372 7.32 20.65 -45.15
N ASN B 373 7.04 19.68 -44.29
CA ASN B 373 7.34 19.76 -42.87
C ASN B 373 8.48 18.81 -42.52
N VAL B 374 9.11 19.06 -41.38
CA VAL B 374 10.15 18.18 -40.85
C VAL B 374 10.10 18.20 -39.33
N LYS B 375 10.04 17.02 -38.72
CA LYS B 375 9.93 16.93 -37.28
C LYS B 375 11.28 17.21 -36.62
N VAL B 376 11.26 17.99 -35.55
CA VAL B 376 12.49 18.34 -34.85
C VAL B 376 12.73 17.45 -33.64
N PHE B 377 11.69 17.18 -32.87
CA PHE B 377 11.82 16.33 -31.70
C PHE B 377 10.58 15.49 -31.46
N GLU B 378 10.77 14.29 -30.94
CA GLU B 378 9.66 13.40 -30.64
C GLU B 378 10.05 12.50 -29.47
N GLU B 379 9.09 12.20 -28.61
CA GLU B 379 9.36 11.42 -27.42
C GLU B 379 9.68 9.98 -27.80
N PRO B 380 10.83 9.44 -27.40
CA PRO B 380 11.15 8.04 -27.72
C PRO B 380 10.37 7.06 -26.87
N LYS B 381 10.08 7.44 -25.62
CA LYS B 381 9.33 6.63 -24.67
C LYS B 381 8.04 7.36 -24.31
N PRO B 382 7.01 7.25 -25.15
CA PRO B 382 5.77 8.01 -24.90
C PRO B 382 5.01 7.54 -23.68
N ASN B 383 5.17 6.28 -23.27
CA ASN B 383 4.47 5.73 -22.11
C ASN B 383 5.37 5.62 -20.89
N SER B 384 6.36 6.50 -20.78
CA SER B 384 7.28 6.46 -19.65
C SER B 384 6.83 7.40 -18.54
N GLU B 385 7.26 7.13 -17.32
CA GLU B 385 6.90 7.98 -16.20
C GLU B 385 7.82 9.19 -16.11
N LEU B 386 8.91 9.17 -16.87
CA LEU B 386 9.86 10.27 -16.86
C LEU B 386 9.46 11.41 -17.80
N CYS B 387 8.26 11.37 -18.40
CA CYS B 387 7.83 12.40 -19.33
C CYS B 387 6.37 12.79 -19.10
N CYS B 388 5.77 12.37 -17.99
CA CYS B 388 4.38 12.68 -17.68
C CYS B 388 4.36 13.84 -16.69
N LYS B 389 4.29 15.06 -17.21
CA LYS B 389 4.35 16.25 -16.37
C LYS B 389 3.00 16.47 -15.70
N PRO B 390 2.96 16.54 -14.37
CA PRO B 390 1.69 16.79 -13.69
C PRO B 390 1.27 18.25 -13.81
N LEU B 391 -0.04 18.46 -13.83
CA LEU B 391 -0.59 19.81 -13.90
C LEU B 391 -1.47 20.17 -12.71
N CYS B 392 -2.40 19.29 -12.34
CA CYS B 392 -3.34 19.58 -11.27
C CYS B 392 -3.49 18.34 -10.39
N LEU B 393 -3.59 18.56 -9.08
CA LEU B 393 -3.73 17.49 -8.10
C LEU B 393 -4.76 17.89 -7.07
N MET B 394 -5.78 17.05 -6.90
CA MET B 394 -6.84 17.32 -5.94
C MET B 394 -7.37 16.03 -5.33
N LEU B 395 -7.72 16.08 -4.05
CA LEU B 395 -8.25 14.91 -3.35
C LEU B 395 -9.76 14.97 -3.41
N ALA B 396 -10.33 14.49 -4.51
CA ALA B 396 -11.76 14.49 -4.72
C ALA B 396 -12.16 13.14 -5.32
N ASP B 397 -13.42 13.05 -5.74
CA ASP B 397 -13.96 11.83 -6.34
C ASP B 397 -14.21 12.08 -7.83
N GLU B 398 -13.77 11.13 -8.66
CA GLU B 398 -14.00 11.25 -10.10
C GLU B 398 -15.46 11.14 -10.46
N SER B 399 -16.31 10.65 -9.56
CA SER B 399 -17.74 10.58 -9.80
C SER B 399 -18.50 11.82 -9.36
N ASP B 400 -17.91 12.64 -8.49
CA ASP B 400 -18.53 13.90 -8.09
C ASP B 400 -18.45 14.90 -9.24
N HIS B 401 -19.50 14.94 -10.05
CA HIS B 401 -19.51 15.83 -11.22
C HIS B 401 -19.38 17.30 -10.89
N GLU B 402 -20.03 17.74 -9.83
CA GLU B 402 -20.01 19.15 -9.46
C GLU B 402 -18.59 19.61 -9.11
N THR B 403 -17.95 18.92 -8.16
CA THR B 403 -16.61 19.29 -7.75
C THR B 403 -15.61 19.12 -8.90
N LEU B 404 -15.78 18.06 -9.69
CA LEU B 404 -14.87 17.83 -10.81
C LEU B 404 -14.92 18.99 -11.80
N THR B 405 -16.13 19.42 -12.17
CA THR B 405 -16.24 20.55 -13.09
C THR B 405 -15.75 21.84 -12.44
N ALA B 406 -16.06 22.05 -11.17
CA ALA B 406 -15.60 23.27 -10.49
C ALA B 406 -14.08 23.35 -10.45
N ILE B 407 -13.41 22.21 -10.39
CA ILE B 407 -11.95 22.23 -10.37
C ILE B 407 -11.36 22.31 -11.77
N LEU B 408 -12.00 21.67 -12.76
CA LEU B 408 -11.40 21.57 -14.09
C LEU B 408 -11.81 22.67 -15.05
N SER B 409 -12.82 23.49 -14.71
CA SER B 409 -13.25 24.52 -15.64
C SER B 409 -12.20 25.59 -15.92
N PRO B 410 -11.40 26.07 -14.95
CA PRO B 410 -10.36 27.05 -15.31
C PRO B 410 -9.32 26.50 -16.27
N LEU B 411 -8.92 25.23 -16.10
CA LEU B 411 -7.95 24.64 -17.01
C LEU B 411 -8.52 24.53 -18.43
N ILE B 412 -9.79 24.15 -18.55
CA ILE B 412 -10.40 24.05 -19.86
C ILE B 412 -10.55 25.43 -20.49
N ALA B 413 -10.85 26.45 -19.69
CA ALA B 413 -10.92 27.81 -20.21
C ALA B 413 -9.56 28.25 -20.74
N GLU B 414 -8.51 27.99 -19.97
CA GLU B 414 -7.16 28.35 -20.42
C GLU B 414 -6.80 27.61 -21.71
N ARG B 415 -7.14 26.32 -21.78
CA ARG B 415 -6.86 25.53 -22.97
C ARG B 415 -7.58 26.11 -24.20
N GLU B 416 -8.86 26.42 -24.05
CA GLU B 416 -9.64 26.98 -25.16
C GLU B 416 -9.07 28.33 -25.59
N ALA B 417 -8.66 29.15 -24.63
CA ALA B 417 -8.10 30.46 -24.97
C ALA B 417 -6.76 30.31 -25.67
N MET B 418 -5.99 29.32 -25.29
CA MET B 418 -4.68 29.09 -25.88
C MET B 418 -4.75 28.48 -27.28
N LYS B 419 -5.83 27.76 -27.55
CA LYS B 419 -5.99 27.10 -28.85
C LYS B 419 -6.01 28.03 -30.06
N SER B 420 -5.98 29.33 -29.83
CA SER B 420 -6.02 30.29 -30.93
C SER B 420 -5.06 31.45 -30.69
N SER B 421 -3.82 31.12 -30.32
CA SER B 421 -2.81 32.15 -30.07
C SER B 421 -1.44 31.58 -30.37
N GLU B 422 -0.47 32.48 -30.53
CA GLU B 422 0.92 32.13 -30.74
C GLU B 422 1.76 32.63 -29.59
N LEU B 423 2.87 31.93 -29.34
CA LEU B 423 3.74 32.20 -28.19
C LEU B 423 5.10 32.66 -28.70
N THR B 424 5.48 33.88 -28.34
CA THR B 424 6.82 34.40 -28.59
C THR B 424 7.73 34.04 -27.43
N LEU B 425 8.78 33.29 -27.71
CA LEU B 425 9.61 32.73 -26.64
C LEU B 425 11.07 32.77 -27.08
N GLU B 426 11.96 32.99 -26.11
CA GLU B 426 13.37 33.15 -26.38
C GLU B 426 14.09 31.81 -26.15
N MET B 427 14.78 31.33 -27.18
CA MET B 427 15.60 30.13 -27.11
C MET B 427 16.98 30.44 -27.64
N GLY B 428 17.98 30.43 -26.75
CA GLY B 428 19.34 30.76 -27.16
C GLY B 428 19.53 32.20 -27.59
N GLY B 429 18.64 33.10 -27.17
CA GLY B 429 18.75 34.49 -27.54
C GLY B 429 18.02 34.86 -28.82
N ILE B 430 17.07 34.03 -29.26
CA ILE B 430 16.31 34.31 -30.47
C ILE B 430 14.82 34.11 -30.16
N PRO B 431 13.97 35.11 -30.42
CA PRO B 431 12.53 34.95 -30.19
C PRO B 431 11.94 33.92 -31.15
N ARG B 432 11.37 32.87 -30.57
CA ARG B 432 10.76 31.80 -31.36
C ARG B 432 9.24 31.84 -31.25
N THR B 433 8.58 31.34 -32.29
CA THR B 433 7.13 31.32 -32.36
C THR B 433 6.63 29.89 -32.15
N PHE B 434 5.62 29.74 -31.30
CA PHE B 434 5.09 28.43 -30.94
C PHE B 434 3.59 28.40 -31.16
N LYS B 435 3.10 27.29 -31.70
CA LYS B 435 1.67 27.00 -31.78
C LYS B 435 1.44 25.58 -31.30
N PHE B 436 0.23 25.35 -30.76
CA PHE B 436 -0.06 24.11 -30.08
C PHE B 436 -1.25 23.41 -30.72
N ILE B 437 -1.27 22.08 -30.59
CA ILE B 437 -2.38 21.23 -31.00
C ILE B 437 -2.66 20.28 -29.85
N PHE B 438 -3.75 20.51 -29.14
CA PHE B 438 -4.10 19.72 -27.98
C PHE B 438 -4.91 18.48 -28.29
N ARG B 439 -4.42 17.33 -27.83
CA ARG B 439 -5.10 16.06 -28.05
C ARG B 439 -5.18 15.27 -26.76
N GLY B 440 -6.41 14.94 -26.35
CA GLY B 440 -6.62 14.19 -25.13
C GLY B 440 -7.06 12.76 -25.38
N THR B 441 -6.17 11.80 -25.10
CA THR B 441 -6.45 10.39 -25.33
C THR B 441 -6.24 9.51 -24.12
N GLY B 442 -5.53 9.96 -23.09
CA GLY B 442 -5.27 9.13 -21.93
C GLY B 442 -6.43 9.06 -20.97
N TYR B 443 -7.62 8.75 -21.48
CA TYR B 443 -8.84 8.66 -20.69
C TYR B 443 -9.42 7.26 -20.84
N ASP B 444 -9.82 6.66 -19.73
CA ASP B 444 -10.56 5.41 -19.81
C ASP B 444 -12.00 5.68 -20.26
N GLU B 445 -12.69 4.61 -20.66
CA GLU B 445 -14.02 4.77 -21.23
C GLU B 445 -15.02 5.33 -20.22
N LYS B 446 -14.81 5.01 -18.96
CA LYS B 446 -15.68 5.50 -17.90
C LYS B 446 -15.69 7.02 -17.82
N LEU B 447 -14.49 7.61 -17.79
CA LEU B 447 -14.38 9.06 -17.70
C LEU B 447 -14.83 9.73 -19.00
N VAL B 448 -14.58 9.09 -20.14
CA VAL B 448 -15.05 9.64 -21.41
C VAL B 448 -16.57 9.72 -21.42
N ARG B 449 -17.22 8.65 -20.96
CA ARG B 449 -18.66 8.62 -20.92
C ARG B 449 -19.21 9.64 -19.92
N GLU B 450 -18.50 9.84 -18.82
CA GLU B 450 -18.94 10.79 -17.80
C GLU B 450 -18.75 12.24 -18.23
N VAL B 451 -17.75 12.54 -19.05
CA VAL B 451 -17.42 13.90 -19.43
C VAL B 451 -18.09 14.29 -20.76
N GLU B 452 -18.05 13.40 -21.75
CA GLU B 452 -18.60 13.72 -23.06
C GLU B 452 -20.12 13.78 -23.08
N GLY B 453 -20.80 13.71 -21.93
CA GLY B 453 -22.25 13.78 -21.91
C GLY B 453 -22.91 12.55 -22.51
N LEU B 454 -22.39 11.37 -22.16
CA LEU B 454 -22.92 10.11 -22.63
C LEU B 454 -23.49 9.33 -21.45
N GLU B 455 -24.05 8.16 -21.76
CA GLU B 455 -24.59 7.28 -20.73
C GLU B 455 -23.48 6.36 -20.20
N ALA B 456 -23.87 5.43 -19.32
CA ALA B 456 -22.90 4.53 -18.71
C ALA B 456 -22.47 3.47 -19.72
N SER B 457 -21.66 2.52 -19.25
CA SER B 457 -21.16 1.47 -20.15
C SER B 457 -22.21 0.41 -20.42
N GLY B 458 -23.10 0.15 -19.46
CA GLY B 458 -24.15 -0.84 -19.64
C GLY B 458 -25.29 -0.40 -20.53
N SER B 459 -25.21 0.78 -21.15
CA SER B 459 -26.27 1.26 -22.01
C SER B 459 -26.31 0.47 -23.31
N VAL B 460 -27.34 0.76 -24.11
CA VAL B 460 -27.47 0.12 -25.41
C VAL B 460 -26.57 0.73 -26.47
N TYR B 461 -26.27 2.03 -26.35
CA TYR B 461 -25.32 2.65 -27.27
C TYR B 461 -24.01 2.26 -26.60
N ILE B 462 -23.21 1.45 -27.28
CA ILE B 462 -22.00 0.92 -26.67
C ILE B 462 -20.73 1.66 -27.12
N CYS B 463 -20.73 2.24 -28.31
CA CYS B 463 -19.53 2.86 -28.86
C CYS B 463 -19.55 4.37 -28.66
N THR B 464 -18.36 4.93 -28.42
CA THR B 464 -18.17 6.37 -28.30
C THR B 464 -17.61 6.98 -29.57
N LEU B 465 -17.56 6.22 -30.66
CA LEU B 465 -17.08 6.69 -31.95
C LEU B 465 -18.16 6.69 -33.02
N CYS B 466 -19.03 5.68 -33.04
CA CYS B 466 -20.13 5.59 -33.97
C CYS B 466 -21.44 5.55 -33.19
N ASP B 467 -22.55 5.49 -33.94
CA ASP B 467 -23.88 5.58 -33.36
C ASP B 467 -24.62 4.24 -33.36
N THR B 468 -23.90 3.13 -33.50
CA THR B 468 -24.56 1.83 -33.50
C THR B 468 -24.94 1.43 -32.09
N THR B 469 -25.89 0.50 -31.99
CA THR B 469 -26.34 -0.02 -30.70
C THR B 469 -25.78 -1.42 -30.49
N ARG B 470 -26.00 -1.95 -29.29
CA ARG B 470 -25.50 -3.27 -28.94
C ARG B 470 -26.03 -4.38 -29.81
N LEU B 471 -27.22 -4.21 -30.36
CA LEU B 471 -27.80 -5.25 -31.19
C LEU B 471 -27.13 -5.31 -32.56
N GLU B 472 -27.12 -4.17 -33.25
CA GLU B 472 -26.51 -4.08 -34.57
C GLU B 472 -25.00 -4.33 -34.53
N ALA B 473 -24.37 -4.03 -33.39
CA ALA B 473 -22.93 -4.24 -33.26
C ALA B 473 -22.59 -5.72 -33.20
N SER B 474 -23.55 -6.56 -32.79
CA SER B 474 -23.37 -8.00 -32.74
C SER B 474 -23.87 -8.70 -34.00
N GLN B 475 -24.00 -7.98 -35.11
CA GLN B 475 -24.46 -8.56 -36.36
C GLN B 475 -23.62 -8.19 -37.57
N ASN B 476 -22.84 -7.10 -37.50
CA ASN B 476 -22.01 -6.65 -38.61
C ASN B 476 -20.52 -6.76 -38.30
N LEU B 477 -20.08 -6.11 -37.22
CA LEU B 477 -18.79 -6.31 -36.57
C LEU B 477 -17.60 -5.74 -37.35
N VAL B 478 -17.79 -5.35 -38.60
CA VAL B 478 -16.64 -4.90 -39.39
C VAL B 478 -16.91 -3.63 -40.19
N PHE B 479 -18.19 -3.27 -40.36
CA PHE B 479 -18.54 -2.12 -41.18
C PHE B 479 -19.14 -1.02 -40.30
N HIS B 480 -18.29 -0.10 -39.87
CA HIS B 480 -18.71 1.07 -39.11
C HIS B 480 -17.78 2.23 -39.44
N SER B 481 -18.17 3.43 -39.02
CA SER B 481 -17.41 4.63 -39.32
C SER B 481 -17.49 5.58 -38.14
N ILE B 482 -16.38 6.29 -37.89
CA ILE B 482 -16.34 7.23 -36.77
C ILE B 482 -17.24 8.41 -37.07
N THR B 483 -18.14 8.71 -36.14
CA THR B 483 -19.09 9.82 -36.30
C THR B 483 -19.08 10.78 -35.12
N ARG B 484 -18.92 10.27 -33.90
CA ARG B 484 -19.03 11.11 -32.72
C ARG B 484 -17.99 12.21 -32.71
N SER B 485 -18.36 13.36 -32.15
CA SER B 485 -17.46 14.50 -32.02
C SER B 485 -18.01 15.42 -30.95
N HIS B 486 -17.21 16.42 -30.58
CA HIS B 486 -17.59 17.37 -29.54
C HIS B 486 -18.75 18.25 -29.96
N ALA B 487 -18.60 18.95 -31.08
CA ALA B 487 -19.64 19.85 -31.54
C ALA B 487 -20.94 19.10 -31.79
N GLU B 488 -20.84 17.87 -32.31
CA GLU B 488 -22.04 17.07 -32.51
C GLU B 488 -22.70 16.72 -31.18
N ASN B 489 -21.89 16.42 -30.16
CA ASN B 489 -22.46 16.14 -28.84
C ASN B 489 -23.15 17.38 -28.28
N LEU B 490 -22.57 18.56 -28.48
CA LEU B 490 -23.20 19.79 -28.02
C LEU B 490 -24.54 20.01 -28.73
N GLN B 491 -24.56 19.82 -30.05
CA GLN B 491 -25.81 19.98 -30.80
C GLN B 491 -26.86 18.96 -30.35
N ARG B 492 -26.40 17.74 -30.08
CA ARG B 492 -27.30 16.70 -29.62
C ARG B 492 -27.93 17.11 -28.30
N TYR B 493 -27.11 17.54 -27.35
CA TYR B 493 -27.63 17.95 -26.05
C TYR B 493 -28.58 19.12 -26.18
N GLU B 494 -28.32 19.99 -27.14
CA GLU B 494 -29.20 21.13 -27.36
C GLU B 494 -30.54 20.61 -27.81
N VAL B 495 -30.54 19.70 -28.76
CA VAL B 495 -31.79 19.10 -29.26
C VAL B 495 -32.52 18.38 -28.12
N TRP B 496 -31.76 17.75 -27.24
CA TRP B 496 -32.37 17.03 -26.12
C TRP B 496 -33.06 17.96 -25.14
N ARG B 497 -32.41 19.07 -24.80
CA ARG B 497 -32.99 20.02 -23.86
C ARG B 497 -34.16 20.77 -24.47
N SER B 498 -33.95 21.34 -25.67
CA SER B 498 -34.99 22.15 -26.28
C SER B 498 -36.18 21.32 -26.74
N ASN B 499 -35.95 20.09 -27.20
CA ASN B 499 -36.98 19.20 -27.72
C ASN B 499 -37.80 19.92 -28.79
N PRO B 500 -37.22 20.17 -29.97
CA PRO B 500 -37.97 20.94 -30.99
C PRO B 500 -39.17 20.21 -31.55
N TYR B 501 -39.03 18.93 -31.88
CA TYR B 501 -40.08 18.18 -32.57
C TYR B 501 -41.17 17.67 -31.64
N HIS B 502 -41.00 17.82 -30.33
CA HIS B 502 -42.02 17.45 -29.35
C HIS B 502 -42.41 15.98 -29.48
N GLU B 503 -41.45 15.10 -29.21
CA GLU B 503 -41.67 13.66 -29.27
C GLU B 503 -41.43 13.05 -27.89
N SER B 504 -41.73 11.75 -27.80
CA SER B 504 -41.68 11.05 -26.52
C SER B 504 -40.23 10.89 -26.06
N VAL B 505 -40.06 10.25 -24.90
CA VAL B 505 -38.74 10.14 -24.29
C VAL B 505 -37.88 9.14 -25.06
N GLU B 506 -38.46 8.01 -25.47
CA GLU B 506 -37.70 7.02 -26.22
C GLU B 506 -37.39 7.51 -27.63
N GLU B 507 -38.35 8.19 -28.27
CA GLU B 507 -38.09 8.74 -29.59
C GLU B 507 -37.02 9.84 -29.52
N LEU B 508 -37.05 10.64 -28.45
CA LEU B 508 -36.03 11.68 -28.30
C LEU B 508 -34.67 11.07 -28.01
N ARG B 509 -34.63 9.96 -27.24
CA ARG B 509 -33.36 9.28 -27.05
C ARG B 509 -32.83 8.71 -28.36
N ASP B 510 -33.71 8.15 -29.18
CA ASP B 510 -33.30 7.65 -30.49
C ASP B 510 -32.75 8.79 -31.34
N ARG B 511 -33.42 9.94 -31.34
CA ARG B 511 -32.97 11.07 -32.14
C ARG B 511 -31.63 11.60 -31.63
N VAL B 512 -31.42 11.58 -30.31
CA VAL B 512 -30.19 12.13 -29.74
C VAL B 512 -29.08 11.09 -29.66
N LYS B 513 -29.39 9.81 -29.83
CA LYS B 513 -28.40 8.73 -29.78
C LYS B 513 -27.73 8.66 -28.40
N GLY B 514 -28.54 8.78 -27.35
CA GLY B 514 -28.04 8.56 -26.01
C GLY B 514 -27.19 9.65 -25.43
N VAL B 515 -27.49 10.91 -25.74
CA VAL B 515 -26.78 12.05 -25.18
C VAL B 515 -27.75 12.81 -24.28
N SER B 516 -27.39 12.94 -23.00
CA SER B 516 -28.28 13.59 -22.04
C SER B 516 -27.55 14.55 -21.09
N ALA B 517 -26.30 14.93 -21.40
CA ALA B 517 -25.57 15.84 -20.55
C ALA B 517 -24.72 16.75 -21.43
N LYS B 518 -24.35 17.90 -20.87
CA LYS B 518 -23.58 18.89 -21.60
C LYS B 518 -22.09 18.61 -21.44
N PRO B 519 -21.36 18.31 -22.52
CA PRO B 519 -19.92 18.07 -22.39
C PRO B 519 -19.18 19.34 -21.97
N PHE B 520 -18.03 19.14 -21.32
CA PHE B 520 -17.22 20.28 -20.90
C PHE B 520 -15.74 20.08 -21.16
N ILE B 521 -15.34 18.95 -21.75
CA ILE B 521 -13.96 18.73 -22.16
C ILE B 521 -13.98 18.14 -23.57
N GLU B 522 -13.17 18.72 -24.46
CA GLU B 522 -13.09 18.26 -25.84
C GLU B 522 -12.08 17.13 -25.94
N THR B 523 -12.53 15.96 -26.37
CA THR B 523 -11.67 14.81 -26.57
C THR B 523 -11.82 14.28 -27.98
N VAL B 524 -10.78 13.63 -28.48
CA VAL B 524 -10.79 13.06 -29.82
C VAL B 524 -11.19 11.59 -29.72
N PRO B 525 -11.90 11.05 -30.72
CA PRO B 525 -12.27 9.63 -30.67
C PRO B 525 -11.05 8.74 -30.82
N SER B 526 -10.72 8.00 -29.78
CA SER B 526 -9.56 7.12 -29.77
C SER B 526 -9.86 5.93 -28.88
N ILE B 527 -8.86 5.05 -28.71
CA ILE B 527 -9.00 3.84 -27.91
C ILE B 527 -7.78 3.69 -27.03
N ASP B 528 -8.01 3.43 -25.74
CA ASP B 528 -6.95 3.15 -24.80
C ASP B 528 -6.51 1.69 -24.94
N ALA B 529 -5.22 1.48 -25.15
CA ALA B 529 -4.70 0.15 -25.40
C ALA B 529 -4.62 -0.72 -24.15
N LEU B 530 -4.25 -0.12 -23.02
CA LEU B 530 -4.11 -0.88 -21.77
C LEU B 530 -5.44 -1.51 -21.36
N HIS B 531 -6.48 -0.69 -21.23
CA HIS B 531 -7.78 -1.22 -20.83
C HIS B 531 -8.37 -2.12 -21.90
N CYS B 532 -8.07 -1.87 -23.17
CA CYS B 532 -8.51 -2.76 -24.23
C CYS B 532 -7.92 -4.15 -24.05
N ASP B 533 -6.61 -4.24 -23.82
CA ASP B 533 -5.97 -5.52 -23.59
C ASP B 533 -6.51 -6.19 -22.33
N ILE B 534 -6.76 -5.39 -21.28
CA ILE B 534 -7.29 -5.95 -20.04
C ILE B 534 -8.65 -6.56 -20.26
N GLY B 535 -9.55 -5.84 -20.93
CA GLY B 535 -10.88 -6.38 -21.20
C GLY B 535 -10.85 -7.59 -22.10
N ASN B 536 -9.99 -7.56 -23.14
CA ASN B 536 -9.87 -8.71 -24.02
C ASN B 536 -9.38 -9.95 -23.27
N ALA B 537 -8.38 -9.78 -22.41
CA ALA B 537 -7.88 -10.92 -21.63
C ALA B 537 -8.93 -11.43 -20.66
N ALA B 538 -9.69 -10.53 -20.04
CA ALA B 538 -10.74 -10.95 -19.12
C ALA B 538 -11.81 -11.76 -19.86
N GLU B 539 -12.21 -11.30 -21.03
CA GLU B 539 -13.24 -12.01 -21.78
C GLU B 539 -12.71 -13.34 -22.30
N PHE B 540 -11.44 -13.40 -22.64
CA PHE B 540 -10.86 -14.66 -23.08
C PHE B 540 -10.89 -15.62 -21.90
N TYR B 541 -10.49 -15.11 -20.74
CA TYR B 541 -10.50 -15.88 -19.50
C TYR B 541 -11.87 -16.52 -19.35
N LYS B 542 -12.91 -15.69 -19.45
CA LYS B 542 -14.28 -16.16 -19.34
C LYS B 542 -14.59 -17.23 -20.37
N ILE B 543 -14.15 -17.02 -21.61
CA ILE B 543 -14.39 -18.00 -22.67
C ILE B 543 -13.69 -19.32 -22.36
N PHE B 544 -12.48 -19.25 -21.81
CA PHE B 544 -11.76 -20.47 -21.44
C PHE B 544 -12.52 -21.24 -20.36
N GLN B 545 -12.90 -20.55 -19.28
CA GLN B 545 -13.60 -21.24 -18.21
C GLN B 545 -15.01 -21.67 -18.61
N LEU B 546 -15.55 -21.13 -19.69
CA LEU B 546 -16.78 -21.69 -20.26
C LEU B 546 -16.49 -22.92 -21.11
N GLU B 547 -15.38 -22.92 -21.85
CA GLU B 547 -15.07 -24.05 -22.71
C GLU B 547 -14.70 -25.28 -21.89
N ILE B 548 -14.11 -25.07 -20.70
CA ILE B 548 -13.82 -26.21 -19.84
C ILE B 548 -15.10 -26.95 -19.47
N GLY B 549 -16.20 -26.23 -19.31
CA GLY B 549 -17.44 -26.85 -18.92
C GLY B 549 -18.33 -27.34 -20.05
N GLU B 550 -17.92 -27.16 -21.31
CA GLU B 550 -18.70 -27.62 -22.47
C GLU B 550 -20.12 -27.03 -22.45
N VAL B 551 -20.19 -25.71 -22.29
CA VAL B 551 -21.47 -25.02 -22.22
C VAL B 551 -22.19 -24.97 -23.56
N TYR B 552 -21.47 -25.20 -24.67
CA TYR B 552 -22.09 -25.14 -25.99
C TYR B 552 -23.09 -26.25 -26.23
N LYS B 553 -23.18 -27.20 -25.30
CA LYS B 553 -24.12 -28.31 -25.38
C LYS B 553 -25.02 -28.39 -24.15
N HIS B 554 -24.54 -27.86 -23.03
CA HIS B 554 -25.29 -27.85 -21.78
C HIS B 554 -25.63 -26.41 -21.43
N PRO B 555 -26.76 -25.90 -21.93
CA PRO B 555 -27.11 -24.50 -21.66
C PRO B 555 -27.43 -24.23 -20.20
N ASN B 556 -27.98 -25.20 -19.48
CA ASN B 556 -28.32 -25.03 -18.08
C ASN B 556 -27.13 -25.41 -17.20
N ALA B 557 -26.88 -24.57 -16.19
CA ALA B 557 -25.77 -24.78 -15.27
C ALA B 557 -26.00 -23.98 -14.01
N SER B 558 -25.66 -24.56 -12.87
CA SER B 558 -25.83 -23.89 -11.59
C SER B 558 -24.61 -23.01 -11.31
N LYS B 559 -24.53 -22.46 -10.10
CA LYS B 559 -23.40 -21.63 -9.71
C LYS B 559 -22.22 -22.47 -9.25
N GLU B 560 -22.48 -23.59 -8.58
CA GLU B 560 -21.39 -24.44 -8.11
C GLU B 560 -20.60 -25.02 -9.28
N GLU B 561 -21.27 -25.34 -10.39
CA GLU B 561 -20.56 -25.86 -11.55
C GLU B 561 -19.60 -24.81 -12.11
N ARG B 562 -20.08 -23.57 -12.25
CA ARG B 562 -19.21 -22.50 -12.75
C ARG B 562 -18.06 -22.24 -11.79
N LYS B 563 -18.32 -22.33 -10.48
CA LYS B 563 -17.25 -22.14 -9.50
C LYS B 563 -16.20 -23.23 -9.62
N ARG B 564 -16.63 -24.49 -9.81
CA ARG B 564 -15.69 -25.58 -10.00
C ARG B 564 -14.88 -25.39 -11.28
N TRP B 565 -15.54 -24.92 -12.34
CA TRP B 565 -14.83 -24.68 -13.60
C TRP B 565 -13.75 -23.61 -13.41
N GLN B 566 -14.10 -22.52 -12.74
CA GLN B 566 -13.14 -21.45 -12.50
C GLN B 566 -11.99 -21.94 -11.62
N ALA B 567 -12.29 -22.73 -10.58
CA ALA B 567 -11.24 -23.23 -9.70
C ALA B 567 -10.32 -24.18 -10.44
N THR B 568 -10.87 -25.04 -11.30
CA THR B 568 -10.05 -25.95 -12.08
C THR B 568 -9.14 -25.18 -13.04
N LEU B 569 -9.70 -24.17 -13.71
CA LEU B 569 -8.87 -23.35 -14.59
C LEU B 569 -7.76 -22.65 -13.82
N ASP B 570 -8.06 -22.12 -12.64
CA ASP B 570 -7.06 -21.43 -11.84
C ASP B 570 -5.95 -22.39 -11.41
N LYS B 571 -6.33 -23.58 -10.94
CA LYS B 571 -5.32 -24.55 -10.52
C LYS B 571 -4.47 -25.01 -11.69
N HIS B 572 -5.09 -25.21 -12.86
CA HIS B 572 -4.33 -25.62 -14.03
C HIS B 572 -3.37 -24.51 -14.49
N LEU B 573 -3.79 -23.25 -14.39
CA LEU B 573 -2.90 -22.16 -14.76
C LEU B 573 -1.74 -22.05 -13.77
N ARG B 574 -2.01 -22.22 -12.48
CA ARG B 574 -0.94 -22.22 -11.50
C ARG B 574 0.04 -23.36 -11.75
N LYS B 575 -0.47 -24.52 -12.17
CA LYS B 575 0.38 -25.69 -12.35
C LYS B 575 1.21 -25.57 -13.62
N ARG B 576 0.60 -25.17 -14.72
CA ARG B 576 1.33 -25.13 -15.99
C ARG B 576 1.85 -23.77 -16.46
N MET B 577 1.22 -22.69 -16.01
CA MET B 577 1.63 -21.36 -16.43
C MET B 577 2.33 -20.57 -15.32
N ASN B 578 2.44 -21.13 -14.12
CA ASN B 578 3.07 -20.46 -12.99
C ASN B 578 2.39 -19.13 -12.66
N LEU B 579 1.10 -19.04 -12.97
CA LEU B 579 0.33 -17.83 -12.77
C LEU B 579 -0.47 -17.91 -11.48
N LYS B 580 -0.52 -16.82 -10.74
CA LYS B 580 -1.31 -16.77 -9.52
C LYS B 580 -2.71 -16.25 -9.83
N PRO B 581 -3.76 -16.96 -9.44
CA PRO B 581 -5.12 -16.48 -9.69
C PRO B 581 -5.40 -15.18 -8.93
N ILE B 582 -5.83 -14.17 -9.67
CA ILE B 582 -6.13 -12.86 -9.11
C ILE B 582 -7.61 -12.56 -9.33
N MET B 583 -8.09 -11.51 -8.65
CA MET B 583 -9.49 -11.11 -8.74
C MET B 583 -9.71 -10.05 -9.82
N ARG B 584 -8.97 -8.95 -9.72
CA ARG B 584 -9.08 -7.87 -10.69
C ARG B 584 -8.02 -8.05 -11.77
N MET B 585 -8.45 -8.07 -13.03
CA MET B 585 -7.52 -8.26 -14.14
C MET B 585 -6.55 -7.09 -14.24
N ASN B 586 -5.28 -7.42 -14.46
CA ASN B 586 -4.23 -6.41 -14.61
C ASN B 586 -3.49 -6.65 -15.93
N GLY B 587 -2.40 -5.91 -16.12
CA GLY B 587 -1.67 -5.93 -17.37
C GLY B 587 -0.73 -7.11 -17.58
N ASN B 588 0.03 -7.47 -16.54
CA ASN B 588 1.01 -8.54 -16.69
C ASN B 588 0.34 -9.89 -16.87
N PHE B 589 -0.77 -10.10 -16.17
CA PHE B 589 -1.53 -11.33 -16.29
C PHE B 589 -2.06 -11.43 -17.72
N ALA B 590 -2.49 -10.29 -18.27
CA ALA B 590 -2.99 -10.22 -19.62
C ALA B 590 -1.90 -10.55 -20.64
N ARG B 591 -0.71 -9.97 -20.44
CA ARG B 591 0.39 -10.23 -21.36
C ARG B 591 0.84 -11.68 -21.31
N LYS B 592 0.79 -12.30 -20.13
CA LYS B 592 1.22 -13.69 -20.01
C LYS B 592 0.14 -14.67 -20.46
N LEU B 593 -1.13 -14.26 -20.43
CA LEU B 593 -2.20 -15.17 -20.81
C LEU B 593 -2.27 -15.37 -22.32
N MET B 594 -2.02 -14.30 -23.09
CA MET B 594 -2.12 -14.38 -24.54
C MET B 594 -0.90 -15.08 -25.14
N THR B 595 -0.97 -16.39 -25.29
CA THR B 595 0.13 -17.16 -25.85
C THR B 595 -0.43 -18.48 -26.38
N GLN B 596 0.17 -18.99 -27.45
CA GLN B 596 -0.32 -20.23 -28.06
C GLN B 596 -0.17 -21.41 -27.11
N GLU B 597 0.95 -21.49 -26.38
CA GLU B 597 1.13 -22.58 -25.44
C GLU B 597 0.18 -22.48 -24.26
N THR B 598 -0.26 -21.27 -23.91
CA THR B 598 -1.34 -21.13 -22.95
C THR B 598 -2.61 -21.80 -23.47
N VAL B 599 -2.91 -21.60 -24.76
CA VAL B 599 -4.06 -22.25 -25.37
C VAL B 599 -3.87 -23.76 -25.37
N ASP B 600 -2.64 -24.23 -25.56
CA ASP B 600 -2.38 -25.67 -25.50
C ASP B 600 -2.65 -26.21 -24.10
N ALA B 601 -2.16 -25.51 -23.07
CA ALA B 601 -2.42 -25.92 -21.69
C ALA B 601 -3.92 -25.91 -21.38
N VAL B 602 -4.66 -24.96 -21.94
CA VAL B 602 -6.11 -24.93 -21.72
C VAL B 602 -6.79 -26.09 -22.43
N CYS B 603 -6.41 -26.34 -23.69
CA CYS B 603 -6.96 -27.46 -24.45
C CYS B 603 -6.65 -28.79 -23.80
N GLU B 604 -5.58 -28.87 -23.01
CA GLU B 604 -5.33 -30.06 -22.22
C GLU B 604 -6.45 -30.36 -21.23
N LEU B 605 -7.39 -29.45 -21.03
CA LEU B 605 -8.52 -29.64 -20.13
C LEU B 605 -9.83 -29.97 -20.85
N ILE B 606 -9.88 -29.82 -22.16
CA ILE B 606 -11.12 -29.96 -22.93
C ILE B 606 -11.09 -31.30 -23.65
N PRO B 607 -12.12 -32.14 -23.51
CA PRO B 607 -12.11 -33.45 -24.17
C PRO B 607 -12.27 -33.36 -25.69
N SER B 608 -13.12 -32.44 -26.15
CA SER B 608 -13.45 -32.35 -27.56
C SER B 608 -12.20 -32.00 -28.39
N GLU B 609 -12.31 -32.24 -29.70
CA GLU B 609 -11.19 -32.02 -30.61
C GLU B 609 -11.34 -30.74 -31.42
N GLU B 610 -12.52 -30.56 -32.04
CA GLU B 610 -12.72 -29.39 -32.90
C GLU B 610 -12.71 -28.08 -32.11
N ARG B 611 -13.13 -28.10 -30.84
CA ARG B 611 -13.07 -26.89 -30.04
C ARG B 611 -11.62 -26.46 -29.81
N HIS B 612 -10.69 -27.42 -29.77
CA HIS B 612 -9.27 -27.09 -29.71
C HIS B 612 -8.86 -26.29 -30.94
N GLU B 613 -9.24 -26.75 -32.13
CA GLU B 613 -8.93 -26.03 -33.35
C GLU B 613 -9.55 -24.65 -33.35
N ALA B 614 -10.80 -24.55 -32.88
CA ALA B 614 -11.49 -23.26 -32.82
C ALA B 614 -10.73 -22.28 -31.92
N LEU B 615 -10.38 -22.72 -30.71
CA LEU B 615 -9.66 -21.85 -29.79
C LEU B 615 -8.29 -21.47 -30.32
N ARG B 616 -7.59 -22.41 -30.95
CA ARG B 616 -6.27 -22.12 -31.47
C ARG B 616 -6.33 -21.10 -32.60
N GLU B 617 -7.29 -21.26 -33.52
CA GLU B 617 -7.44 -20.28 -34.60
C GLU B 617 -7.86 -18.92 -34.04
N LEU B 618 -8.70 -18.92 -33.00
CA LEU B 618 -9.11 -17.66 -32.37
C LEU B 618 -7.91 -16.92 -31.80
N MET B 619 -7.08 -17.64 -31.03
CA MET B 619 -5.91 -17.00 -30.44
C MET B 619 -4.90 -16.59 -31.50
N ASP B 620 -4.78 -17.37 -32.58
CA ASP B 620 -3.88 -17.00 -33.66
C ASP B 620 -4.33 -15.70 -34.31
N LEU B 621 -5.62 -15.58 -34.60
CA LEU B 621 -6.13 -14.33 -35.15
C LEU B 621 -5.92 -13.16 -34.20
N TYR B 622 -6.16 -13.37 -32.90
CA TYR B 622 -5.99 -12.29 -31.95
C TYR B 622 -4.54 -11.84 -31.86
N LEU B 623 -3.61 -12.79 -31.84
CA LEU B 623 -2.20 -12.45 -31.75
C LEU B 623 -1.65 -11.88 -33.06
N LYS B 624 -2.27 -12.19 -34.19
CA LYS B 624 -1.90 -11.55 -35.44
C LYS B 624 -2.48 -10.15 -35.57
N MET B 625 -3.58 -9.87 -34.88
CA MET B 625 -4.20 -8.54 -34.93
C MET B 625 -3.62 -7.58 -33.90
N LYS B 626 -3.21 -8.08 -32.74
CA LYS B 626 -2.80 -7.18 -31.66
C LYS B 626 -1.65 -6.23 -32.01
N PRO B 627 -0.55 -6.65 -32.64
CA PRO B 627 0.55 -5.71 -32.89
C PRO B 627 0.16 -4.51 -33.75
N VAL B 628 -1.00 -4.54 -34.39
CA VAL B 628 -1.43 -3.40 -35.19
C VAL B 628 -1.69 -2.18 -34.31
N TRP B 629 -2.46 -2.39 -33.25
CA TRP B 629 -2.81 -1.30 -32.35
C TRP B 629 -1.92 -1.22 -31.10
N ARG B 630 -1.18 -2.29 -30.82
CA ARG B 630 -0.34 -2.29 -29.63
C ARG B 630 1.04 -1.67 -29.83
N SER B 631 1.52 -1.66 -31.06
CA SER B 631 2.83 -1.12 -31.36
C SER B 631 2.78 0.41 -31.40
N SER B 632 3.95 1.03 -31.55
CA SER B 632 4.07 2.48 -31.60
C SER B 632 4.14 3.02 -33.03
N CYS B 633 4.36 2.15 -34.02
CA CYS B 633 4.39 2.57 -35.41
C CYS B 633 4.09 1.38 -36.30
N PRO B 634 2.81 1.05 -36.51
CA PRO B 634 2.48 -0.13 -37.32
C PRO B 634 2.82 0.00 -38.79
N ALA B 635 3.11 1.21 -39.27
CA ALA B 635 3.48 1.40 -40.66
C ALA B 635 4.89 0.93 -40.97
N LYS B 636 5.71 0.69 -39.94
CA LYS B 636 7.08 0.22 -40.14
C LYS B 636 7.45 -0.97 -39.27
N GLU B 637 6.72 -1.24 -38.18
CA GLU B 637 7.01 -2.38 -37.32
C GLU B 637 6.20 -3.61 -37.64
N CYS B 638 5.09 -3.46 -38.37
CA CYS B 638 4.26 -4.59 -38.77
C CYS B 638 3.40 -4.23 -39.97
N PRO B 639 4.00 -3.97 -41.14
CA PRO B 639 3.18 -3.61 -42.30
C PRO B 639 2.35 -4.77 -42.82
N GLU B 640 2.83 -6.00 -42.68
CA GLU B 640 2.05 -7.15 -43.14
C GLU B 640 0.76 -7.29 -42.34
N SER B 641 0.85 -7.18 -41.02
CA SER B 641 -0.34 -7.25 -40.19
C SER B 641 -1.24 -6.03 -40.36
N LEU B 642 -0.67 -4.90 -40.80
CA LEU B 642 -1.47 -3.70 -41.01
C LEU B 642 -2.28 -3.79 -42.29
N CYS B 643 -1.62 -4.13 -43.40
CA CYS B 643 -2.32 -4.24 -44.68
C CYS B 643 -3.30 -5.40 -44.73
N GLN B 644 -3.14 -6.41 -43.86
CA GLN B 644 -4.03 -7.56 -43.81
C GLN B 644 -4.92 -7.54 -42.58
N TYR B 645 -5.18 -6.37 -42.03
CA TYR B 645 -5.99 -6.24 -40.81
C TYR B 645 -7.50 -6.44 -41.03
N SER B 646 -7.98 -6.11 -42.22
CA SER B 646 -9.39 -6.25 -42.51
C SER B 646 -9.80 -7.71 -42.64
N PHE B 647 -9.00 -8.50 -43.36
CA PHE B 647 -9.30 -9.91 -43.53
C PHE B 647 -9.27 -10.64 -42.19
N ASN B 648 -8.27 -10.34 -41.36
CA ASN B 648 -8.18 -10.96 -40.05
C ASN B 648 -9.39 -10.60 -39.19
N SER B 649 -9.81 -9.34 -39.22
CA SER B 649 -10.96 -8.92 -38.43
C SER B 649 -12.24 -9.59 -38.92
N GLN B 650 -12.40 -9.72 -40.24
CA GLN B 650 -13.58 -10.37 -40.78
C GLN B 650 -13.62 -11.84 -40.39
N ARG B 651 -12.47 -12.53 -40.46
CA ARG B 651 -12.43 -13.93 -40.06
C ARG B 651 -12.67 -14.07 -38.57
N PHE B 652 -12.17 -13.13 -37.76
CA PHE B 652 -12.41 -13.14 -36.33
C PHE B 652 -13.90 -13.02 -36.03
N ALA B 653 -14.57 -12.08 -36.71
CA ALA B 653 -16.00 -11.90 -36.51
C ALA B 653 -16.79 -13.12 -36.96
N GLU B 654 -16.40 -13.72 -38.10
CA GLU B 654 -17.08 -14.92 -38.57
C GLU B 654 -16.90 -16.07 -37.59
N LEU B 655 -15.72 -16.20 -36.99
CA LEU B 655 -15.48 -17.26 -36.03
C LEU B 655 -16.28 -17.01 -34.75
N LEU B 656 -16.42 -15.75 -34.34
CA LEU B 656 -17.26 -15.46 -33.18
C LEU B 656 -18.71 -15.79 -33.46
N SER B 657 -19.18 -15.50 -34.68
CA SER B 657 -20.59 -15.70 -34.99
C SER B 657 -20.92 -17.19 -35.16
N THR B 658 -20.01 -17.96 -35.76
CA THR B 658 -20.31 -19.35 -36.09
C THR B 658 -20.13 -20.27 -34.89
N LYS B 659 -18.90 -20.36 -34.38
CA LYS B 659 -18.60 -21.35 -33.34
C LYS B 659 -19.07 -20.89 -31.98
N PHE B 660 -18.78 -19.64 -31.62
CA PHE B 660 -19.10 -19.10 -30.31
C PHE B 660 -20.46 -18.43 -30.27
N LYS B 661 -21.40 -18.87 -31.11
CA LYS B 661 -22.75 -18.32 -31.17
C LYS B 661 -23.45 -18.40 -29.82
N TYR B 662 -23.07 -19.38 -28.99
CA TYR B 662 -23.73 -19.59 -27.71
C TYR B 662 -23.56 -18.41 -26.75
N ARG B 663 -22.66 -17.48 -27.04
CA ARG B 663 -22.43 -16.33 -26.17
C ARG B 663 -22.54 -14.98 -26.87
N TYR B 664 -22.23 -14.89 -28.16
CA TYR B 664 -22.22 -13.63 -28.88
C TYR B 664 -23.38 -13.53 -29.85
N GLU B 665 -24.55 -14.02 -29.44
CA GLU B 665 -25.76 -13.93 -30.25
C GLU B 665 -26.64 -12.84 -29.67
N GLY B 666 -26.52 -11.63 -30.22
CA GLY B 666 -27.30 -10.50 -29.78
C GLY B 666 -26.63 -9.57 -28.79
N LYS B 667 -25.41 -9.89 -28.36
CA LYS B 667 -24.71 -9.04 -27.41
C LYS B 667 -23.21 -9.25 -27.56
N ILE B 668 -22.45 -8.20 -27.24
CA ILE B 668 -20.99 -8.23 -27.33
C ILE B 668 -20.45 -7.09 -26.50
N THR B 669 -19.20 -7.21 -26.07
CA THR B 669 -18.58 -6.21 -25.23
C THR B 669 -18.24 -4.96 -26.04
N ASN B 670 -17.75 -3.93 -25.32
CA ASN B 670 -17.44 -2.67 -25.97
C ASN B 670 -16.15 -2.76 -26.77
N TYR B 671 -15.09 -3.23 -26.10
CA TYR B 671 -13.78 -3.31 -26.75
C TYR B 671 -13.78 -4.14 -28.03
N PHE B 672 -14.54 -5.23 -28.04
CA PHE B 672 -14.59 -6.05 -29.23
C PHE B 672 -15.04 -5.21 -30.43
N HIS B 673 -16.10 -4.43 -30.25
CA HIS B 673 -16.58 -3.56 -31.33
C HIS B 673 -15.54 -2.50 -31.65
N LYS B 674 -14.97 -1.88 -30.62
CA LYS B 674 -13.98 -0.84 -30.82
C LYS B 674 -12.77 -1.35 -31.60
N THR B 675 -12.41 -2.61 -31.39
CA THR B 675 -11.24 -3.18 -32.05
C THR B 675 -11.57 -3.62 -33.48
N LEU B 676 -12.73 -4.26 -33.66
CA LEU B 676 -13.04 -4.85 -34.95
C LEU B 676 -13.59 -3.83 -35.94
N ALA B 677 -14.03 -2.67 -35.46
CA ALA B 677 -14.75 -1.74 -36.34
C ALA B 677 -13.97 -0.47 -36.69
N HIS B 678 -13.20 0.08 -35.75
CA HIS B 678 -12.77 1.46 -35.88
C HIS B 678 -11.26 1.67 -36.00
N VAL B 679 -10.44 0.71 -35.57
CA VAL B 679 -9.00 0.97 -35.46
C VAL B 679 -8.28 1.19 -36.79
N PRO B 680 -8.67 0.59 -37.93
CA PRO B 680 -7.97 0.95 -39.17
C PRO B 680 -8.11 2.42 -39.52
N GLU B 681 -9.31 2.97 -39.37
CA GLU B 681 -9.52 4.40 -39.55
C GLU B 681 -8.69 5.19 -38.55
N ILE B 682 -8.51 4.65 -37.35
CA ILE B 682 -7.74 5.37 -36.33
C ILE B 682 -6.28 5.47 -36.71
N ILE B 683 -5.69 4.36 -37.20
CA ILE B 683 -4.32 4.42 -37.68
C ILE B 683 -4.22 5.35 -38.89
N GLU B 684 -5.13 5.21 -39.85
CA GLU B 684 -5.07 6.06 -41.04
C GLU B 684 -5.33 7.53 -40.73
N ARG B 685 -5.84 7.82 -39.54
CA ARG B 685 -6.13 9.20 -39.14
C ARG B 685 -5.02 9.80 -38.27
N ASP B 686 -4.36 8.95 -37.49
CA ASP B 686 -3.28 9.37 -36.60
C ASP B 686 -1.94 8.75 -36.94
N GLY B 687 -1.87 7.42 -37.03
CA GLY B 687 -0.64 6.71 -37.32
C GLY B 687 -0.24 5.74 -36.23
N SER B 688 -0.75 5.91 -35.02
CA SER B 688 -0.42 5.03 -33.91
C SER B 688 -1.51 5.14 -32.85
N ILE B 689 -1.63 4.08 -32.06
CA ILE B 689 -2.58 4.01 -30.95
C ILE B 689 -1.87 3.78 -29.62
N GLY B 690 -0.90 2.86 -29.60
CA GLY B 690 -0.20 2.55 -28.36
C GLY B 690 0.57 3.74 -27.81
N ALA B 691 1.04 4.63 -28.68
CA ALA B 691 1.77 5.81 -28.21
C ALA B 691 0.84 6.76 -27.48
N TRP B 692 -0.44 6.78 -27.86
CA TRP B 692 -1.43 7.68 -27.27
C TRP B 692 -2.22 7.01 -26.15
N ALA B 693 -1.63 6.02 -25.46
CA ALA B 693 -2.32 5.32 -24.39
C ALA B 693 -2.21 6.11 -23.10
N SER B 694 -2.64 5.50 -21.99
CA SER B 694 -2.61 6.13 -20.68
C SER B 694 -1.69 5.39 -19.72
N GLU B 695 -0.61 4.83 -20.25
CA GLU B 695 0.34 4.09 -19.43
C GLU B 695 1.08 5.06 -18.51
N GLY B 696 1.63 6.11 -19.09
CA GLY B 696 2.35 7.10 -18.30
C GLY B 696 1.51 7.67 -17.17
N ASN B 697 0.19 7.71 -17.37
CA ASN B 697 -0.70 8.15 -16.30
C ASN B 697 -0.65 7.21 -15.11
N GLN B 698 -0.66 5.90 -15.35
CA GLN B 698 -0.61 4.95 -14.24
C GLN B 698 0.76 4.95 -13.59
N SER B 699 1.83 5.09 -14.38
CA SER B 699 3.16 5.24 -13.78
C SER B 699 3.22 6.49 -12.91
N GLY B 700 2.58 7.57 -13.35
CA GLY B 700 2.52 8.76 -12.53
C GLY B 700 1.69 8.56 -11.28
N ASN B 701 0.65 7.74 -11.35
CA ASN B 701 -0.09 7.39 -10.14
C ASN B 701 0.79 6.66 -9.14
N LYS B 702 1.61 5.74 -9.62
CA LYS B 702 2.56 5.06 -8.74
C LYS B 702 3.54 6.04 -8.12
N LEU B 703 4.10 6.94 -8.93
CA LEU B 703 5.02 7.95 -8.41
C LEU B 703 4.31 8.86 -7.39
N PHE B 704 3.04 9.15 -7.61
CA PHE B 704 2.27 9.96 -6.68
C PHE B 704 2.11 9.24 -5.34
N ARG B 705 1.76 7.95 -5.40
CA ARG B 705 1.65 7.16 -4.18
C ARG B 705 2.96 7.14 -3.41
N ARG B 706 4.09 7.08 -4.13
CA ARG B 706 5.38 7.06 -3.46
C ARG B 706 5.72 8.43 -2.85
N PHE B 707 5.45 9.51 -3.60
CA PHE B 707 5.85 10.85 -3.16
C PHE B 707 5.00 11.32 -1.98
N ARG B 708 3.69 11.07 -2.05
CA ARG B 708 2.81 11.47 -0.95
C ARG B 708 3.20 10.80 0.37
N LYS B 709 3.87 9.65 0.30
CA LYS B 709 4.26 8.91 1.49
C LYS B 709 5.68 9.21 1.96
N MET B 710 6.61 9.47 1.06
CA MET B 710 8.01 9.62 1.46
C MET B 710 8.67 10.90 0.98
N ASN B 711 7.95 11.78 0.28
CA ASN B 711 8.56 13.00 -0.24
C ASN B 711 7.63 14.20 -0.08
N ALA B 712 7.01 14.34 1.09
CA ALA B 712 6.11 15.45 1.32
C ALA B 712 5.90 15.65 2.81
N ARG B 713 5.50 16.87 3.18
CA ARG B 713 5.12 17.15 4.55
C ARG B 713 3.80 16.47 4.87
N GLN B 714 3.75 15.77 6.01
CA GLN B 714 2.58 14.99 6.40
C GLN B 714 1.56 15.93 7.05
N SER B 715 0.91 16.72 6.20
CA SER B 715 -0.11 17.65 6.66
C SER B 715 -1.02 18.01 5.50
N LYS B 716 -2.31 18.18 5.79
CA LYS B 716 -3.28 18.49 4.74
C LYS B 716 -2.99 19.84 4.09
N CYS B 717 -2.41 20.78 4.85
CA CYS B 717 -2.22 22.12 4.34
C CYS B 717 -1.08 22.22 3.34
N TYR B 718 -0.11 21.30 3.38
CA TYR B 718 1.02 21.41 2.46
C TYR B 718 1.46 20.15 1.73
N GLU B 719 0.76 19.04 1.90
CA GLU B 719 1.20 17.81 1.24
C GLU B 719 1.10 17.92 -0.28
N MET B 720 0.02 18.53 -0.78
CA MET B 720 -0.24 18.50 -2.21
C MET B 720 0.75 19.39 -2.97
N GLU B 721 1.05 20.57 -2.43
CA GLU B 721 2.05 21.44 -3.05
C GLU B 721 3.40 20.75 -3.11
N ASP B 722 3.80 20.09 -2.02
CA ASP B 722 5.09 19.40 -1.98
C ASP B 722 5.12 18.28 -3.01
N VAL B 723 4.07 17.46 -3.08
CA VAL B 723 4.05 16.35 -4.03
C VAL B 723 4.09 16.88 -5.46
N LEU B 724 3.31 17.93 -5.74
CA LEU B 724 3.28 18.48 -7.09
C LEU B 724 4.64 19.02 -7.50
N LYS B 725 5.29 19.78 -6.61
CA LYS B 725 6.60 20.33 -6.92
C LYS B 725 7.64 19.24 -7.12
N HIS B 726 7.62 18.23 -6.25
CA HIS B 726 8.59 17.14 -6.37
C HIS B 726 8.39 16.35 -7.65
N HIS B 727 7.14 16.11 -8.04
CA HIS B 727 6.88 15.39 -9.28
C HIS B 727 7.27 16.22 -10.49
N TRP B 728 7.02 17.53 -10.45
CA TRP B 728 7.46 18.40 -11.54
C TRP B 728 8.97 18.37 -11.68
N LEU B 729 9.68 18.39 -10.55
CA LEU B 729 11.14 18.31 -10.60
C LEU B 729 11.60 16.96 -11.13
N TYR B 730 10.90 15.89 -10.75
CA TYR B 730 11.30 14.55 -11.17
C TYR B 730 11.08 14.33 -12.66
N THR B 731 10.02 14.91 -13.22
CA THR B 731 9.69 14.71 -14.62
C THR B 731 10.55 15.54 -15.56
N SER B 732 11.29 16.52 -15.03
CA SER B 732 12.09 17.40 -15.87
C SER B 732 13.19 16.63 -16.59
N LYS B 733 13.58 17.14 -17.75
CA LYS B 733 14.62 16.51 -18.56
C LYS B 733 15.99 17.18 -18.38
N TYR B 734 16.02 18.45 -17.96
CA TYR B 734 17.29 19.12 -17.75
C TYR B 734 18.13 18.42 -16.68
N LEU B 735 17.47 17.77 -15.72
CA LEU B 735 18.18 17.04 -14.68
C LEU B 735 18.52 15.61 -15.11
N GLN B 736 17.70 15.03 -15.99
CA GLN B 736 17.95 13.66 -16.44
C GLN B 736 19.18 13.55 -17.33
N LYS B 737 19.58 14.65 -17.98
CA LYS B 737 20.77 14.62 -18.82
C LYS B 737 22.04 14.42 -17.99
N PHE B 738 22.05 14.95 -16.77
CA PHE B 738 23.20 14.76 -15.88
C PHE B 738 23.37 13.31 -15.46
N MET B 739 22.31 12.50 -15.56
CA MET B 739 22.40 11.09 -15.23
C MET B 739 22.86 10.24 -16.40
N ASN B 740 22.72 10.72 -17.62
CA ASN B 740 23.23 10.04 -18.81
C ASN B 740 24.65 10.50 -19.14
N ALA B 741 25.52 10.41 -18.15
CA ALA B 741 26.91 10.81 -18.31
C ALA B 741 27.75 9.62 -18.71
N HIS B 742 27.25 8.83 -19.65
CA HIS B 742 27.95 7.64 -20.11
C HIS B 742 28.23 7.73 -21.60
N ASN B 743 28.02 8.92 -22.17
CA ASN B 743 28.25 9.14 -23.59
C ASN B 743 28.36 10.63 -23.87
N MET C 1 -44.49 22.48 16.46
CA MET C 1 -43.09 22.21 16.80
C MET C 1 -42.92 20.80 17.34
N SER C 2 -42.60 19.86 16.45
CA SER C 2 -42.42 18.47 16.83
C SER C 2 -41.49 17.81 15.83
N LEU C 3 -40.23 17.58 16.24
CA LEU C 3 -39.27 16.91 15.38
C LEU C 3 -39.62 15.43 15.25
N GLN C 4 -39.13 14.82 14.17
CA GLN C 4 -39.38 13.41 13.92
C GLN C 4 -38.39 12.87 12.88
N MET C 5 -37.84 11.69 13.15
CA MET C 5 -36.90 11.06 12.24
C MET C 5 -37.62 10.58 10.99
N VAL C 6 -36.92 10.56 9.86
CA VAL C 6 -37.48 10.12 8.59
C VAL C 6 -36.46 9.20 7.93
N THR C 7 -36.81 7.92 7.81
CA THR C 7 -35.95 6.98 7.10
C THR C 7 -36.02 7.25 5.60
N VAL C 8 -35.23 6.48 4.85
CA VAL C 8 -35.05 6.75 3.42
C VAL C 8 -34.91 5.42 2.70
N GLY C 9 -35.24 5.43 1.41
CA GLY C 9 -35.08 4.26 0.56
C GLY C 9 -33.63 4.05 0.14
N HIS C 10 -33.45 3.63 -1.11
CA HIS C 10 -32.13 3.31 -1.62
C HIS C 10 -31.45 4.51 -2.27
N ASN C 11 -32.21 5.42 -2.86
CA ASN C 11 -31.66 6.55 -3.61
C ASN C 11 -31.53 7.80 -2.75
N ILE C 12 -30.76 7.66 -1.66
CA ILE C 12 -30.50 8.81 -0.80
C ILE C 12 -29.44 9.71 -1.42
N ALA C 13 -28.56 9.16 -2.26
CA ALA C 13 -27.44 9.91 -2.81
C ALA C 13 -27.91 10.97 -3.79
N LEU C 14 -29.19 10.96 -4.15
CA LEU C 14 -29.73 11.92 -5.10
C LEU C 14 -30.16 13.23 -4.44
N ILE C 15 -30.09 13.33 -3.12
CA ILE C 15 -30.45 14.55 -2.41
C ILE C 15 -29.18 15.31 -2.07
N GLN C 16 -29.21 16.62 -2.28
CA GLN C 16 -28.05 17.47 -2.05
C GLN C 16 -28.54 18.81 -1.53
N PRO C 17 -27.68 19.57 -0.86
CA PRO C 17 -28.08 20.91 -0.39
C PRO C 17 -28.46 21.81 -1.56
N GLY C 18 -29.61 22.45 -1.44
CA GLY C 18 -30.10 23.35 -2.45
C GLY C 18 -31.24 22.83 -3.29
N PHE C 19 -31.83 21.68 -2.93
CA PHE C 19 -32.93 21.13 -3.69
C PHE C 19 -34.17 22.00 -3.52
N SER C 20 -35.22 21.66 -4.25
CA SER C 20 -36.46 22.43 -4.23
C SER C 20 -37.65 21.49 -4.25
N LEU C 21 -38.45 21.53 -3.20
CA LEU C 21 -39.68 20.75 -3.13
C LEU C 21 -40.84 21.58 -3.64
N MET C 22 -41.58 21.03 -4.60
CA MET C 22 -42.72 21.70 -5.21
C MET C 22 -43.98 20.89 -4.91
N ASN C 23 -45.07 21.61 -4.61
CA ASN C 23 -46.31 21.01 -4.16
C ASN C 23 -47.39 21.28 -5.20
N PHE C 24 -48.10 20.22 -5.62
CA PHE C 24 -49.20 20.33 -6.57
C PHE C 24 -50.38 19.51 -6.02
N ASP C 25 -51.31 20.22 -5.38
CA ASP C 25 -52.55 19.62 -4.87
C ASP C 25 -52.26 18.48 -3.89
N GLY C 26 -51.60 18.84 -2.79
CA GLY C 26 -51.31 17.92 -1.71
C GLY C 26 -50.06 17.08 -1.91
N GLN C 27 -49.72 16.75 -3.15
CA GLN C 27 -48.56 15.93 -3.44
C GLN C 27 -47.32 16.81 -3.56
N VAL C 28 -46.30 16.52 -2.76
CA VAL C 28 -45.04 17.24 -2.78
C VAL C 28 -44.09 16.52 -3.71
N PHE C 29 -43.39 17.28 -4.55
CA PHE C 29 -42.53 16.72 -5.60
C PHE C 29 -41.10 17.21 -5.41
N PHE C 30 -40.15 16.37 -5.78
CA PHE C 30 -38.74 16.67 -5.60
C PHE C 30 -38.11 17.16 -6.90
N PHE C 31 -37.08 17.98 -6.76
CA PHE C 31 -36.36 18.54 -7.91
C PHE C 31 -35.01 19.05 -7.44
N GLY C 32 -34.03 19.00 -8.35
CA GLY C 32 -32.70 19.49 -8.04
C GLY C 32 -31.80 18.44 -7.43
N GLN C 33 -31.64 17.31 -8.12
CA GLN C 33 -30.83 16.21 -7.61
C GLN C 33 -29.35 16.50 -7.87
N LYS C 34 -28.52 15.52 -7.53
CA LYS C 34 -27.08 15.63 -7.71
C LYS C 34 -26.63 14.97 -9.01
N GLY C 35 -25.83 15.67 -9.80
CA GLY C 35 -25.35 15.13 -11.06
C GLY C 35 -26.41 15.09 -12.13
N TRP C 36 -26.01 14.75 -13.36
CA TRP C 36 -26.97 14.67 -14.44
C TRP C 36 -27.88 13.45 -14.23
N PRO C 37 -29.12 13.48 -14.71
CA PRO C 37 -30.03 12.37 -14.46
C PRO C 37 -29.59 11.11 -15.17
N LYS C 38 -29.82 9.98 -14.52
CA LYS C 38 -29.47 8.67 -15.04
C LYS C 38 -30.70 8.02 -15.67
N ARG C 39 -30.54 6.75 -16.05
CA ARG C 39 -31.66 6.03 -16.66
C ARG C 39 -32.73 5.63 -15.67
N SER C 40 -32.50 5.81 -14.37
CA SER C 40 -33.56 5.54 -13.39
C SER C 40 -34.72 6.50 -13.57
N CYS C 41 -34.42 7.77 -13.84
CA CYS C 41 -35.45 8.78 -14.11
C CYS C 41 -34.84 9.85 -15.03
N PRO C 42 -35.09 9.77 -16.33
CA PRO C 42 -34.50 10.74 -17.25
C PRO C 42 -34.95 12.17 -16.99
N THR C 43 -36.17 12.37 -16.51
CA THR C 43 -36.67 13.73 -16.29
C THR C 43 -35.97 14.41 -15.12
N GLY C 44 -35.89 13.73 -13.97
CA GLY C 44 -35.26 14.29 -12.80
C GLY C 44 -36.22 14.76 -11.72
N VAL C 45 -37.53 14.71 -11.96
CA VAL C 45 -38.53 15.10 -10.98
C VAL C 45 -38.98 13.85 -10.23
N PHE C 46 -38.94 13.91 -8.91
CA PHE C 46 -39.30 12.76 -8.11
C PHE C 46 -40.48 13.00 -7.19
N HIS C 47 -41.28 11.96 -7.03
N HIS C 47 -41.28 11.95 -7.01
CA HIS C 47 -42.45 12.00 -6.16
CA HIS C 47 -42.46 12.02 -6.17
C HIS C 47 -42.01 11.96 -4.71
C HIS C 47 -42.03 11.96 -4.71
N PHE C 48 -42.02 13.11 -4.06
CA PHE C 48 -41.63 13.21 -2.67
C PHE C 48 -42.81 12.70 -1.86
N ASP C 49 -42.68 11.48 -1.34
CA ASP C 49 -43.77 10.86 -0.59
C ASP C 49 -43.22 10.33 0.72
N ILE C 50 -43.86 10.69 1.83
CA ILE C 50 -43.48 10.22 3.16
C ILE C 50 -44.67 9.50 3.78
N LYS C 51 -44.46 8.25 4.18
CA LYS C 51 -45.49 7.45 4.82
C LYS C 51 -44.87 6.64 5.95
N GLN C 52 -45.53 6.67 7.10
CA GLN C 52 -45.07 5.95 8.30
C GLN C 52 -43.64 6.35 8.67
N ASN C 53 -43.33 7.65 8.52
CA ASN C 53 -41.99 8.18 8.77
C ASN C 53 -40.95 7.44 7.92
N HIS C 54 -41.18 7.44 6.61
CA HIS C 54 -40.29 6.77 5.68
C HIS C 54 -40.42 7.43 4.32
N LEU C 55 -39.29 7.82 3.73
CA LEU C 55 -39.29 8.49 2.44
C LEU C 55 -39.10 7.48 1.31
N LYS C 56 -39.86 7.66 0.24
CA LYS C 56 -39.78 6.78 -0.94
C LYS C 56 -39.79 7.67 -2.18
N LEU C 57 -38.60 7.96 -2.71
CA LEU C 57 -38.49 8.71 -3.95
C LEU C 57 -38.68 7.78 -5.14
N LYS C 58 -39.62 8.15 -6.01
CA LYS C 58 -39.94 7.38 -7.21
C LYS C 58 -39.88 8.31 -8.41
N PRO C 59 -39.62 7.75 -9.61
CA PRO C 59 -39.50 8.62 -10.78
C PRO C 59 -40.83 9.23 -11.19
N ALA C 60 -40.73 10.15 -12.15
CA ALA C 60 -41.89 10.79 -12.76
C ALA C 60 -41.58 11.07 -14.22
N ILE C 61 -42.63 11.33 -14.99
CA ILE C 61 -42.52 11.50 -16.44
C ILE C 61 -43.06 12.87 -16.82
N PHE C 62 -42.72 13.29 -18.05
CA PHE C 62 -43.20 14.53 -18.63
C PHE C 62 -44.15 14.23 -19.77
N SER C 63 -44.76 15.29 -20.30
CA SER C 63 -45.65 15.16 -21.44
C SER C 63 -44.86 14.98 -22.73
N LYS C 64 -45.58 14.90 -23.84
CA LYS C 64 -44.95 14.72 -25.14
C LYS C 64 -44.46 16.02 -25.77
N ASP C 65 -44.56 17.13 -25.05
CA ASP C 65 -44.11 18.40 -25.58
C ASP C 65 -43.41 19.26 -24.52
N SER C 66 -42.81 18.61 -23.52
CA SER C 66 -42.12 19.34 -22.46
C SER C 66 -40.70 19.69 -22.90
N CYS C 67 -39.94 20.28 -21.98
CA CYS C 67 -38.55 20.63 -22.22
C CYS C 67 -37.72 20.09 -21.06
N TYR C 68 -36.76 19.24 -21.38
CA TYR C 68 -35.95 18.56 -20.36
C TYR C 68 -34.93 19.55 -19.81
N LEU C 69 -35.34 20.25 -18.75
CA LEU C 69 -34.46 21.23 -18.13
C LEU C 69 -33.41 20.54 -17.27
N PRO C 70 -32.23 21.13 -17.13
CA PRO C 70 -31.20 20.55 -16.27
C PRO C 70 -31.53 20.76 -14.81
N PRO C 71 -31.03 19.90 -13.92
CA PRO C 71 -31.26 20.11 -12.49
C PRO C 71 -30.53 21.33 -11.98
N LEU C 72 -31.23 22.14 -11.19
CA LEU C 72 -30.70 23.39 -10.66
C LEU C 72 -30.51 23.28 -9.16
N ARG C 73 -29.48 23.93 -8.65
CA ARG C 73 -29.14 23.84 -7.23
C ARG C 73 -29.54 25.07 -6.42
N TYR C 74 -29.83 26.20 -7.06
CA TYR C 74 -30.33 27.38 -6.35
C TYR C 74 -31.26 28.16 -7.29
N PRO C 75 -32.45 27.61 -7.58
CA PRO C 75 -33.41 28.34 -8.40
C PRO C 75 -34.19 29.37 -7.60
N ALA C 76 -35.17 30.01 -8.22
CA ALA C 76 -36.09 30.93 -7.54
C ALA C 76 -37.50 30.43 -7.75
N THR C 77 -38.05 29.75 -6.74
CA THR C 77 -39.37 29.14 -6.83
C THR C 77 -40.44 30.06 -6.27
N CYS C 78 -41.62 29.97 -6.87
CA CYS C 78 -42.78 30.75 -6.42
C CYS C 78 -44.03 30.15 -7.03
N SER C 79 -45.14 30.27 -6.30
CA SER C 79 -46.42 29.79 -6.79
C SER C 79 -47.08 30.85 -7.68
N TYR C 80 -47.95 30.37 -8.57
CA TYR C 80 -48.63 31.27 -9.50
C TYR C 80 -49.91 30.59 -9.96
N LYS C 81 -51.05 31.18 -9.59
CA LYS C 81 -52.38 30.66 -9.95
C LYS C 81 -53.16 31.80 -10.58
N GLY C 82 -53.00 31.97 -11.89
CA GLY C 82 -53.69 33.04 -12.62
C GLY C 82 -53.76 32.71 -14.10
N ASP C 87 -57.56 29.16 -16.04
CA ASP C 87 -56.33 29.23 -15.27
C ASP C 87 -55.76 27.84 -14.98
N LYS C 88 -54.57 27.79 -14.39
CA LYS C 88 -53.92 26.53 -14.06
C LYS C 88 -52.83 26.81 -13.04
N HIS C 89 -52.84 26.08 -11.92
CA HIS C 89 -51.79 26.23 -10.92
C HIS C 89 -50.45 25.81 -11.51
N GLN C 90 -49.43 26.63 -11.26
CA GLN C 90 -48.13 26.42 -11.89
C GLN C 90 -47.07 27.19 -11.12
N TYR C 91 -45.84 26.66 -11.18
CA TYR C 91 -44.68 27.24 -10.52
C TYR C 91 -43.80 27.95 -11.54
N ILE C 92 -42.86 28.76 -11.05
CA ILE C 92 -41.92 29.48 -11.88
C ILE C 92 -40.50 29.18 -11.41
N ILE C 93 -39.61 28.92 -12.36
CA ILE C 93 -38.22 28.62 -12.06
C ILE C 93 -37.35 29.61 -12.83
N HIS C 94 -36.42 30.26 -12.13
CA HIS C 94 -35.50 31.20 -12.73
C HIS C 94 -34.11 31.01 -12.13
N GLY C 95 -33.09 31.34 -12.93
CA GLY C 95 -31.73 31.24 -12.46
C GLY C 95 -31.31 29.79 -12.28
N GLY C 96 -30.65 29.53 -11.17
CA GLY C 96 -30.18 28.19 -10.84
C GLY C 96 -28.71 28.03 -11.13
N LYS C 97 -28.22 26.81 -10.89
CA LYS C 97 -26.84 26.46 -11.12
C LYS C 97 -26.76 25.03 -11.66
N THR C 98 -26.37 24.89 -12.92
CA THR C 98 -26.29 23.59 -13.55
C THR C 98 -25.19 22.76 -12.92
N PRO C 99 -25.24 21.43 -13.07
CA PRO C 99 -24.17 20.58 -12.53
C PRO C 99 -22.80 20.88 -13.11
N ASN C 100 -22.72 21.61 -14.22
CA ASN C 100 -21.44 22.05 -14.77
C ASN C 100 -20.98 23.38 -14.18
N ASN C 101 -21.55 23.80 -13.04
CA ASN C 101 -21.21 25.05 -12.38
C ASN C 101 -21.47 26.26 -13.29
N GLU C 102 -22.41 26.13 -14.22
CA GLU C 102 -22.78 27.19 -15.14
C GLU C 102 -24.14 27.74 -14.73
N LEU C 103 -24.24 29.07 -14.63
CA LEU C 103 -25.48 29.70 -14.23
C LEU C 103 -26.45 29.77 -15.39
N SER C 104 -27.68 29.32 -15.16
CA SER C 104 -28.73 29.39 -16.16
C SER C 104 -29.51 30.69 -16.03
N ASP C 105 -30.09 31.12 -17.15
CA ASP C 105 -30.90 32.34 -17.18
C ASP C 105 -32.28 32.14 -17.76
N LYS C 106 -32.60 30.96 -18.26
CA LYS C 106 -33.90 30.70 -18.86
C LYS C 106 -34.95 30.43 -17.79
N ILE C 107 -36.19 30.81 -18.08
CA ILE C 107 -37.30 30.60 -17.16
C ILE C 107 -38.08 29.38 -17.60
N TYR C 108 -38.28 28.44 -16.67
CA TYR C 108 -39.08 27.25 -16.91
C TYR C 108 -40.36 27.30 -16.08
N ILE C 109 -41.43 26.75 -16.62
CA ILE C 109 -42.74 26.79 -15.99
C ILE C 109 -43.25 25.36 -15.85
N MET C 110 -43.39 24.90 -14.61
CA MET C 110 -43.94 23.58 -14.35
C MET C 110 -45.46 23.63 -14.33
N SER C 111 -46.08 22.52 -14.71
CA SER C 111 -47.52 22.39 -14.70
C SER C 111 -47.95 20.94 -14.89
N VAL C 112 -49.09 20.56 -14.32
CA VAL C 112 -49.61 19.20 -14.43
C VAL C 112 -50.48 19.13 -15.68
N ALA C 113 -50.06 18.31 -16.64
CA ALA C 113 -50.80 18.17 -17.89
C ALA C 113 -51.82 17.03 -17.86
N CYS C 114 -51.56 15.98 -17.08
CA CYS C 114 -52.46 14.84 -16.99
C CYS C 114 -52.07 14.02 -15.78
N LYS C 115 -53.02 13.24 -15.27
CA LYS C 115 -52.77 12.38 -14.13
C LYS C 115 -53.84 11.30 -14.08
N ASN C 116 -53.44 10.12 -13.61
CA ASN C 116 -54.34 8.99 -13.41
C ASN C 116 -53.63 7.94 -12.56
N ASN C 117 -54.40 7.24 -11.72
CA ASN C 117 -53.87 6.22 -10.83
C ASN C 117 -52.73 6.76 -9.97
N LYS C 118 -52.85 8.03 -9.57
CA LYS C 118 -51.84 8.72 -8.78
C LYS C 118 -50.50 8.76 -9.51
N LYS C 119 -50.55 8.96 -10.82
CA LYS C 119 -49.36 9.08 -11.66
C LYS C 119 -49.52 10.34 -12.52
N VAL C 120 -48.82 11.40 -12.13
CA VAL C 120 -48.95 12.69 -12.80
C VAL C 120 -48.09 12.73 -14.05
N THR C 121 -48.34 13.71 -14.91
CA THR C 121 -47.55 13.90 -16.13
C THR C 121 -47.34 15.40 -16.29
N PHE C 122 -46.09 15.84 -16.17
CA PHE C 122 -45.79 17.26 -16.09
C PHE C 122 -45.82 17.91 -17.48
N ARG C 123 -45.63 19.23 -17.48
CA ARG C 123 -45.58 20.01 -18.73
C ARG C 123 -44.63 21.18 -18.46
N CYS C 124 -43.35 20.99 -18.80
CA CYS C 124 -42.32 21.98 -18.56
C CYS C 124 -42.09 22.76 -19.85
N THR C 125 -42.59 24.00 -19.88
CA THR C 125 -42.46 24.87 -21.04
C THR C 125 -41.38 25.90 -20.81
N GLU C 126 -40.61 26.19 -21.85
CA GLU C 126 -39.55 27.18 -21.78
C GLU C 126 -40.13 28.58 -21.94
N LYS C 127 -39.50 29.54 -21.26
CA LYS C 127 -39.92 30.94 -21.31
C LYS C 127 -38.68 31.82 -21.42
N ASP C 128 -38.70 32.76 -22.36
CA ASP C 128 -37.59 33.66 -22.60
C ASP C 128 -38.02 35.10 -22.33
N LEU C 129 -37.04 35.93 -22.02
CA LEU C 129 -37.28 37.33 -21.66
C LEU C 129 -36.76 38.26 -22.73
N VAL C 130 -37.31 39.48 -22.74
CA VAL C 130 -36.88 40.55 -23.64
C VAL C 130 -36.79 41.84 -22.84
N GLY C 131 -36.09 42.81 -23.41
CA GLY C 131 -35.93 44.10 -22.77
C GLY C 131 -34.74 44.11 -21.80
N ASP C 132 -35.01 44.41 -20.54
CA ASP C 132 -33.98 44.44 -19.50
C ASP C 132 -33.95 43.07 -18.83
N VAL C 133 -33.18 42.16 -19.42
CA VAL C 133 -33.05 40.80 -18.91
C VAL C 133 -32.05 40.78 -17.76
N PRO C 134 -32.29 40.00 -16.71
CA PRO C 134 -31.36 39.96 -15.59
C PRO C 134 -30.16 39.05 -15.86
N GLU C 135 -29.05 39.37 -15.21
CA GLU C 135 -27.87 38.52 -15.25
C GLU C 135 -28.20 37.16 -14.64
N PRO C 136 -27.75 36.07 -15.25
CA PRO C 136 -27.94 34.76 -14.64
C PRO C 136 -27.30 34.69 -13.26
N ARG C 137 -28.08 34.25 -12.28
CA ARG C 137 -27.70 34.39 -10.88
C ARG C 137 -28.40 33.32 -10.07
N TYR C 138 -27.91 33.12 -8.84
CA TYR C 138 -28.49 32.18 -7.90
C TYR C 138 -28.67 32.87 -6.55
N GLY C 139 -29.37 32.19 -5.64
CA GLY C 139 -29.62 32.71 -4.31
C GLY C 139 -30.63 33.83 -4.23
N HIS C 140 -31.19 34.28 -5.34
CA HIS C 140 -32.18 35.34 -5.34
C HIS C 140 -33.55 34.75 -5.00
N SER C 141 -34.60 35.56 -5.16
CA SER C 141 -35.96 35.12 -4.87
C SER C 141 -36.93 35.90 -5.73
N ILE C 142 -37.92 35.20 -6.27
CA ILE C 142 -38.93 35.81 -7.12
C ILE C 142 -40.31 35.55 -6.51
N ASP C 143 -41.20 36.53 -6.65
CA ASP C 143 -42.56 36.43 -6.14
C ASP C 143 -43.53 37.00 -7.16
N VAL C 144 -44.80 36.70 -6.97
CA VAL C 144 -45.86 37.18 -7.85
C VAL C 144 -46.67 38.24 -7.13
N VAL C 145 -47.27 39.14 -7.91
CA VAL C 145 -48.01 40.28 -7.38
C VAL C 145 -49.28 40.47 -8.19
N TYR C 146 -50.37 40.74 -7.49
CA TYR C 146 -51.67 40.97 -8.13
C TYR C 146 -52.06 42.42 -7.86
N SER C 147 -52.52 43.11 -8.89
CA SER C 147 -52.92 44.51 -8.74
C SER C 147 -53.94 44.86 -9.82
N ARG C 148 -55.14 45.24 -9.39
CA ARG C 148 -56.21 45.69 -10.30
C ARG C 148 -56.51 44.63 -11.36
N GLY C 149 -56.66 43.39 -10.91
CA GLY C 149 -56.92 42.29 -11.82
C GLY C 149 -55.82 42.06 -12.82
N LYS C 150 -54.56 42.08 -12.36
CA LYS C 150 -53.42 41.91 -13.24
C LYS C 150 -52.26 41.36 -12.43
N SER C 151 -51.55 40.40 -13.01
CA SER C 151 -50.43 39.73 -12.35
C SER C 151 -49.11 40.32 -12.82
N MET C 152 -48.09 40.15 -11.98
CA MET C 152 -46.75 40.65 -12.26
C MET C 152 -45.77 40.01 -11.29
N GLY C 153 -44.59 39.70 -11.80
CA GLY C 153 -43.54 39.10 -11.00
C GLY C 153 -42.52 40.11 -10.53
N VAL C 154 -41.95 39.86 -9.36
CA VAL C 154 -40.94 40.74 -8.76
C VAL C 154 -39.69 39.91 -8.51
N LEU C 155 -38.57 40.33 -9.09
CA LEU C 155 -37.29 39.63 -8.97
C LEU C 155 -36.30 40.56 -8.28
N PHE C 156 -35.87 40.16 -7.08
CA PHE C 156 -34.88 40.93 -6.34
C PHE C 156 -33.50 40.41 -6.71
N GLY C 157 -32.47 41.19 -6.43
CA GLY C 157 -31.13 40.79 -6.81
C GLY C 157 -30.57 39.66 -5.96
N GLY C 158 -29.57 38.98 -6.53
CA GLY C 158 -28.86 37.92 -5.84
C GLY C 158 -27.36 38.03 -6.06
N ARG C 159 -26.69 36.88 -6.22
CA ARG C 159 -25.26 36.84 -6.48
C ARG C 159 -24.96 36.00 -7.71
N SER C 160 -23.81 36.26 -8.32
CA SER C 160 -23.38 35.58 -9.53
C SER C 160 -21.86 35.66 -9.62
N TYR C 161 -21.32 35.17 -10.74
CA TYR C 161 -19.88 35.20 -10.96
C TYR C 161 -19.44 36.60 -11.38
N MET C 162 -18.14 36.73 -11.68
CA MET C 162 -17.63 37.97 -12.21
C MET C 162 -18.22 38.23 -13.60
N PRO C 163 -18.28 39.49 -14.03
CA PRO C 163 -18.71 39.77 -15.41
C PRO C 163 -17.67 39.27 -16.40
N SER C 164 -18.07 39.21 -17.67
CA SER C 164 -17.26 38.62 -18.73
C SER C 164 -15.97 39.39 -19.01
N THR C 165 -15.68 40.51 -18.35
CA THR C 165 -14.46 41.28 -18.61
C THR C 165 -13.40 41.00 -17.55
N GLN C 166 -13.73 41.22 -16.27
CA GLN C 166 -12.76 41.06 -15.21
C GLN C 166 -12.61 39.62 -14.74
N ARG C 167 -13.40 38.69 -15.28
CA ARG C 167 -13.32 37.30 -14.84
C ARG C 167 -12.02 36.68 -15.37
N THR C 168 -11.18 36.21 -14.45
CA THR C 168 -9.90 35.61 -14.79
C THR C 168 -9.88 34.16 -14.34
N THR C 169 -8.96 33.38 -14.92
CA THR C 169 -8.87 31.97 -14.61
C THR C 169 -8.30 31.72 -13.22
N GLU C 170 -7.56 32.67 -12.66
CA GLU C 170 -7.06 32.54 -11.30
C GLU C 170 -8.12 32.81 -10.24
N LYS C 171 -9.23 33.44 -10.63
CA LYS C 171 -10.38 33.65 -9.76
C LYS C 171 -11.66 33.26 -10.48
N TRP C 172 -11.63 32.10 -11.14
CA TRP C 172 -12.72 31.66 -12.00
C TRP C 172 -14.01 31.39 -11.24
N ASN C 173 -13.93 31.16 -9.92
CA ASN C 173 -15.11 30.85 -9.12
C ASN C 173 -15.45 31.95 -8.13
N SER C 174 -15.00 33.18 -8.39
CA SER C 174 -15.34 34.29 -7.52
C SER C 174 -16.82 34.67 -7.68
N VAL C 175 -17.40 35.19 -6.61
CA VAL C 175 -18.82 35.51 -6.57
C VAL C 175 -19.00 36.90 -5.98
N ALA C 176 -19.83 37.71 -6.64
CA ALA C 176 -20.19 39.04 -6.17
C ALA C 176 -21.70 39.21 -6.25
N ASP C 177 -22.26 39.98 -5.32
CA ASP C 177 -23.69 40.22 -5.31
C ASP C 177 -24.09 41.11 -6.48
N CYS C 178 -25.23 40.79 -7.09
CA CYS C 178 -25.74 41.60 -8.19
C CYS C 178 -26.22 42.95 -7.67
N LEU C 179 -26.39 43.88 -8.59
CA LEU C 179 -26.82 45.22 -8.22
C LEU C 179 -28.26 45.17 -7.70
N PRO C 180 -28.59 45.92 -6.65
CA PRO C 180 -29.93 45.86 -6.05
C PRO C 180 -30.99 46.57 -6.90
N HIS C 181 -31.35 45.95 -8.02
CA HIS C 181 -32.41 46.44 -8.88
C HIS C 181 -33.64 45.54 -8.76
N VAL C 182 -34.81 46.14 -8.96
CA VAL C 182 -36.07 45.41 -8.91
C VAL C 182 -36.52 45.16 -10.35
N PHE C 183 -36.79 43.89 -10.66
CA PHE C 183 -37.19 43.48 -11.99
C PHE C 183 -38.66 43.07 -11.98
N LEU C 184 -39.44 43.66 -12.89
CA LEU C 184 -40.84 43.30 -13.08
C LEU C 184 -40.96 42.51 -14.37
N ILE C 185 -41.45 41.27 -14.26
CA ILE C 185 -41.53 40.35 -15.38
C ILE C 185 -43.00 40.04 -15.65
N ASP C 186 -43.43 40.29 -16.88
CA ASP C 186 -44.80 39.99 -17.28
C ASP C 186 -44.78 38.57 -17.84
N PHE C 187 -45.43 37.65 -17.14
CA PHE C 187 -45.41 36.24 -17.55
C PHE C 187 -46.23 36.03 -18.82
N GLU C 188 -47.22 36.88 -19.06
CA GLU C 188 -48.08 36.70 -20.23
C GLU C 188 -47.34 37.00 -21.52
N PHE C 189 -46.44 37.99 -21.50
CA PHE C 189 -45.71 38.40 -22.69
C PHE C 189 -44.24 38.01 -22.65
N GLY C 190 -43.56 38.27 -21.53
CA GLY C 190 -42.16 38.01 -21.39
C GLY C 190 -41.25 39.23 -21.43
N CYS C 191 -41.76 40.41 -21.07
CA CYS C 191 -40.99 41.64 -21.10
C CYS C 191 -40.60 42.04 -19.68
N ALA C 192 -39.30 42.06 -19.40
CA ALA C 192 -38.78 42.46 -18.10
C ALA C 192 -38.26 43.88 -18.17
N THR C 193 -38.32 44.57 -17.03
CA THR C 193 -37.86 45.95 -16.95
C THR C 193 -37.21 46.17 -15.59
N SER C 194 -36.07 46.85 -15.61
CA SER C 194 -35.28 47.09 -14.40
C SER C 194 -35.60 48.47 -13.83
N TYR C 195 -35.83 48.54 -12.52
CA TYR C 195 -36.10 49.78 -11.82
C TYR C 195 -35.02 50.02 -10.77
N ILE C 196 -34.90 51.27 -10.35
CA ILE C 196 -33.91 51.69 -9.36
C ILE C 196 -34.63 52.30 -8.18
N LEU C 197 -34.22 51.92 -6.97
CA LEU C 197 -34.81 52.43 -5.75
C LEU C 197 -33.72 53.01 -4.86
N PRO C 198 -33.85 54.26 -4.41
CA PRO C 198 -32.81 54.84 -3.55
C PRO C 198 -32.66 54.13 -2.21
N GLU C 199 -33.73 53.51 -1.70
CA GLU C 199 -33.66 52.81 -0.43
C GLU C 199 -32.76 51.58 -0.51
N LEU C 200 -32.86 50.84 -1.62
CA LEU C 200 -32.00 49.69 -1.85
C LEU C 200 -30.58 50.16 -2.08
N GLN C 201 -29.70 49.95 -1.09
CA GLN C 201 -28.35 50.48 -1.14
C GLN C 201 -27.28 49.44 -1.43
N ASP C 202 -27.45 48.21 -0.94
CA ASP C 202 -26.43 47.17 -1.09
C ASP C 202 -27.06 45.90 -1.64
N GLY C 203 -26.23 45.06 -2.25
CA GLY C 203 -26.70 43.79 -2.74
C GLY C 203 -27.08 42.85 -1.60
N LEU C 204 -27.98 41.92 -1.89
CA LEU C 204 -28.48 41.00 -0.89
C LEU C 204 -28.72 39.64 -1.54
N SER C 205 -28.42 38.58 -0.80
CA SER C 205 -28.57 37.23 -1.31
C SER C 205 -29.02 36.31 -0.19
N PHE C 206 -29.60 35.18 -0.58
CA PHE C 206 -30.12 34.16 0.34
C PHE C 206 -31.12 34.75 1.33
N HIS C 207 -31.83 35.79 0.92
CA HIS C 207 -32.81 36.42 1.79
C HIS C 207 -34.14 35.68 1.75
N VAL C 208 -35.10 36.18 2.49
CA VAL C 208 -36.44 35.61 2.56
C VAL C 208 -37.44 36.69 2.15
N SER C 209 -38.29 36.38 1.17
CA SER C 209 -39.26 37.34 0.66
C SER C 209 -40.67 36.79 0.89
N ILE C 210 -41.51 37.61 1.50
CA ILE C 210 -42.90 37.26 1.77
C ILE C 210 -43.79 38.02 0.79
N ALA C 211 -44.66 37.31 0.09
CA ALA C 211 -45.53 37.91 -0.91
C ALA C 211 -46.95 38.04 -0.37
N ARG C 212 -47.67 39.01 -0.93
CA ARG C 212 -49.05 39.29 -0.57
C ARG C 212 -49.77 39.80 -1.81
N ASN C 213 -50.90 40.45 -1.61
CA ASN C 213 -51.67 41.00 -2.72
C ASN C 213 -50.82 41.87 -3.65
N ASP C 214 -50.26 42.96 -3.12
CA ASP C 214 -49.52 43.88 -3.98
C ASP C 214 -48.24 44.40 -3.32
N THR C 215 -47.67 43.68 -2.36
CA THR C 215 -46.47 44.13 -1.68
C THR C 215 -45.61 42.94 -1.28
N VAL C 216 -44.31 43.04 -1.52
CA VAL C 216 -43.35 41.98 -1.18
C VAL C 216 -42.60 42.40 0.07
N TYR C 217 -42.44 41.47 1.01
CA TYR C 217 -41.75 41.72 2.28
C TYR C 217 -40.43 40.97 2.26
N ILE C 218 -39.34 41.70 2.05
CA ILE C 218 -37.99 41.11 2.08
C ILE C 218 -37.49 41.19 3.51
N LEU C 219 -37.24 40.03 4.11
CA LEU C 219 -36.83 39.92 5.51
C LEU C 219 -35.48 39.23 5.58
N GLY C 220 -34.51 39.88 6.22
CA GLY C 220 -33.21 39.29 6.44
C GLY C 220 -32.42 39.08 5.16
N GLY C 221 -31.31 38.39 5.29
CA GLY C 221 -30.47 38.06 4.16
C GLY C 221 -29.00 38.11 4.54
N HIS C 222 -28.16 38.06 3.51
CA HIS C 222 -26.72 38.10 3.67
C HIS C 222 -26.12 39.00 2.60
N SER C 223 -25.20 39.88 3.01
CA SER C 223 -24.53 40.80 2.12
C SER C 223 -23.06 40.40 2.00
N LEU C 224 -22.63 40.09 0.78
CA LEU C 224 -21.26 39.67 0.57
C LEU C 224 -20.30 40.86 0.44
N ALA C 225 -20.82 42.03 0.11
CA ALA C 225 -19.96 43.19 -0.09
C ALA C 225 -19.20 43.56 1.19
N SER C 226 -19.86 43.44 2.34
CA SER C 226 -19.24 43.78 3.62
C SER C 226 -19.23 42.62 4.60
N ASN C 227 -19.68 41.43 4.19
CA ASN C 227 -19.73 40.25 5.05
C ASN C 227 -20.51 40.54 6.33
N ILE C 228 -21.72 41.08 6.15
CA ILE C 228 -22.60 41.45 7.25
C ILE C 228 -24.00 40.92 6.94
N ARG C 229 -24.66 40.38 7.97
CA ARG C 229 -26.05 39.97 7.86
C ARG C 229 -26.94 41.03 8.50
N PRO C 230 -27.53 41.93 7.70
CA PRO C 230 -28.31 43.03 8.27
C PRO C 230 -29.54 42.57 9.02
N ALA C 231 -30.16 43.48 9.76
CA ALA C 231 -31.38 43.21 10.53
C ALA C 231 -32.46 44.22 10.16
N ASN C 232 -32.66 44.40 8.86
CA ASN C 232 -33.63 45.35 8.34
C ASN C 232 -34.54 44.66 7.34
N LEU C 233 -35.84 44.88 7.47
CA LEU C 233 -36.82 44.34 6.54
C LEU C 233 -37.35 45.47 5.66
N TYR C 234 -37.70 45.12 4.43
CA TYR C 234 -38.13 46.08 3.42
C TYR C 234 -39.60 45.84 3.06
N ARG C 235 -40.21 46.85 2.45
CA ARG C 235 -41.61 46.79 2.04
C ARG C 235 -41.72 47.39 0.64
N ILE C 236 -41.73 46.52 -0.37
CA ILE C 236 -41.81 46.93 -1.76
C ILE C 236 -43.28 46.87 -2.17
N ARG C 237 -43.96 48.02 -2.12
CA ARG C 237 -45.34 48.14 -2.55
C ARG C 237 -45.39 48.65 -3.97
N VAL C 238 -46.07 47.92 -4.85
CA VAL C 238 -46.14 48.28 -6.26
C VAL C 238 -47.58 48.57 -6.64
N ASP C 239 -47.79 48.98 -7.88
CA ASP C 239 -49.13 49.26 -8.40
C ASP C 239 -49.10 49.07 -9.91
N LEU C 240 -50.20 48.56 -10.46
CA LEU C 240 -50.31 48.22 -11.87
C LEU C 240 -51.49 48.97 -12.48
N PRO C 241 -51.32 50.24 -12.83
CA PRO C 241 -52.36 50.98 -13.55
C PRO C 241 -52.34 50.61 -15.02
N LEU C 242 -53.17 51.30 -15.80
CA LEU C 242 -53.18 51.09 -17.24
C LEU C 242 -51.88 51.57 -17.88
N GLY C 243 -51.22 52.55 -17.27
CA GLY C 243 -49.95 53.04 -17.75
C GLY C 243 -48.78 52.21 -17.23
N THR C 244 -47.61 52.85 -17.24
CA THR C 244 -46.42 52.17 -16.76
C THR C 244 -46.50 51.97 -15.25
N PRO C 245 -46.05 50.82 -14.74
CA PRO C 245 -46.13 50.57 -13.29
C PRO C 245 -45.25 51.52 -12.51
N ALA C 246 -45.44 51.51 -11.19
CA ALA C 246 -44.67 52.33 -10.27
C ALA C 246 -44.34 51.51 -9.04
N VAL C 247 -43.07 51.54 -8.64
CA VAL C 247 -42.59 50.77 -7.50
C VAL C 247 -42.11 51.72 -6.42
N ASN C 248 -42.30 51.30 -5.17
CA ASN C 248 -41.85 52.07 -4.02
CA ASN C 248 -41.86 52.07 -4.02
C ASN C 248 -41.34 51.11 -2.95
N CYS C 249 -40.39 51.60 -2.16
CA CYS C 249 -39.81 50.81 -1.08
C CYS C 249 -39.61 51.68 0.14
N THR C 250 -39.98 51.17 1.31
CA THR C 250 -39.82 51.86 2.57
C THR C 250 -39.25 50.91 3.60
N VAL C 251 -38.17 51.33 4.26
CA VAL C 251 -37.59 50.51 5.31
C VAL C 251 -38.55 50.46 6.50
N LEU C 252 -38.42 49.40 7.30
CA LEU C 252 -39.32 49.19 8.43
C LEU C 252 -38.54 48.81 9.67
N PRO C 253 -39.03 49.15 10.86
CA PRO C 253 -38.36 48.75 12.09
C PRO C 253 -38.62 47.29 12.45
N GLY C 254 -37.76 46.76 13.29
CA GLY C 254 -37.91 45.40 13.77
C GLY C 254 -37.57 44.35 12.72
N GLY C 255 -36.30 44.29 12.32
CA GLY C 255 -35.84 43.30 11.37
C GLY C 255 -35.23 42.09 12.05
N ILE C 256 -34.83 41.13 11.23
CA ILE C 256 -34.25 39.88 11.70
C ILE C 256 -33.02 39.58 10.85
N SER C 257 -31.94 39.15 11.51
CA SER C 257 -30.67 38.87 10.85
C SER C 257 -30.52 37.36 10.70
N VAL C 258 -31.02 36.83 9.58
CA VAL C 258 -30.94 35.41 9.28
C VAL C 258 -30.62 35.24 7.80
N SER C 259 -29.78 34.25 7.49
CA SER C 259 -29.47 33.88 6.12
C SER C 259 -29.83 32.42 5.90
N SER C 260 -30.27 32.11 4.69
CA SER C 260 -30.65 30.75 4.34
C SER C 260 -31.77 30.21 5.23
N ALA C 261 -32.80 31.03 5.43
CA ALA C 261 -33.93 30.61 6.25
C ALA C 261 -34.96 29.88 5.40
N ILE C 262 -35.78 29.07 6.07
CA ILE C 262 -36.82 28.28 5.42
C ILE C 262 -38.17 28.83 5.87
N LEU C 263 -38.96 29.30 4.92
CA LEU C 263 -40.25 29.92 5.19
C LEU C 263 -41.38 28.98 4.80
N THR C 264 -42.45 29.00 5.57
CA THR C 264 -43.64 28.20 5.28
C THR C 264 -44.86 28.89 5.85
N GLN C 265 -46.02 28.58 5.26
CA GLN C 265 -47.27 29.21 5.64
C GLN C 265 -48.06 28.27 6.55
N THR C 266 -48.58 28.81 7.66
CA THR C 266 -49.37 28.05 8.61
C THR C 266 -50.87 28.23 8.40
N ASN C 267 -51.35 29.47 8.42
CA ASN C 267 -52.76 29.78 8.27
C ASN C 267 -52.91 30.86 7.21
N ASN C 268 -54.16 31.29 7.01
CA ASN C 268 -54.43 32.35 6.04
C ASN C 268 -53.87 33.68 6.54
N ASP C 269 -53.01 34.29 5.74
CA ASP C 269 -52.36 35.56 6.07
C ASP C 269 -51.59 35.43 7.38
N GLU C 270 -50.73 34.41 7.42
CA GLU C 270 -49.89 34.14 8.58
C GLU C 270 -48.76 33.21 8.16
N PHE C 271 -47.54 33.56 8.53
CA PHE C 271 -46.37 32.79 8.15
C PHE C 271 -45.51 32.52 9.37
N VAL C 272 -44.82 31.38 9.34
CA VAL C 272 -43.84 31.03 10.35
C VAL C 272 -42.52 30.74 9.66
N ILE C 273 -41.43 31.21 10.25
CA ILE C 273 -40.09 31.07 9.69
C ILE C 273 -39.24 30.33 10.71
N VAL C 274 -38.39 29.44 10.25
CA VAL C 274 -37.50 28.68 11.11
C VAL C 274 -36.10 29.28 10.99
N GLY C 275 -35.20 28.84 11.87
CA GLY C 275 -33.87 29.41 11.90
C GLY C 275 -33.13 29.17 10.60
N GLY C 276 -32.13 29.99 10.36
CA GLY C 276 -31.21 29.80 9.25
C GLY C 276 -29.78 29.82 9.75
N TYR C 277 -28.98 30.75 9.23
CA TYR C 277 -27.64 31.01 9.73
C TYR C 277 -27.59 32.42 10.30
N GLN C 278 -27.23 32.52 11.58
CA GLN C 278 -27.19 33.80 12.28
C GLN C 278 -25.83 34.48 12.12
N LEU C 279 -24.74 33.78 12.44
CA LEU C 279 -23.39 34.24 12.13
C LEU C 279 -22.64 33.16 11.36
N GLU C 280 -21.34 33.36 11.18
CA GLU C 280 -20.54 32.40 10.44
C GLU C 280 -20.52 31.04 11.14
N ASN C 281 -20.03 31.00 12.37
CA ASN C 281 -19.99 29.77 13.16
C ASN C 281 -21.11 29.68 14.18
N GLN C 282 -21.92 30.73 14.31
CA GLN C 282 -23.07 30.71 15.19
C GLN C 282 -24.31 30.33 14.38
N LYS C 283 -25.12 29.46 14.96
CA LYS C 283 -26.30 28.98 14.26
C LYS C 283 -27.59 29.34 14.95
N ARG C 284 -28.50 29.92 14.16
CA ARG C 284 -29.81 30.32 14.66
C ARG C 284 -30.59 29.07 14.98
N MET C 285 -31.06 28.98 16.21
CA MET C 285 -31.80 27.80 16.66
C MET C 285 -33.24 28.09 17.04
N VAL C 286 -33.59 29.33 17.35
CA VAL C 286 -34.95 29.68 17.76
C VAL C 286 -35.74 30.13 16.54
N CYS C 287 -37.03 29.81 16.53
CA CYS C 287 -37.90 30.14 15.43
C CYS C 287 -38.60 31.47 15.66
N SER C 288 -39.19 32.00 14.59
CA SER C 288 -39.91 33.27 14.65
C SER C 288 -41.26 33.12 13.95
N LEU C 289 -42.20 33.97 14.34
CA LEU C 289 -43.55 33.97 13.80
C LEU C 289 -43.85 35.32 13.17
N VAL C 290 -44.44 35.29 11.99
CA VAL C 290 -44.78 36.50 11.23
C VAL C 290 -46.28 36.55 11.07
N SER C 291 -46.91 37.55 11.69
CA SER C 291 -48.36 37.75 11.61
C SER C 291 -48.63 39.02 10.81
N LEU C 292 -49.42 38.90 9.76
CA LEU C 292 -49.71 40.02 8.88
C LEU C 292 -51.08 40.61 9.19
N GLY C 293 -51.25 41.88 8.82
CA GLY C 293 -52.52 42.56 8.97
C GLY C 293 -53.10 42.99 7.64
N ASP C 294 -53.13 44.30 7.41
CA ASP C 294 -53.57 44.82 6.11
C ASP C 294 -52.49 45.75 5.54
N ASN C 295 -51.85 46.53 6.42
CA ASN C 295 -50.74 47.38 6.00
C ASN C 295 -49.64 47.36 7.07
N THR C 296 -49.65 46.38 7.95
CA THR C 296 -48.69 46.30 9.05
C THR C 296 -48.07 44.90 9.07
N ILE C 297 -47.06 44.75 9.92
CA ILE C 297 -46.37 43.49 10.13
C ILE C 297 -46.20 43.26 11.63
N GLU C 298 -45.79 42.05 11.99
CA GLU C 298 -45.54 41.71 13.38
C GLU C 298 -44.69 40.45 13.49
N ILE C 299 -43.58 40.52 14.22
CA ILE C 299 -42.67 39.40 14.40
C ILE C 299 -42.59 39.10 15.90
N SER C 300 -42.45 37.81 16.22
CA SER C 300 -42.31 37.38 17.60
C SER C 300 -41.51 36.09 17.63
N GLU C 301 -41.13 35.67 18.83
CA GLU C 301 -40.34 34.46 19.03
C GLU C 301 -41.21 33.39 19.65
N MET C 302 -41.43 32.30 18.92
CA MET C 302 -42.22 31.18 19.41
C MET C 302 -41.38 30.36 20.39
N GLU C 303 -41.96 29.29 20.92
CA GLU C 303 -41.22 28.39 21.79
C GLU C 303 -40.23 27.58 20.97
N THR C 304 -39.00 27.51 21.46
CA THR C 304 -37.96 26.79 20.74
C THR C 304 -38.28 25.30 20.71
N PRO C 305 -38.11 24.64 19.57
CA PRO C 305 -38.41 23.20 19.50
C PRO C 305 -37.42 22.39 20.33
N ASP C 306 -37.82 21.16 20.63
CA ASP C 306 -36.98 20.23 21.39
C ASP C 306 -35.91 19.65 20.44
N TRP C 307 -34.91 20.47 20.16
CA TRP C 307 -33.83 20.07 19.29
C TRP C 307 -33.05 18.91 19.89
N THR C 308 -32.48 18.08 19.02
CA THR C 308 -31.69 16.95 19.44
C THR C 308 -30.21 17.32 19.53
N SER C 309 -29.46 16.49 20.26
CA SER C 309 -28.04 16.76 20.49
C SER C 309 -27.21 16.74 19.22
N ASP C 310 -27.66 16.05 18.17
CA ASP C 310 -26.91 16.03 16.92
C ASP C 310 -27.08 17.34 16.15
N ILE C 311 -28.27 17.94 16.21
CA ILE C 311 -28.50 19.19 15.52
C ILE C 311 -27.85 20.34 16.29
N LYS C 312 -27.88 20.27 17.63
CA LYS C 312 -27.34 21.34 18.45
C LYS C 312 -25.84 21.55 18.23
N HIS C 313 -25.16 20.57 17.63
CA HIS C 313 -23.72 20.69 17.38
C HIS C 313 -23.35 20.63 15.91
N SER C 314 -24.28 20.24 15.03
CA SER C 314 -23.97 20.21 13.60
C SER C 314 -23.73 21.61 13.07
N LYS C 315 -22.75 21.73 12.17
CA LYS C 315 -22.38 23.04 11.64
C LYS C 315 -23.21 23.41 10.41
N ILE C 316 -23.48 22.45 9.53
CA ILE C 316 -24.22 22.70 8.31
C ILE C 316 -25.55 21.96 8.39
N TRP C 317 -26.59 22.62 7.88
CA TRP C 317 -27.94 22.06 7.83
C TRP C 317 -28.72 22.78 6.74
N PHE C 318 -29.57 22.06 6.03
CA PHE C 318 -30.34 22.66 4.94
C PHE C 318 -31.73 22.03 4.91
N GLY C 319 -32.57 22.57 4.05
CA GLY C 319 -33.92 22.06 3.90
C GLY C 319 -34.72 22.94 2.96
N SER C 320 -36.02 22.69 2.94
CA SER C 320 -36.94 23.46 2.11
C SER C 320 -38.35 23.34 2.70
N ASN C 321 -39.34 23.76 1.93
CA ASN C 321 -40.74 23.78 2.37
C ASN C 321 -41.50 22.67 1.66
N MET C 322 -42.30 21.92 2.43
CA MET C 322 -43.18 20.92 1.82
C MET C 322 -44.48 21.54 1.35
N GLY C 323 -45.12 22.34 2.20
CA GLY C 323 -46.31 23.06 1.81
C GLY C 323 -47.43 23.02 2.84
N ASN C 324 -47.55 21.92 3.56
CA ASN C 324 -48.57 21.79 4.60
C ASN C 324 -48.02 22.18 5.97
N GLY C 325 -47.41 23.36 6.04
CA GLY C 325 -46.81 23.81 7.29
C GLY C 325 -45.79 22.85 7.85
N THR C 326 -45.09 22.13 6.99
CA THR C 326 -44.13 21.11 7.40
C THR C 326 -42.79 21.40 6.74
N ILE C 327 -41.71 21.27 7.51
CA ILE C 327 -40.36 21.55 7.05
C ILE C 327 -39.56 20.27 7.02
N PHE C 328 -38.89 20.03 5.90
CA PHE C 328 -38.04 18.86 5.71
C PHE C 328 -36.59 19.30 5.66
N LEU C 329 -35.83 18.99 6.71
CA LEU C 329 -34.44 19.41 6.82
C LEU C 329 -33.54 18.19 7.02
N GLY C 330 -32.26 18.37 6.67
CA GLY C 330 -31.31 17.29 6.73
C GLY C 330 -30.07 17.67 7.50
N ILE C 331 -29.38 16.65 8.01
CA ILE C 331 -28.16 16.81 8.80
C ILE C 331 -27.08 15.94 8.19
N PRO C 332 -25.91 16.47 7.86
CA PRO C 332 -24.83 15.64 7.30
C PRO C 332 -24.24 14.71 8.35
N GLY C 333 -23.79 13.55 7.87
CA GLY C 333 -23.23 12.54 8.74
C GLY C 333 -21.72 12.39 8.61
N ASP C 334 -21.28 11.23 8.12
CA ASP C 334 -19.86 10.96 7.97
C ASP C 334 -19.64 9.93 6.87
N ASN C 335 -18.40 9.84 6.40
CA ASN C 335 -18.01 8.91 5.36
C ASN C 335 -18.86 9.07 4.10
N GLU C 341 -26.06 6.93 4.13
CA GLU C 341 -25.95 7.44 5.49
C GLU C 341 -25.19 8.77 5.52
N ALA C 342 -25.07 9.39 4.34
CA ALA C 342 -24.36 10.66 4.25
C ALA C 342 -25.14 11.80 4.88
N PHE C 343 -26.46 11.71 4.96
CA PHE C 343 -27.28 12.76 5.53
C PHE C 343 -28.36 12.15 6.42
N TYR C 344 -28.68 12.86 7.50
CA TYR C 344 -29.74 12.50 8.42
C TYR C 344 -30.88 13.49 8.23
N PHE C 345 -32.03 13.02 7.76
CA PHE C 345 -33.15 13.87 7.39
C PHE C 345 -34.22 13.81 8.47
N TYR C 346 -34.64 14.99 8.93
CA TYR C 346 -35.67 15.12 9.95
C TYR C 346 -36.81 15.98 9.41
N THR C 347 -38.01 15.76 9.95
CA THR C 347 -39.18 16.54 9.58
C THR C 347 -39.66 17.35 10.78
N LEU C 348 -40.38 18.42 10.49
CA LEU C 348 -40.86 19.33 11.54
C LEU C 348 -42.25 19.82 11.17
N ARG C 349 -43.19 19.61 12.08
CA ARG C 349 -44.56 20.05 11.89
C ARG C 349 -44.87 21.12 12.93
N CYS C 350 -45.48 22.21 12.47
CA CYS C 350 -45.83 23.33 13.33
C CYS C 350 -47.26 23.80 13.07
N SER C 351 -48.15 22.84 12.80
CA SER C 351 -49.57 23.12 12.53
C SER C 351 -49.74 24.11 11.38
N MET D 1 -16.59 -48.21 -6.78
CA MET D 1 -16.72 -48.16 -8.24
C MET D 1 -17.40 -46.85 -8.67
N SER D 2 -18.24 -46.31 -7.79
CA SER D 2 -18.99 -45.10 -8.06
C SER D 2 -18.47 -43.97 -7.19
N LEU D 3 -18.21 -42.82 -7.80
CA LEU D 3 -17.74 -41.63 -7.12
C LEU D 3 -18.91 -40.70 -6.82
N GLN D 4 -18.76 -39.87 -5.78
CA GLN D 4 -19.86 -39.04 -5.34
C GLN D 4 -19.32 -37.82 -4.61
N MET D 5 -19.97 -36.68 -4.80
CA MET D 5 -19.58 -35.45 -4.13
C MET D 5 -20.28 -35.39 -2.78
N VAL D 6 -19.55 -34.91 -1.77
CA VAL D 6 -20.04 -34.78 -0.40
C VAL D 6 -19.67 -33.40 0.12
N THR D 7 -20.65 -32.67 0.63
CA THR D 7 -20.44 -31.35 1.20
C THR D 7 -20.21 -31.46 2.70
N VAL D 8 -19.32 -30.59 3.21
CA VAL D 8 -18.94 -30.60 4.62
C VAL D 8 -19.53 -29.36 5.28
N GLY D 9 -19.81 -29.48 6.58
CA GLY D 9 -20.40 -28.40 7.34
C GLY D 9 -19.46 -27.25 7.64
N HIS D 10 -19.66 -26.60 8.79
CA HIS D 10 -18.90 -25.39 9.09
C HIS D 10 -17.46 -25.69 9.50
N ASN D 11 -17.25 -26.75 10.28
CA ASN D 11 -15.91 -27.09 10.78
C ASN D 11 -15.13 -27.95 9.79
N ILE D 12 -15.02 -27.47 8.55
CA ILE D 12 -14.27 -28.21 7.53
C ILE D 12 -12.78 -28.08 7.76
N ALA D 13 -12.34 -27.02 8.44
CA ALA D 13 -10.92 -26.79 8.64
C ALA D 13 -10.29 -27.82 9.57
N LEU D 14 -11.09 -28.57 10.33
CA LEU D 14 -10.56 -29.55 11.26
C LEU D 14 -10.13 -30.85 10.58
N ILE D 15 -10.21 -30.94 9.26
CA ILE D 15 -9.78 -32.12 8.53
C ILE D 15 -8.44 -31.82 7.87
N GLN D 16 -7.45 -32.66 8.14
CA GLN D 16 -6.10 -32.50 7.63
C GLN D 16 -5.62 -33.84 7.10
N PRO D 17 -4.61 -33.83 6.22
CA PRO D 17 -4.05 -35.09 5.73
C PRO D 17 -3.47 -35.91 6.86
N GLY D 18 -3.89 -37.17 6.95
CA GLY D 18 -3.41 -38.08 7.97
C GLY D 18 -4.42 -38.43 9.06
N PHE D 19 -5.68 -38.07 8.88
CA PHE D 19 -6.70 -38.40 9.88
C PHE D 19 -6.92 -39.90 9.92
N SER D 20 -7.71 -40.35 10.89
CA SER D 20 -7.93 -41.79 11.09
C SER D 20 -9.40 -41.99 11.44
N LEU D 21 -10.17 -42.50 10.48
CA LEU D 21 -11.56 -42.85 10.75
C LEU D 21 -11.64 -44.23 11.40
N MET D 22 -12.46 -44.32 12.45
CA MET D 22 -12.65 -45.56 13.19
C MET D 22 -14.13 -45.90 13.23
N ASN D 23 -14.43 -47.19 13.10
CA ASN D 23 -15.79 -47.67 12.96
C ASN D 23 -16.14 -48.55 14.16
N PHE D 24 -17.23 -48.22 14.84
CA PHE D 24 -17.76 -48.99 15.96
C PHE D 24 -19.23 -49.27 15.70
N ASP D 25 -19.55 -50.51 15.33
CA ASP D 25 -20.92 -50.96 15.08
C ASP D 25 -21.57 -50.09 13.98
N GLY D 26 -20.95 -50.11 12.81
CA GLY D 26 -21.48 -49.39 11.67
C GLY D 26 -21.53 -47.89 11.84
N GLN D 27 -20.71 -47.37 12.73
CA GLN D 27 -20.63 -45.93 13.01
C GLN D 27 -19.20 -45.47 12.85
N VAL D 28 -18.94 -44.62 11.87
CA VAL D 28 -17.58 -44.15 11.61
C VAL D 28 -17.33 -42.91 12.48
N PHE D 29 -16.18 -42.89 13.13
CA PHE D 29 -15.83 -41.84 14.09
C PHE D 29 -14.55 -41.16 13.63
N PHE D 30 -14.57 -39.83 13.58
CA PHE D 30 -13.40 -39.08 13.12
C PHE D 30 -12.37 -38.94 14.24
N PHE D 31 -11.11 -38.79 13.84
CA PHE D 31 -10.01 -38.60 14.76
C PHE D 31 -8.82 -38.02 14.02
N GLY D 32 -7.97 -37.30 14.75
CA GLY D 32 -6.79 -36.71 14.17
C GLY D 32 -7.06 -35.41 13.45
N GLN D 33 -7.56 -34.42 14.17
CA GLN D 33 -7.91 -33.13 13.59
C GLN D 33 -6.65 -32.26 13.48
N LYS D 34 -6.85 -31.01 13.08
CA LYS D 34 -5.75 -30.05 12.92
C LYS D 34 -5.66 -29.17 14.16
N GLY D 35 -4.46 -29.03 14.70
CA GLY D 35 -4.24 -28.22 15.88
C GLY D 35 -4.77 -28.89 17.13
N TRP D 36 -4.64 -28.17 18.24
CA TRP D 36 -5.09 -28.69 19.51
C TRP D 36 -6.62 -28.57 19.63
N PRO D 37 -7.25 -29.46 20.41
CA PRO D 37 -8.71 -29.40 20.54
C PRO D 37 -9.16 -28.15 21.25
N LYS D 38 -10.19 -27.51 20.69
CA LYS D 38 -10.72 -26.26 21.23
C LYS D 38 -11.88 -26.56 22.18
N ARG D 39 -12.57 -25.50 22.61
CA ARG D 39 -13.70 -25.67 23.52
C ARG D 39 -14.93 -26.25 22.82
N SER D 40 -14.94 -26.28 21.48
CA SER D 40 -16.05 -26.92 20.78
C SER D 40 -16.09 -28.41 21.05
N CYS D 41 -14.92 -29.03 21.19
CA CYS D 41 -14.82 -30.46 21.52
C CYS D 41 -13.51 -30.67 22.24
N PRO D 42 -13.52 -30.75 23.57
CA PRO D 42 -12.26 -30.91 24.31
C PRO D 42 -11.56 -32.23 24.07
N THR D 43 -12.24 -33.22 23.52
CA THR D 43 -11.64 -34.54 23.30
C THR D 43 -11.03 -34.71 21.92
N GLY D 44 -11.66 -34.13 20.89
CA GLY D 44 -11.14 -34.27 19.55
C GLY D 44 -11.63 -35.48 18.78
N VAL D 45 -12.64 -36.17 19.29
CA VAL D 45 -13.23 -37.33 18.62
C VAL D 45 -14.62 -36.94 18.14
N PHE D 46 -14.87 -37.09 16.85
CA PHE D 46 -16.11 -36.64 16.23
C PHE D 46 -16.94 -37.83 15.77
N HIS D 47 -18.17 -37.53 15.35
N HIS D 47 -18.17 -37.53 15.35
CA HIS D 47 -19.10 -38.53 14.82
CA HIS D 47 -19.10 -38.52 14.82
C HIS D 47 -19.19 -38.33 13.32
C HIS D 47 -19.18 -38.32 13.31
N PHE D 48 -18.35 -39.06 12.60
CA PHE D 48 -18.32 -38.97 11.15
C PHE D 48 -19.51 -39.68 10.52
N ASP D 49 -20.53 -38.92 10.15
CA ASP D 49 -21.71 -39.49 9.52
C ASP D 49 -22.09 -38.67 8.30
N ILE D 50 -22.70 -39.34 7.33
CA ILE D 50 -23.08 -38.73 6.06
C ILE D 50 -24.54 -39.05 5.81
N LYS D 51 -25.36 -38.01 5.63
CA LYS D 51 -26.78 -38.15 5.37
C LYS D 51 -27.12 -37.39 4.10
N GLN D 52 -27.53 -38.13 3.05
CA GLN D 52 -27.94 -37.54 1.77
C GLN D 52 -26.81 -36.72 1.16
N ASN D 53 -25.62 -37.30 1.14
CA ASN D 53 -24.42 -36.68 0.56
C ASN D 53 -24.13 -35.33 1.22
N HIS D 54 -24.00 -35.36 2.54
CA HIS D 54 -23.70 -34.17 3.32
C HIS D 54 -23.01 -34.60 4.61
N LEU D 55 -21.91 -33.94 4.94
CA LEU D 55 -21.12 -34.29 6.12
C LEU D 55 -21.37 -33.30 7.25
N LYS D 56 -21.54 -33.84 8.45
CA LYS D 56 -21.76 -33.05 9.64
C LYS D 56 -20.97 -33.68 10.79
N LEU D 57 -19.95 -32.97 11.27
CA LEU D 57 -19.12 -33.47 12.35
C LEU D 57 -19.76 -33.12 13.70
N LYS D 58 -20.07 -34.14 14.49
CA LYS D 58 -20.66 -33.96 15.80
C LYS D 58 -19.63 -34.34 16.85
N PRO D 59 -19.59 -33.62 17.97
CA PRO D 59 -18.59 -33.93 18.99
C PRO D 59 -18.92 -35.17 19.80
N ALA D 60 -18.00 -35.58 20.68
CA ALA D 60 -18.19 -36.73 21.53
C ALA D 60 -17.37 -36.54 22.80
N ILE D 61 -17.81 -37.20 23.87
CA ILE D 61 -17.18 -37.06 25.18
C ILE D 61 -16.59 -38.41 25.59
N PHE D 62 -15.82 -38.38 26.67
CA PHE D 62 -15.18 -39.57 27.22
C PHE D 62 -15.76 -39.90 28.58
N SER D 63 -15.48 -41.10 29.07
CA SER D 63 -15.97 -41.52 30.37
C SER D 63 -15.18 -40.83 31.48
N LYS D 64 -15.55 -41.13 32.72
CA LYS D 64 -14.89 -40.56 33.89
C LYS D 64 -13.59 -41.26 34.25
N ASP D 65 -13.06 -42.12 33.36
CA ASP D 65 -11.81 -42.81 33.63
C ASP D 65 -10.91 -42.85 32.40
N SER D 66 -11.17 -42.03 31.39
CA SER D 66 -10.43 -42.07 30.14
C SER D 66 -9.13 -41.28 30.28
N CYS D 67 -8.36 -41.24 29.19
CA CYS D 67 -7.14 -40.46 29.10
C CYS D 67 -7.23 -39.60 27.85
N TYR D 68 -7.10 -38.29 28.01
CA TYR D 68 -7.30 -37.35 26.90
C TYR D 68 -6.10 -37.45 25.97
N LEU D 69 -6.21 -38.34 25.00
CA LEU D 69 -5.12 -38.58 24.08
C LEU D 69 -4.93 -37.39 23.14
N PRO D 70 -3.69 -37.03 22.81
CA PRO D 70 -3.46 -35.88 21.93
C PRO D 70 -3.72 -36.25 20.49
N PRO D 71 -4.01 -35.26 19.64
CA PRO D 71 -4.20 -35.56 18.21
C PRO D 71 -2.93 -36.10 17.58
N LEU D 72 -3.08 -37.10 16.72
CA LEU D 72 -1.96 -37.73 16.04
C LEU D 72 -2.24 -37.72 14.54
N ARG D 73 -1.18 -37.45 13.76
CA ARG D 73 -1.33 -37.29 12.32
C ARG D 73 -0.94 -38.52 11.52
N TYR D 74 -0.17 -39.43 12.08
CA TYR D 74 0.12 -40.67 11.37
C TYR D 74 0.23 -41.85 12.33
N PRO D 75 -0.87 -42.24 13.00
CA PRO D 75 -0.81 -43.42 13.88
C PRO D 75 -0.89 -44.72 13.09
N ALA D 76 -0.95 -45.84 13.80
CA ALA D 76 -1.12 -47.16 13.19
C ALA D 76 -2.39 -47.77 13.78
N THR D 77 -3.52 -47.53 13.12
CA THR D 77 -4.78 -48.06 13.60
C THR D 77 -4.86 -49.57 13.36
N CYS D 78 -5.66 -50.23 14.16
CA CYS D 78 -5.82 -51.68 14.08
C CYS D 78 -7.07 -52.16 14.80
N SER D 79 -7.86 -53.00 14.15
CA SER D 79 -9.03 -53.57 14.79
C SER D 79 -8.60 -54.67 15.77
N TYR D 80 -9.53 -55.04 16.65
CA TYR D 80 -9.25 -56.05 17.65
C TYR D 80 -10.56 -56.57 18.22
N LYS D 81 -10.56 -57.83 18.61
CA LYS D 81 -11.74 -58.47 19.18
C LYS D 81 -11.36 -59.40 20.33
N LYS D 88 -14.65 -56.06 24.64
CA LYS D 88 -15.12 -56.56 23.36
C LYS D 88 -14.38 -55.90 22.21
N HIS D 89 -15.15 -55.37 21.26
CA HIS D 89 -14.55 -54.70 20.11
C HIS D 89 -13.85 -53.41 20.53
N GLN D 90 -12.62 -53.22 20.04
CA GLN D 90 -11.80 -52.09 20.42
C GLN D 90 -10.67 -51.95 19.42
N TYR D 91 -10.07 -50.75 19.41
CA TYR D 91 -8.98 -50.42 18.49
C TYR D 91 -7.71 -50.09 19.26
N ILE D 92 -6.61 -50.00 18.52
CA ILE D 92 -5.29 -49.71 19.08
C ILE D 92 -4.66 -48.59 18.27
N ILE D 93 -4.07 -47.63 18.97
CA ILE D 93 -3.37 -46.50 18.35
C ILE D 93 -1.95 -46.48 18.87
N HIS D 94 -0.99 -46.34 17.96
CA HIS D 94 0.43 -46.32 18.33
C HIS D 94 1.18 -45.39 17.39
N GLY D 95 1.99 -44.51 17.96
CA GLY D 95 2.81 -43.61 17.18
C GLY D 95 2.03 -42.48 16.53
N GLY D 96 2.72 -41.56 15.89
CA GLY D 96 2.10 -40.44 15.22
C GLY D 96 2.72 -39.11 15.63
N LYS D 97 2.42 -38.08 14.85
CA LYS D 97 2.98 -36.76 15.08
C LYS D 97 2.01 -35.80 15.78
N THR D 98 2.36 -35.43 17.01
CA THR D 98 1.57 -34.50 17.79
C THR D 98 1.61 -33.13 17.10
N PRO D 99 0.67 -32.23 17.44
CA PRO D 99 0.71 -30.88 16.85
C PRO D 99 2.01 -30.13 17.12
N ASN D 100 2.76 -30.51 18.15
CA ASN D 100 4.06 -29.90 18.42
C ASN D 100 5.20 -30.60 17.68
N ASN D 101 4.89 -31.41 16.65
CA ASN D 101 5.90 -32.10 15.86
C ASN D 101 6.75 -33.02 16.73
N GLU D 102 6.09 -33.73 17.64
CA GLU D 102 6.74 -34.66 18.54
C GLU D 102 6.15 -36.04 18.35
N LEU D 103 7.01 -37.04 18.15
CA LEU D 103 6.55 -38.40 17.93
C LEU D 103 6.29 -39.07 19.28
N SER D 104 5.08 -39.61 19.45
CA SER D 104 4.70 -40.24 20.71
C SER D 104 5.13 -41.70 20.73
N ASP D 105 5.61 -42.13 21.90
CA ASP D 105 6.04 -43.51 22.09
C ASP D 105 4.99 -44.37 22.79
N LYS D 106 3.89 -43.79 23.23
CA LYS D 106 2.90 -44.52 24.00
C LYS D 106 2.02 -45.36 23.06
N ILE D 107 1.05 -46.07 23.64
CA ILE D 107 0.12 -46.88 22.87
C ILE D 107 -1.26 -46.72 23.49
N TYR D 108 -2.28 -46.60 22.66
CA TYR D 108 -3.62 -46.23 23.08
C TYR D 108 -4.62 -47.31 22.71
N ILE D 109 -5.70 -47.39 23.48
CA ILE D 109 -6.76 -48.38 23.26
C ILE D 109 -8.10 -47.67 23.41
N MET D 110 -8.81 -47.49 22.30
CA MET D 110 -10.13 -46.90 22.31
C MET D 110 -11.20 -47.98 22.39
N SER D 111 -12.33 -47.62 22.99
CA SER D 111 -13.45 -48.55 23.16
C SER D 111 -14.69 -47.73 23.47
N VAL D 112 -15.82 -48.43 23.65
CA VAL D 112 -17.10 -47.82 23.95
C VAL D 112 -17.50 -48.23 25.36
N ALA D 113 -17.94 -47.26 26.16
CA ALA D 113 -18.34 -47.52 27.54
C ALA D 113 -19.86 -47.51 27.72
N CYS D 114 -20.53 -46.46 27.25
CA CYS D 114 -21.98 -46.34 27.39
C CYS D 114 -22.54 -45.76 26.10
N LYS D 115 -23.61 -46.36 25.60
CA LYS D 115 -24.24 -45.93 24.36
C LYS D 115 -25.76 -45.94 24.51
N ASN D 116 -26.38 -44.82 24.13
CA ASN D 116 -27.84 -44.71 24.12
C ASN D 116 -28.25 -43.50 23.29
N ASN D 117 -29.27 -43.68 22.46
CA ASN D 117 -29.82 -42.61 21.61
C ASN D 117 -28.71 -41.95 20.79
N LYS D 118 -27.88 -42.79 20.16
CA LYS D 118 -26.79 -42.34 19.30
C LYS D 118 -25.79 -41.44 20.04
N LYS D 119 -25.67 -41.64 21.35
CA LYS D 119 -24.72 -40.91 22.17
C LYS D 119 -23.69 -41.91 22.70
N VAL D 120 -22.48 -41.85 22.18
CA VAL D 120 -21.41 -42.79 22.51
C VAL D 120 -20.46 -42.14 23.49
N THR D 121 -20.13 -42.85 24.56
CA THR D 121 -19.17 -42.41 25.56
C THR D 121 -17.97 -43.34 25.52
N PHE D 122 -16.79 -42.80 25.19
CA PHE D 122 -15.61 -43.62 24.97
C PHE D 122 -14.90 -43.89 26.30
N ARG D 123 -13.94 -44.82 26.24
CA ARG D 123 -13.08 -45.16 27.36
C ARG D 123 -11.66 -45.34 26.81
N CYS D 124 -10.89 -44.25 26.80
CA CYS D 124 -9.52 -44.29 26.30
C CYS D 124 -8.59 -44.74 27.42
N THR D 125 -7.95 -45.88 27.23
CA THR D 125 -7.06 -46.47 28.22
C THR D 125 -5.64 -46.51 27.68
N GLU D 126 -4.71 -45.94 28.43
CA GLU D 126 -3.30 -45.99 28.07
C GLU D 126 -2.67 -47.29 28.54
N LYS D 127 -1.78 -47.84 27.71
CA LYS D 127 -1.11 -49.10 28.02
C LYS D 127 0.39 -48.86 28.11
N ASP D 128 1.01 -49.50 29.10
CA ASP D 128 2.44 -49.38 29.36
C ASP D 128 3.15 -50.56 28.70
N LEU D 129 4.06 -50.24 27.77
CA LEU D 129 4.80 -51.25 27.02
C LEU D 129 6.22 -51.32 27.55
N VAL D 130 6.69 -52.54 27.83
CA VAL D 130 8.01 -52.76 28.42
C VAL D 130 8.73 -53.83 27.62
N GLY D 131 10.05 -53.72 27.56
CA GLY D 131 10.88 -54.68 26.86
C GLY D 131 11.55 -54.10 25.63
N ASP D 132 11.48 -54.82 24.52
CA ASP D 132 12.01 -54.33 23.24
C ASP D 132 11.02 -53.35 22.61
N VAL D 133 10.81 -52.25 23.31
CA VAL D 133 9.78 -51.28 22.87
C VAL D 133 10.24 -50.60 21.59
N PRO D 134 9.36 -50.30 20.65
CA PRO D 134 9.76 -49.57 19.46
C PRO D 134 9.93 -48.09 19.74
N GLU D 135 10.87 -47.48 19.02
CA GLU D 135 11.06 -46.05 19.11
C GLU D 135 9.85 -45.33 18.52
N PRO D 136 9.63 -44.08 18.89
CA PRO D 136 8.49 -43.33 18.33
C PRO D 136 8.58 -43.24 16.81
N ARG D 137 7.51 -43.67 16.14
CA ARG D 137 7.48 -43.77 14.69
C ARG D 137 6.22 -43.09 14.16
N TYR D 138 6.06 -43.13 12.85
CA TYR D 138 4.89 -42.57 12.18
C TYR D 138 4.81 -43.12 10.76
N GLY D 139 3.61 -43.47 10.32
CA GLY D 139 3.43 -44.06 9.02
C GLY D 139 3.67 -45.55 8.95
N HIS D 140 3.75 -46.22 10.10
CA HIS D 140 3.94 -47.67 10.17
C HIS D 140 2.58 -48.35 10.21
N SER D 141 2.59 -49.66 10.50
CA SER D 141 1.37 -50.43 10.55
C SER D 141 1.47 -51.47 11.65
N ILE D 142 0.32 -51.89 12.17
CA ILE D 142 0.24 -52.90 13.21
C ILE D 142 -0.99 -53.75 12.96
N ASP D 143 -0.85 -55.07 13.16
CA ASP D 143 -1.94 -56.01 12.94
C ASP D 143 -2.00 -56.97 14.11
N VAL D 144 -3.08 -57.75 14.15
CA VAL D 144 -3.30 -58.75 15.18
C VAL D 144 -3.48 -60.11 14.53
N VAL D 145 -2.80 -61.11 15.05
CA VAL D 145 -2.85 -62.47 14.52
C VAL D 145 -3.42 -63.40 15.58
N TYR D 146 -4.09 -64.46 15.11
CA TYR D 146 -4.75 -65.43 15.97
C TYR D 146 -4.12 -66.79 15.73
N SER D 147 -3.35 -67.29 16.70
CA SER D 147 -2.68 -68.58 16.58
C SER D 147 -2.88 -69.35 17.87
N ARG D 148 -3.60 -70.47 17.78
CA ARG D 148 -3.87 -71.36 18.91
C ARG D 148 -4.54 -70.60 20.05
N GLY D 149 -5.65 -69.95 19.73
CA GLY D 149 -6.44 -69.25 20.72
C GLY D 149 -5.70 -68.14 21.44
N LYS D 150 -4.83 -67.43 20.73
CA LYS D 150 -4.07 -66.34 21.32
C LYS D 150 -3.99 -65.18 20.33
N SER D 151 -3.79 -63.99 20.87
CA SER D 151 -3.65 -62.78 20.07
C SER D 151 -2.26 -62.20 20.25
N MET D 152 -1.81 -61.44 19.25
CA MET D 152 -0.48 -60.87 19.27
C MET D 152 -0.42 -59.74 18.25
N GLY D 153 0.20 -58.63 18.63
CA GLY D 153 0.33 -57.49 17.74
C GLY D 153 1.62 -57.57 16.93
N VAL D 154 1.52 -57.26 15.65
CA VAL D 154 2.64 -57.36 14.72
C VAL D 154 2.91 -55.94 14.20
N LEU D 155 3.93 -55.29 14.74
CA LEU D 155 4.31 -53.96 14.32
C LEU D 155 5.52 -54.04 13.38
N PHE D 156 5.53 -53.17 12.37
CA PHE D 156 6.58 -53.20 11.36
C PHE D 156 6.63 -51.88 10.63
N GLY D 157 7.84 -51.48 10.22
CA GLY D 157 8.02 -50.29 9.42
C GLY D 157 7.95 -49.00 10.22
N GLY D 158 7.91 -47.90 9.48
CA GLY D 158 7.78 -46.59 10.08
C GLY D 158 9.03 -45.75 9.93
N ARG D 159 8.85 -44.44 10.07
CA ARG D 159 9.93 -43.47 10.01
C ARG D 159 10.06 -42.75 11.34
N SER D 160 11.24 -42.17 11.56
CA SER D 160 11.51 -41.46 12.81
C SER D 160 12.66 -40.48 12.55
N TYR D 161 12.94 -39.65 13.55
CA TYR D 161 14.02 -38.70 13.45
C TYR D 161 15.36 -39.38 13.69
N MET D 162 16.44 -38.61 13.56
CA MET D 162 17.76 -39.13 13.84
C MET D 162 17.91 -39.42 15.34
N PRO D 163 18.86 -40.27 15.71
CA PRO D 163 19.07 -40.56 17.13
C PRO D 163 19.43 -39.29 17.90
N SER D 164 19.22 -39.36 19.23
CA SER D 164 19.43 -38.19 20.08
C SER D 164 20.87 -37.69 20.02
N THR D 165 21.81 -38.57 19.69
CA THR D 165 23.21 -38.16 19.58
C THR D 165 23.52 -37.59 18.19
N GLN D 166 22.94 -38.16 17.14
CA GLN D 166 23.21 -37.75 15.78
C GLN D 166 22.25 -36.70 15.25
N ARG D 167 21.39 -36.16 16.10
CA ARG D 167 20.40 -35.17 15.66
C ARG D 167 20.95 -33.78 15.91
N THR D 168 21.11 -33.00 14.83
CA THR D 168 21.59 -31.65 14.91
C THR D 168 20.48 -30.67 14.55
N THR D 169 20.57 -29.47 15.11
CA THR D 169 19.54 -28.46 14.87
C THR D 169 19.56 -27.94 13.43
N GLU D 170 20.70 -28.05 12.74
CA GLU D 170 20.76 -27.65 11.34
C GLU D 170 19.95 -28.59 10.45
N LYS D 171 19.71 -29.82 10.89
CA LYS D 171 18.85 -30.78 10.21
C LYS D 171 17.86 -31.39 11.20
N TRP D 172 17.27 -30.51 12.01
CA TRP D 172 16.35 -30.94 13.06
C TRP D 172 15.12 -31.69 12.60
N ASN D 173 14.72 -31.49 11.34
CA ASN D 173 13.53 -32.14 10.81
C ASN D 173 13.85 -33.27 9.84
N SER D 174 15.11 -33.71 9.80
CA SER D 174 15.47 -34.83 8.93
C SER D 174 14.95 -36.14 9.50
N VAL D 175 14.45 -37.00 8.63
CA VAL D 175 13.87 -38.28 9.03
C VAL D 175 14.56 -39.39 8.26
N ALA D 176 14.45 -40.60 8.79
CA ALA D 176 15.06 -41.77 8.17
C ALA D 176 14.21 -42.99 8.49
N ASP D 177 14.27 -43.99 7.62
CA ASP D 177 13.51 -45.22 7.82
C ASP D 177 14.05 -45.98 9.01
N CYS D 178 13.16 -46.70 9.69
CA CYS D 178 13.54 -47.47 10.86
C CYS D 178 14.07 -48.85 10.45
N LEU D 179 14.54 -49.60 11.44
CA LEU D 179 15.10 -50.91 11.17
C LEU D 179 14.00 -51.88 10.71
N PRO D 180 14.34 -52.86 9.88
CA PRO D 180 13.34 -53.79 9.38
C PRO D 180 12.92 -54.84 10.40
N HIS D 181 13.24 -54.62 11.68
CA HIS D 181 12.88 -55.56 12.72
C HIS D 181 11.37 -55.74 12.80
N VAL D 182 10.96 -56.88 13.35
CA VAL D 182 9.55 -57.22 13.54
C VAL D 182 9.30 -57.34 15.04
N PHE D 183 8.28 -56.65 15.52
CA PHE D 183 8.00 -56.54 16.95
C PHE D 183 6.66 -57.20 17.26
N LEU D 184 6.67 -58.15 18.19
CA LEU D 184 5.44 -58.76 18.68
C LEU D 184 5.06 -58.12 20.01
N ILE D 185 3.82 -57.67 20.11
CA ILE D 185 3.33 -56.95 21.27
C ILE D 185 2.20 -57.77 21.90
N ASP D 186 2.38 -58.12 23.18
CA ASP D 186 1.36 -58.86 23.94
C ASP D 186 0.50 -57.83 24.65
N PHE D 187 -0.78 -57.78 24.30
CA PHE D 187 -1.66 -56.74 24.82
C PHE D 187 -1.99 -56.97 26.29
N GLU D 188 -1.89 -58.20 26.78
CA GLU D 188 -2.25 -58.47 28.17
C GLU D 188 -1.14 -58.03 29.12
N PHE D 189 0.06 -58.56 28.93
CA PHE D 189 1.20 -58.19 29.77
C PHE D 189 1.78 -56.84 29.42
N GLY D 190 1.62 -56.38 28.17
CA GLY D 190 2.24 -55.14 27.75
C GLY D 190 3.72 -55.27 27.50
N CYS D 191 4.15 -56.35 26.86
CA CYS D 191 5.56 -56.60 26.60
C CYS D 191 5.79 -56.71 25.09
N ALA D 192 6.97 -56.27 24.65
CA ALA D 192 7.37 -56.35 23.26
C ALA D 192 8.56 -57.29 23.12
N THR D 193 8.84 -57.67 21.87
CA THR D 193 9.94 -58.59 21.59
C THR D 193 10.44 -58.31 20.18
N SER D 194 11.76 -58.16 20.04
CA SER D 194 12.38 -57.77 18.79
C SER D 194 12.85 -59.01 18.04
N TYR D 195 12.36 -59.18 16.80
CA TYR D 195 12.80 -60.25 15.92
C TYR D 195 13.43 -59.65 14.67
N ILE D 196 14.65 -60.07 14.36
CA ILE D 196 15.34 -59.67 13.14
C ILE D 196 15.28 -60.85 12.17
N LEU D 197 14.99 -60.55 10.91
CA LEU D 197 14.79 -61.62 9.94
C LEU D 197 15.68 -61.40 8.72
N PRO D 198 16.23 -62.49 8.15
CA PRO D 198 17.16 -62.34 7.03
C PRO D 198 16.50 -61.98 5.71
N GLU D 199 15.17 -61.95 5.63
CA GLU D 199 14.46 -61.59 4.42
C GLU D 199 14.08 -60.12 4.38
N LEU D 200 14.60 -59.31 5.30
CA LEU D 200 14.24 -57.89 5.41
C LEU D 200 15.52 -57.10 5.57
N GLN D 201 15.85 -56.28 4.56
CA GLN D 201 17.06 -55.48 4.58
C GLN D 201 16.82 -54.01 4.28
N ASP D 202 15.60 -53.63 3.91
CA ASP D 202 15.29 -52.26 3.51
C ASP D 202 14.21 -51.70 4.43
N GLY D 203 14.47 -50.53 5.00
CA GLY D 203 13.48 -49.84 5.80
C GLY D 203 12.27 -49.45 4.95
N LEU D 204 11.08 -49.83 5.40
CA LEU D 204 9.87 -49.62 4.62
C LEU D 204 8.90 -48.75 5.41
N SER D 205 8.16 -47.91 4.68
CA SER D 205 7.20 -47.01 5.30
C SER D 205 6.09 -46.71 4.31
N PHE D 206 4.94 -46.27 4.85
CA PHE D 206 3.75 -45.96 4.05
C PHE D 206 3.32 -47.17 3.22
N HIS D 207 3.36 -48.35 3.84
CA HIS D 207 3.01 -49.59 3.17
C HIS D 207 1.58 -49.98 3.49
N VAL D 208 1.16 -51.14 2.97
CA VAL D 208 -0.17 -51.67 3.20
C VAL D 208 -0.04 -53.06 3.81
N SER D 209 -0.87 -53.34 4.81
CA SER D 209 -0.78 -54.59 5.54
C SER D 209 -2.14 -55.28 5.55
N ILE D 210 -2.15 -56.55 5.16
CA ILE D 210 -3.36 -57.38 5.16
C ILE D 210 -3.18 -58.47 6.20
N ALA D 211 -4.11 -58.55 7.14
CA ALA D 211 -4.04 -59.53 8.23
C ALA D 211 -4.99 -60.69 7.97
N ARG D 212 -4.61 -61.86 8.49
CA ARG D 212 -5.42 -63.06 8.40
C ARG D 212 -5.28 -63.77 9.75
N ASN D 213 -5.69 -65.04 9.82
CA ASN D 213 -5.63 -65.79 11.07
C ASN D 213 -4.25 -65.73 11.70
N ASP D 214 -3.22 -66.16 10.96
CA ASP D 214 -1.86 -66.17 11.47
C ASP D 214 -0.84 -65.52 10.55
N THR D 215 -1.26 -64.99 9.40
CA THR D 215 -0.34 -64.39 8.45
C THR D 215 -0.71 -62.94 8.18
N VAL D 216 0.31 -62.09 8.06
CA VAL D 216 0.14 -60.71 7.64
C VAL D 216 0.90 -60.52 6.33
N TYR D 217 0.31 -59.71 5.45
CA TYR D 217 0.79 -59.54 4.08
C TYR D 217 1.18 -58.09 3.87
N ILE D 218 2.47 -57.83 3.67
CA ILE D 218 2.97 -56.48 3.46
C ILE D 218 2.89 -56.13 1.98
N LEU D 219 2.45 -54.92 1.68
CA LEU D 219 2.24 -54.47 0.31
C LEU D 219 2.87 -53.09 0.10
N GLY D 220 3.69 -52.98 -0.94
CA GLY D 220 4.23 -51.70 -1.37
C GLY D 220 4.93 -50.88 -0.31
N GLY D 221 4.99 -49.58 -0.51
CA GLY D 221 5.62 -48.68 0.43
C GLY D 221 6.66 -47.78 -0.19
N HIS D 222 7.60 -47.29 0.62
CA HIS D 222 8.66 -46.42 0.14
C HIS D 222 9.90 -46.63 1.01
N SER D 223 11.07 -46.45 0.40
CA SER D 223 12.34 -46.61 1.09
C SER D 223 13.15 -45.34 0.90
N LEU D 224 13.44 -44.64 2.00
CA LEU D 224 14.21 -43.40 1.92
C LEU D 224 15.67 -43.68 1.54
N ALA D 225 16.18 -44.85 1.93
CA ALA D 225 17.57 -45.19 1.67
C ALA D 225 17.83 -45.42 0.17
N SER D 226 16.75 -45.54 -0.60
CA SER D 226 16.90 -45.77 -2.04
C SER D 226 15.99 -44.91 -2.91
N ASN D 227 14.96 -44.27 -2.35
CA ASN D 227 14.00 -43.48 -3.13
C ASN D 227 13.41 -44.31 -4.26
N ILE D 228 12.90 -45.49 -3.90
CA ILE D 228 12.36 -46.45 -4.86
C ILE D 228 11.02 -46.94 -4.33
N ARG D 229 10.11 -47.27 -5.25
CA ARG D 229 8.82 -47.85 -4.91
C ARG D 229 8.82 -49.33 -5.27
N PRO D 230 9.31 -50.20 -4.40
CA PRO D 230 9.42 -51.61 -4.76
C PRO D 230 8.07 -52.30 -4.78
N ALA D 231 7.91 -53.23 -5.72
CA ALA D 231 6.72 -54.06 -5.82
C ALA D 231 7.00 -55.37 -5.09
N ASN D 232 6.64 -55.41 -3.81
CA ASN D 232 6.94 -56.54 -2.96
C ASN D 232 5.66 -57.21 -2.49
N LEU D 233 5.80 -58.48 -2.08
CA LEU D 233 4.68 -59.24 -1.55
C LEU D 233 5.25 -60.20 -0.50
N TYR D 234 5.16 -59.80 0.76
CA TYR D 234 5.75 -60.54 1.87
C TYR D 234 4.70 -61.35 2.60
N ARG D 235 5.16 -62.41 3.25
CA ARG D 235 4.32 -63.26 4.10
C ARG D 235 5.01 -63.45 5.43
N ILE D 236 4.29 -63.22 6.51
CA ILE D 236 4.81 -63.37 7.87
C ILE D 236 3.84 -64.24 8.64
N ARG D 237 4.16 -65.51 8.81
CA ARG D 237 3.30 -66.48 9.48
C ARG D 237 3.78 -66.62 10.92
N VAL D 238 3.19 -65.81 11.80
CA VAL D 238 3.54 -65.88 13.21
C VAL D 238 2.90 -67.10 13.86
N ASP D 239 3.68 -67.83 14.63
CA ASP D 239 3.21 -69.02 15.34
C ASP D 239 3.28 -68.77 16.83
N LEU D 240 2.29 -69.28 17.56
CA LEU D 240 2.22 -69.09 19.00
C LEU D 240 2.24 -70.43 19.72
N PRO D 241 3.40 -71.08 19.84
CA PRO D 241 3.47 -72.33 20.61
C PRO D 241 3.43 -72.05 22.11
N LEU D 242 3.56 -73.13 22.88
CA LEU D 242 3.57 -73.04 24.33
C LEU D 242 4.89 -72.55 24.89
N GLY D 243 5.88 -72.28 24.03
CA GLY D 243 7.15 -71.77 24.48
C GLY D 243 7.40 -70.34 24.03
N THR D 244 8.22 -70.18 23.00
CA THR D 244 8.53 -68.87 22.44
C THR D 244 7.96 -68.75 21.04
N PRO D 245 7.29 -67.65 20.71
CA PRO D 245 6.71 -67.51 19.37
C PRO D 245 7.80 -67.49 18.30
N ALA D 246 7.60 -68.32 17.28
CA ALA D 246 8.53 -68.44 16.16
C ALA D 246 7.92 -67.76 14.94
N VAL D 247 8.62 -66.77 14.40
CA VAL D 247 8.15 -65.99 13.26
C VAL D 247 9.02 -66.30 12.05
N ASN D 248 8.37 -66.50 10.91
CA ASN D 248 9.04 -66.77 9.65
C ASN D 248 8.59 -65.76 8.60
N CYS D 249 9.38 -65.66 7.53
CA CYS D 249 9.09 -64.76 6.43
C CYS D 249 9.21 -65.51 5.11
N THR D 250 8.62 -64.92 4.06
CA THR D 250 8.63 -65.50 2.73
C THR D 250 8.29 -64.42 1.72
N VAL D 251 9.10 -64.30 0.69
CA VAL D 251 8.83 -63.36 -0.40
C VAL D 251 8.00 -64.07 -1.45
N LEU D 252 7.08 -63.33 -2.06
CA LEU D 252 6.16 -63.88 -3.04
C LEU D 252 6.15 -63.03 -4.29
N PRO D 253 6.02 -63.66 -5.46
CA PRO D 253 5.98 -62.89 -6.71
C PRO D 253 4.63 -62.21 -6.89
N GLY D 254 4.59 -61.29 -7.86
CA GLY D 254 3.39 -60.57 -8.18
C GLY D 254 3.03 -59.51 -7.15
N GLY D 255 3.88 -58.49 -7.02
CA GLY D 255 3.64 -57.42 -6.08
C GLY D 255 3.11 -56.16 -6.75
N ILE D 256 2.82 -55.17 -5.91
CA ILE D 256 2.30 -53.89 -6.36
C ILE D 256 3.24 -52.79 -5.89
N SER D 257 3.52 -51.85 -6.78
CA SER D 257 4.41 -50.72 -6.51
C SER D 257 3.54 -49.50 -6.22
N VAL D 258 3.32 -49.23 -4.94
CA VAL D 258 2.46 -48.12 -4.53
C VAL D 258 2.79 -47.80 -3.07
N SER D 259 2.58 -46.53 -2.70
CA SER D 259 2.75 -46.09 -1.32
C SER D 259 1.55 -45.25 -0.93
N SER D 260 1.22 -45.28 0.36
CA SER D 260 0.11 -44.52 0.93
C SER D 260 -1.22 -44.89 0.29
N ALA D 261 -1.42 -46.18 0.01
CA ALA D 261 -2.68 -46.65 -0.53
C ALA D 261 -3.75 -46.71 0.55
N ILE D 262 -4.94 -47.15 0.17
CA ILE D 262 -6.07 -47.25 1.09
C ILE D 262 -6.64 -48.65 0.98
N LEU D 263 -6.56 -49.41 2.07
CA LEU D 263 -7.11 -50.76 2.11
C LEU D 263 -8.57 -50.73 2.59
N THR D 264 -9.35 -51.68 2.08
CA THR D 264 -10.75 -51.78 2.47
C THR D 264 -11.15 -53.26 2.45
N GLN D 265 -12.42 -53.53 2.72
CA GLN D 265 -12.96 -54.89 2.76
C GLN D 265 -14.38 -54.85 2.20
N THR D 266 -14.53 -55.34 0.96
CA THR D 266 -15.86 -55.45 0.37
C THR D 266 -16.60 -56.67 0.92
N ASN D 267 -16.05 -57.85 0.71
CA ASN D 267 -16.57 -59.08 1.28
C ASN D 267 -15.47 -59.78 2.06
N ASN D 268 -15.84 -60.85 2.76
CA ASN D 268 -14.87 -61.60 3.54
C ASN D 268 -13.83 -62.26 2.65
N ASP D 269 -12.60 -62.35 3.17
CA ASP D 269 -11.49 -63.02 2.50
C ASP D 269 -11.15 -62.40 1.14
N GLU D 270 -11.49 -61.13 0.94
CA GLU D 270 -11.09 -60.40 -0.25
C GLU D 270 -11.09 -58.92 0.03
N PHE D 271 -10.01 -58.24 -0.37
CA PHE D 271 -9.84 -56.81 -0.12
C PHE D 271 -9.67 -56.08 -1.44
N VAL D 272 -9.75 -54.75 -1.37
CA VAL D 272 -9.61 -53.88 -2.54
C VAL D 272 -8.64 -52.76 -2.19
N ILE D 273 -7.72 -52.47 -3.11
CA ILE D 273 -6.74 -51.39 -2.94
C ILE D 273 -7.09 -50.28 -3.91
N VAL D 274 -7.02 -49.04 -3.42
CA VAL D 274 -7.31 -47.87 -4.25
C VAL D 274 -6.47 -46.72 -3.74
N GLY D 275 -6.11 -45.80 -4.64
CA GLY D 275 -5.32 -44.65 -4.28
C GLY D 275 -3.86 -44.98 -4.06
N GLY D 276 -3.03 -43.95 -3.90
CA GLY D 276 -1.61 -44.16 -3.70
C GLY D 276 -0.76 -43.36 -4.67
N TYR D 277 0.49 -43.79 -4.86
CA TYR D 277 1.40 -43.08 -5.76
C TYR D 277 2.35 -44.09 -6.39
N GLN D 278 2.41 -44.08 -7.72
CA GLN D 278 3.35 -44.95 -8.43
C GLN D 278 4.75 -44.34 -8.42
N LEU D 279 4.89 -43.13 -8.95
CA LEU D 279 6.13 -42.39 -8.91
C LEU D 279 5.94 -41.14 -8.04
N GLU D 280 6.97 -40.29 -8.02
CA GLU D 280 6.90 -39.05 -7.27
C GLU D 280 5.82 -38.14 -7.85
N ASN D 281 5.96 -37.76 -9.12
CA ASN D 281 4.99 -36.91 -9.77
C ASN D 281 3.82 -37.68 -10.38
N GLN D 282 3.93 -39.00 -10.50
CA GLN D 282 2.88 -39.83 -11.06
C GLN D 282 2.01 -40.38 -9.93
N LYS D 283 0.71 -40.44 -10.18
CA LYS D 283 -0.23 -40.94 -9.19
C LYS D 283 -0.95 -42.18 -9.69
N ARG D 284 -1.20 -43.11 -8.78
CA ARG D 284 -1.87 -44.36 -9.13
C ARG D 284 -3.37 -44.11 -9.32
N MET D 285 -3.86 -44.36 -10.54
CA MET D 285 -5.26 -44.16 -10.86
C MET D 285 -6.06 -45.44 -10.96
N VAL D 286 -5.39 -46.58 -11.16
CA VAL D 286 -6.07 -47.87 -11.28
C VAL D 286 -6.31 -48.44 -9.89
N CYS D 287 -7.23 -49.40 -9.79
CA CYS D 287 -7.51 -50.09 -8.55
C CYS D 287 -6.82 -51.46 -8.55
N SER D 288 -7.09 -52.26 -7.52
CA SER D 288 -6.49 -53.57 -7.41
C SER D 288 -7.35 -54.43 -6.50
N LEU D 289 -7.70 -55.62 -6.97
CA LEU D 289 -8.46 -56.60 -6.19
C LEU D 289 -7.50 -57.60 -5.56
N VAL D 290 -7.73 -57.91 -4.29
CA VAL D 290 -6.89 -58.86 -3.55
C VAL D 290 -7.79 -59.96 -3.03
N SER D 291 -7.56 -61.18 -3.51
CA SER D 291 -8.31 -62.35 -3.08
C SER D 291 -7.43 -63.22 -2.20
N LEU D 292 -8.05 -63.85 -1.21
CA LEU D 292 -7.33 -64.67 -0.24
C LEU D 292 -7.99 -66.04 -0.13
N GLY D 293 -7.20 -67.01 0.32
CA GLY D 293 -7.69 -68.35 0.56
C GLY D 293 -7.20 -68.89 1.89
N ASP D 294 -6.81 -70.17 1.92
CA ASP D 294 -6.24 -70.73 3.14
C ASP D 294 -4.76 -70.36 3.29
N ASN D 295 -3.97 -70.54 2.22
CA ASN D 295 -2.59 -70.10 2.20
C ASN D 295 -2.21 -69.37 0.92
N THR D 296 -3.08 -69.33 -0.08
CA THR D 296 -2.76 -68.69 -1.34
C THR D 296 -3.16 -67.21 -1.32
N ILE D 297 -2.63 -66.47 -2.29
CA ILE D 297 -2.92 -65.06 -2.46
C ILE D 297 -3.09 -64.77 -3.94
N GLU D 298 -3.93 -63.78 -4.26
CA GLU D 298 -4.16 -63.39 -5.64
C GLU D 298 -4.42 -61.90 -5.70
N ILE D 299 -3.61 -61.18 -6.47
CA ILE D 299 -3.78 -59.75 -6.70
C ILE D 299 -4.18 -59.56 -8.16
N SER D 300 -5.42 -59.11 -8.36
CA SER D 300 -5.98 -58.99 -9.71
C SER D 300 -6.28 -57.52 -10.00
N GLU D 301 -6.92 -57.28 -11.14
CA GLU D 301 -7.27 -55.94 -11.60
C GLU D 301 -8.76 -55.86 -11.86
N MET D 302 -9.35 -54.72 -11.54
CA MET D 302 -10.75 -54.44 -11.80
C MET D 302 -10.87 -53.20 -12.68
N GLU D 303 -12.09 -52.93 -13.13
CA GLU D 303 -12.35 -51.76 -13.96
C GLU D 303 -12.15 -50.49 -13.15
N THR D 304 -11.41 -49.54 -13.71
CA THR D 304 -11.15 -48.29 -13.02
C THR D 304 -12.44 -47.46 -12.90
N PRO D 305 -12.64 -46.79 -11.78
CA PRO D 305 -13.83 -45.94 -11.62
C PRO D 305 -13.80 -44.77 -12.60
N ASP D 306 -14.93 -44.08 -12.67
CA ASP D 306 -15.08 -42.91 -13.54
C ASP D 306 -14.56 -41.70 -12.78
N TRP D 307 -13.26 -41.46 -12.90
CA TRP D 307 -12.63 -40.32 -12.25
C TRP D 307 -13.01 -39.03 -12.96
N THR D 308 -13.19 -37.96 -12.19
CA THR D 308 -13.50 -36.66 -12.76
C THR D 308 -12.23 -35.92 -13.14
N SER D 309 -12.40 -34.72 -13.71
CA SER D 309 -11.25 -33.92 -14.11
C SER D 309 -10.51 -33.34 -12.91
N ASP D 310 -11.09 -33.42 -11.71
CA ASP D 310 -10.43 -32.88 -10.53
C ASP D 310 -9.27 -33.78 -10.10
N ILE D 311 -9.52 -35.07 -9.97
CA ILE D 311 -8.48 -35.99 -9.50
C ILE D 311 -7.38 -36.14 -10.55
N LYS D 312 -7.78 -36.31 -11.81
CA LYS D 312 -6.84 -36.62 -12.88
C LYS D 312 -5.73 -35.58 -13.02
N HIS D 313 -5.94 -34.36 -12.50
CA HIS D 313 -4.95 -33.32 -12.59
C HIS D 313 -4.49 -32.80 -11.23
N SER D 314 -5.04 -33.34 -10.14
CA SER D 314 -4.55 -32.99 -8.82
C SER D 314 -3.19 -33.65 -8.57
N LYS D 315 -2.45 -33.10 -7.59
CA LYS D 315 -1.11 -33.57 -7.28
C LYS D 315 -1.06 -34.39 -6.00
N ILE D 316 -2.10 -34.33 -5.17
CA ILE D 316 -2.07 -35.02 -3.88
C ILE D 316 -3.51 -35.27 -3.45
N TRP D 317 -3.69 -36.37 -2.72
CA TRP D 317 -4.98 -36.80 -2.16
C TRP D 317 -4.74 -37.64 -0.90
N PHE D 318 -5.75 -37.70 -0.03
CA PHE D 318 -5.62 -38.43 1.23
C PHE D 318 -6.99 -38.94 1.68
N GLY D 319 -7.03 -40.18 2.16
CA GLY D 319 -8.29 -40.76 2.61
C GLY D 319 -8.08 -41.87 3.63
N SER D 320 -9.16 -42.59 3.94
CA SER D 320 -9.08 -43.69 4.89
C SER D 320 -10.29 -44.59 4.71
N ASN D 321 -10.17 -45.82 5.20
CA ASN D 321 -11.25 -46.79 5.10
C ASN D 321 -12.38 -46.40 6.05
N MET D 322 -13.57 -46.18 5.50
CA MET D 322 -14.74 -45.97 6.35
C MET D 322 -15.14 -47.26 7.06
N GLY D 323 -14.93 -48.40 6.41
CA GLY D 323 -15.16 -49.69 7.05
C GLY D 323 -16.24 -50.52 6.40
N ASN D 324 -17.37 -49.91 6.08
CA ASN D 324 -18.50 -50.63 5.50
C ASN D 324 -18.46 -50.52 3.97
N GLY D 325 -17.35 -50.99 3.41
CA GLY D 325 -17.21 -51.05 1.97
C GLY D 325 -16.89 -49.72 1.31
N THR D 326 -17.27 -48.62 1.94
CA THR D 326 -17.05 -47.29 1.40
C THR D 326 -15.69 -46.76 1.81
N ILE D 327 -15.19 -45.80 1.03
CA ILE D 327 -13.87 -45.23 1.23
C ILE D 327 -13.97 -43.72 1.10
N PHE D 328 -13.59 -43.00 2.14
CA PHE D 328 -13.59 -41.54 2.12
C PHE D 328 -12.33 -41.03 1.42
N LEU D 329 -12.45 -39.85 0.81
CA LEU D 329 -11.37 -39.35 -0.02
C LEU D 329 -11.46 -37.83 -0.08
N GLY D 330 -10.31 -37.17 -0.13
CA GLY D 330 -10.27 -35.72 -0.17
C GLY D 330 -9.14 -35.21 -1.05
N ILE D 331 -9.38 -34.07 -1.67
CA ILE D 331 -8.40 -33.43 -2.54
C ILE D 331 -8.34 -31.94 -2.21
N PRO D 332 -7.17 -31.32 -2.43
CA PRO D 332 -7.03 -29.89 -2.10
C PRO D 332 -7.74 -28.97 -3.08
N GLY D 333 -7.74 -27.68 -2.79
CA GLY D 333 -8.37 -26.71 -3.65
C GLY D 333 -7.78 -25.33 -3.47
N ASP D 334 -8.58 -24.33 -3.81
CA ASP D 334 -8.13 -22.95 -3.69
C ASP D 334 -8.03 -22.54 -2.22
N ASN D 335 -7.20 -21.53 -1.97
CA ASN D 335 -7.01 -20.99 -0.64
C ASN D 335 -7.23 -19.48 -0.67
N LYS D 336 -7.93 -18.98 0.34
CA LYS D 336 -8.21 -17.54 0.44
C LYS D 336 -8.47 -17.13 1.88
N SER D 340 -12.05 -19.24 0.88
CA SER D 340 -12.32 -20.30 -0.08
C SER D 340 -12.34 -21.66 0.60
N GLU D 341 -12.51 -22.71 -0.19
CA GLU D 341 -12.53 -24.09 0.30
C GLU D 341 -11.18 -24.73 0.04
N ALA D 342 -10.42 -24.98 1.11
CA ALA D 342 -9.08 -25.51 0.98
C ALA D 342 -9.05 -26.96 0.55
N PHE D 343 -10.14 -27.71 0.74
CA PHE D 343 -10.17 -29.12 0.41
C PHE D 343 -11.55 -29.52 -0.08
N TYR D 344 -11.59 -30.32 -1.14
CA TYR D 344 -12.79 -31.00 -1.58
C TYR D 344 -12.74 -32.45 -1.10
N PHE D 345 -13.92 -33.03 -0.90
CA PHE D 345 -13.99 -34.35 -0.30
C PHE D 345 -14.99 -35.22 -1.05
N TYR D 346 -14.57 -36.45 -1.35
CA TYR D 346 -15.37 -37.41 -2.11
C TYR D 346 -15.53 -38.68 -1.29
N THR D 347 -16.51 -39.49 -1.70
CA THR D 347 -16.69 -40.83 -1.17
C THR D 347 -16.73 -41.82 -2.32
N LEU D 348 -16.22 -43.03 -2.07
CA LEU D 348 -16.11 -44.06 -3.09
C LEU D 348 -16.57 -45.38 -2.49
N ARG D 349 -17.59 -45.98 -3.10
CA ARG D 349 -18.20 -47.21 -2.61
C ARG D 349 -17.75 -48.40 -3.45
N CYS D 350 -17.51 -49.52 -2.79
CA CYS D 350 -17.14 -50.78 -3.45
C CYS D 350 -17.99 -51.89 -2.85
N SER D 351 -19.05 -52.28 -3.56
CA SER D 351 -19.91 -53.38 -3.12
C SER D 351 -20.72 -53.93 -4.28
N SER K 1 59.45 34.92 -43.48
CA SER K 1 60.56 35.70 -44.01
C SER K 1 61.32 36.41 -42.90
N TYR K 2 60.64 36.58 -41.75
CA TYR K 2 61.26 37.26 -40.62
C TYR K 2 62.35 36.42 -39.96
N ALA K 3 62.39 35.13 -40.24
CA ALA K 3 63.37 34.23 -39.61
C ALA K 3 64.50 33.83 -40.54
N PHE K 4 64.31 33.92 -41.86
CA PHE K 4 65.35 33.51 -42.79
C PHE K 4 66.57 34.42 -42.71
N PHE K 5 66.36 35.73 -42.77
CA PHE K 5 67.45 36.69 -42.65
C PHE K 5 68.12 36.62 -41.29
N VAL K 6 67.35 36.43 -40.22
CA VAL K 6 67.92 36.23 -38.90
C VAL K 6 68.79 34.98 -38.83
N GLN K 7 68.36 33.88 -39.45
CA GLN K 7 69.17 32.66 -39.45
C GLN K 7 70.44 32.84 -40.26
N THR K 8 70.35 33.56 -41.38
CA THR K 8 71.55 33.85 -42.16
C THR K 8 72.54 34.70 -41.36
N CYS K 9 72.05 35.75 -40.69
CA CYS K 9 72.92 36.58 -39.86
C CYS K 9 73.50 35.78 -38.70
N ARG K 10 72.71 34.83 -38.17
CA ARG K 10 73.19 33.98 -37.10
C ARG K 10 74.34 33.09 -37.55
N GLU K 11 74.19 32.45 -38.71
CA GLU K 11 75.30 31.69 -39.29
C GLU K 11 76.51 32.59 -39.51
N GLU K 12 76.26 33.80 -39.99
CA GLU K 12 77.35 34.75 -40.28
C GLU K 12 78.16 35.07 -39.04
N HIS K 13 77.51 35.65 -38.02
CA HIS K 13 78.22 36.04 -36.81
C HIS K 13 78.34 34.91 -35.79
N LYS K 14 78.06 33.67 -36.19
CA LYS K 14 78.42 32.51 -35.39
C LYS K 14 79.56 31.69 -35.99
N LYS K 15 79.80 31.80 -37.29
CA LYS K 15 80.96 31.16 -37.92
C LYS K 15 82.25 31.91 -37.63
N LYS K 16 82.20 32.98 -36.83
CA LYS K 16 83.39 33.75 -36.49
C LYS K 16 83.72 33.62 -35.02
N SER K 21 77.04 30.20 -29.54
CA SER K 21 75.64 30.22 -29.90
C SER K 21 74.75 29.95 -28.69
N VAL K 22 75.23 30.33 -27.51
CA VAL K 22 74.51 30.13 -26.26
C VAL K 22 74.13 31.44 -25.59
N ASN K 23 74.50 32.57 -26.17
CA ASN K 23 74.28 33.88 -25.54
C ASN K 23 73.12 34.58 -26.26
N PHE K 24 71.92 34.38 -25.72
CA PHE K 24 70.73 35.08 -26.19
C PHE K 24 70.48 36.37 -25.45
N SER K 25 71.04 36.53 -24.26
CA SER K 25 70.82 37.76 -23.47
C SER K 25 71.53 38.96 -24.10
N GLU K 26 72.81 38.80 -24.40
CA GLU K 26 73.60 39.87 -25.01
C GLU K 26 73.35 40.02 -26.50
N PHE K 27 72.42 39.25 -27.05
CA PHE K 27 72.03 39.35 -28.46
C PHE K 27 70.76 40.17 -28.67
N SER K 28 70.13 40.64 -27.59
CA SER K 28 68.85 41.32 -27.69
C SER K 28 68.92 42.54 -28.62
N LYS K 29 69.90 43.41 -28.39
CA LYS K 29 69.99 44.68 -29.10
C LYS K 29 70.82 44.58 -30.38
N LYS K 30 70.88 43.40 -31.01
CA LYS K 30 71.67 43.24 -32.22
C LYS K 30 70.83 43.47 -33.48
N CYS K 31 69.58 43.00 -33.48
CA CYS K 31 68.72 43.10 -34.65
C CYS K 31 68.12 44.49 -34.84
N SER K 32 68.45 45.45 -33.97
CA SER K 32 67.87 46.78 -34.11
C SER K 32 68.42 47.51 -35.33
N GLU K 33 69.71 47.37 -35.58
CA GLU K 33 70.36 48.02 -36.71
C GLU K 33 70.52 47.09 -37.91
N ARG K 34 69.67 46.08 -38.04
CA ARG K 34 69.74 45.13 -39.15
C ARG K 34 68.54 45.24 -40.07
N TRP K 35 67.31 45.16 -39.53
CA TRP K 35 66.13 45.24 -40.37
C TRP K 35 65.83 46.66 -40.85
N LYS K 36 66.45 47.66 -40.24
CA LYS K 36 66.23 49.06 -40.63
C LYS K 36 66.98 49.38 -41.91
N LYS K 82 51.88 0.40 -0.85
CA LYS K 82 50.72 -0.01 -1.64
C LYS K 82 51.08 -1.17 -2.57
N ARG K 83 50.10 -2.06 -2.79
CA ARG K 83 50.23 -3.20 -3.70
C ARG K 83 51.47 -4.03 -3.36
N PRO K 84 51.44 -4.79 -2.27
CA PRO K 84 52.63 -5.58 -1.88
C PRO K 84 53.04 -6.54 -2.98
N PRO K 85 54.31 -6.52 -3.38
CA PRO K 85 54.75 -7.35 -4.50
C PRO K 85 54.74 -8.83 -4.14
N SER K 86 55.08 -9.64 -5.14
CA SER K 86 55.12 -11.09 -4.99
C SER K 86 56.45 -11.65 -5.46
N ALA K 87 56.54 -12.97 -5.58
CA ALA K 87 57.80 -13.61 -5.96
C ALA K 87 58.25 -13.18 -7.35
N PHE K 88 57.29 -12.95 -8.25
CA PHE K 88 57.65 -12.58 -9.62
C PHE K 88 58.25 -11.18 -9.67
N PHE K 89 57.73 -10.25 -8.88
CA PHE K 89 58.30 -8.89 -8.88
C PHE K 89 59.70 -8.87 -8.29
N LEU K 90 59.96 -9.70 -7.27
CA LEU K 90 61.32 -9.83 -6.75
C LEU K 90 62.23 -10.47 -7.80
N PHE K 91 61.72 -11.50 -8.49
CA PHE K 91 62.46 -12.10 -9.59
C PHE K 91 62.89 -11.04 -10.60
N CYS K 92 61.95 -10.19 -11.01
CA CYS K 92 62.24 -9.11 -11.93
C CYS K 92 63.31 -8.19 -11.37
N SER K 93 63.04 -7.60 -10.20
CA SER K 93 63.95 -6.62 -9.62
C SER K 93 65.35 -7.19 -9.37
N GLU K 94 65.47 -8.51 -9.28
CA GLU K 94 66.77 -9.11 -9.02
C GLU K 94 67.49 -9.55 -10.29
N TYR K 95 66.76 -9.98 -11.31
CA TYR K 95 67.40 -10.58 -12.48
C TYR K 95 67.41 -9.67 -13.71
N ARG K 96 66.68 -8.56 -13.69
CA ARG K 96 66.80 -7.57 -14.76
C ARG K 96 68.18 -6.92 -14.83
N PRO K 97 68.84 -6.55 -13.73
CA PRO K 97 70.19 -5.98 -13.85
C PRO K 97 71.20 -6.93 -14.46
N LYS K 98 70.96 -8.24 -14.40
CA LYS K 98 71.83 -9.20 -15.08
C LYS K 98 71.98 -8.85 -16.56
N ILE K 99 70.85 -8.81 -17.27
CA ILE K 99 70.85 -8.44 -18.68
C ILE K 99 71.04 -6.95 -18.92
N LYS K 100 70.77 -6.12 -17.90
CA LYS K 100 71.00 -4.68 -18.06
C LYS K 100 72.47 -4.31 -17.99
N GLY K 101 73.29 -5.11 -17.32
CA GLY K 101 74.71 -4.84 -17.22
C GLY K 101 75.56 -5.75 -18.08
N GLU K 102 75.07 -6.93 -18.39
CA GLU K 102 75.79 -7.84 -19.27
C GLU K 102 75.64 -7.48 -20.74
N HIS K 103 74.53 -6.82 -21.10
CA HIS K 103 74.30 -6.36 -22.47
C HIS K 103 73.59 -5.00 -22.42
N PRO K 104 74.32 -3.95 -22.04
CA PRO K 104 73.69 -2.62 -21.96
C PRO K 104 73.47 -1.97 -23.31
N GLY K 105 73.94 -2.56 -24.40
CA GLY K 105 73.80 -1.97 -25.73
C GLY K 105 72.37 -1.82 -26.19
N LEU K 106 71.43 -2.54 -25.58
CA LEU K 106 70.02 -2.44 -25.92
C LEU K 106 69.25 -1.86 -24.74
N SER K 107 68.06 -1.35 -25.02
CA SER K 107 67.20 -0.83 -23.97
C SER K 107 66.72 -1.99 -23.09
N ILE K 108 65.96 -1.67 -22.05
CA ILE K 108 65.51 -2.69 -21.11
C ILE K 108 64.29 -3.39 -21.67
N GLY K 109 63.88 -3.04 -22.89
CA GLY K 109 62.86 -3.83 -23.58
C GLY K 109 63.39 -5.23 -23.87
N ASP K 110 64.61 -5.31 -24.39
CA ASP K 110 65.25 -6.61 -24.58
C ASP K 110 65.50 -7.31 -23.26
N VAL K 111 65.81 -6.55 -22.20
CA VAL K 111 66.00 -7.15 -20.88
C VAL K 111 64.70 -7.77 -20.37
N ALA K 112 63.58 -7.07 -20.58
CA ALA K 112 62.29 -7.60 -20.19
C ALA K 112 61.94 -8.84 -21.00
N LYS K 113 62.25 -8.82 -22.29
CA LYS K 113 61.99 -9.95 -23.17
C LYS K 113 62.80 -11.16 -22.73
N LYS K 114 64.05 -10.92 -22.34
CA LYS K 114 64.94 -12.00 -21.90
C LYS K 114 64.50 -12.56 -20.56
N LEU K 115 64.14 -11.68 -19.63
CA LEU K 115 63.70 -12.12 -18.31
C LEU K 115 62.39 -12.89 -18.42
N GLY K 116 61.55 -12.51 -19.37
CA GLY K 116 60.27 -13.18 -19.57
C GLY K 116 60.47 -14.57 -20.18
N GLU K 117 61.32 -14.67 -21.20
CA GLU K 117 61.59 -15.99 -21.78
C GLU K 117 62.39 -16.87 -20.82
N MET K 118 63.07 -16.26 -19.85
CA MET K 118 63.76 -17.03 -18.83
C MET K 118 62.80 -17.52 -17.75
N TRP K 119 61.81 -16.70 -17.38
CA TRP K 119 60.83 -17.12 -16.39
C TRP K 119 59.87 -18.16 -16.95
N ASN K 120 59.49 -18.02 -18.22
CA ASN K 120 58.59 -18.98 -18.85
C ASN K 120 59.24 -20.35 -19.03
N ASN K 121 60.58 -20.41 -19.10
CA ASN K 121 61.27 -21.67 -19.28
C ASN K 121 61.59 -22.37 -17.96
N THR K 122 61.68 -21.61 -16.87
CA THR K 122 62.00 -22.16 -15.56
C THR K 122 60.75 -22.20 -14.68
N ALA K 123 60.91 -22.76 -13.49
CA ALA K 123 59.82 -22.87 -12.53
C ALA K 123 59.75 -21.60 -11.69
N ALA K 124 58.94 -21.63 -10.64
CA ALA K 124 58.79 -20.47 -9.76
C ALA K 124 59.49 -20.72 -8.42
ZN ZN L . -4.38 -12.06 36.80
CA CA M . 0.48 -8.49 13.43
ZN ZN N . -18.26 1.52 -32.77
CA CA O . -7.94 4.84 -11.69
#